data_5TTT
#
_entry.id   5TTT
#
_entity_poly.entity_id   1
_entity_poly.type   'polypeptide(L)'
_entity_poly.pdbx_seq_one_letter_code
;MSWMQNLKNYQHLRDPSEYMSQVYGDPLAYLQETTKFVTEREYYEDFGYGECFNSTESEVQCELITGEFDPKLLPYDKRL
AWHFKEFCYKTSAHGIPMIGEAPLEHHHHHH
;
_entity_poly.pdbx_strand_id   A
#
# COMPACT_ATOMS: atom_id res chain seq x y z
N MET A 1 -13.24 12.22 0.80
CA MET A 1 -12.15 11.21 0.71
C MET A 1 -12.03 10.62 -0.71
N SER A 2 -13.09 10.77 -1.51
CA SER A 2 -13.14 10.21 -2.87
C SER A 2 -12.03 10.76 -3.78
N TRP A 3 -11.49 11.94 -3.46
CA TRP A 3 -10.32 12.47 -4.16
C TRP A 3 -9.14 11.49 -4.14
N MET A 4 -9.05 10.65 -3.11
CA MET A 4 -7.95 9.68 -3.00
C MET A 4 -7.97 8.73 -4.21
N GLN A 5 -9.14 8.16 -4.49
CA GLN A 5 -9.34 7.31 -5.67
C GLN A 5 -9.15 8.11 -6.97
N ASN A 6 -9.72 9.32 -7.00
CA ASN A 6 -9.66 10.20 -8.18
C ASN A 6 -8.22 10.42 -8.68
N LEU A 7 -7.27 10.42 -7.75
CA LEU A 7 -5.85 10.55 -8.11
C LEU A 7 -5.24 9.20 -8.53
N LYS A 8 -5.35 8.21 -7.64
CA LYS A 8 -4.68 6.91 -7.79
C LYS A 8 -5.31 6.02 -8.91
N ASN A 9 -6.48 6.40 -9.44
CA ASN A 9 -7.19 5.56 -10.43
C ASN A 9 -6.38 5.42 -11.73
N TYR A 10 -5.53 6.40 -12.00
CA TYR A 10 -4.75 6.42 -13.25
C TYR A 10 -3.39 7.09 -13.05
N GLN A 11 -2.44 6.76 -13.95
CA GLN A 11 -1.10 7.36 -13.90
C GLN A 11 -0.88 8.27 -15.13
N HIS A 12 -1.28 9.53 -15.02
CA HIS A 12 -1.00 10.52 -16.08
C HIS A 12 0.02 11.60 -15.64
N LEU A 13 0.17 11.81 -14.33
CA LEU A 13 1.07 12.86 -13.85
C LEU A 13 2.05 12.32 -12.79
N ARG A 14 3.21 12.96 -12.64
CA ARG A 14 4.20 12.56 -11.63
C ARG A 14 3.87 13.11 -10.22
N ASP A 15 2.68 13.68 -10.03
CA ASP A 15 2.31 14.26 -8.73
C ASP A 15 2.32 13.20 -7.61
N PRO A 16 3.17 13.40 -6.57
CA PRO A 16 3.26 12.46 -5.43
C PRO A 16 1.90 12.25 -4.74
N SER A 17 1.00 13.22 -4.89
CA SER A 17 -0.32 13.18 -4.23
C SER A 17 -1.06 11.87 -4.51
N GLU A 18 -0.87 11.31 -5.71
CA GLU A 18 -1.50 10.03 -6.08
C GLU A 18 -1.07 8.92 -5.12
N TYR A 19 0.19 8.97 -4.67
CA TYR A 19 0.76 7.94 -3.80
C TYR A 19 0.63 8.31 -2.32
N MET A 20 0.54 9.61 -2.04
CA MET A 20 0.28 10.09 -0.68
C MET A 20 -1.16 9.75 -0.27
N SER A 21 -2.03 9.58 -1.26
CA SER A 21 -3.40 9.08 -1.04
C SER A 21 -3.43 7.55 -1.01
N GLN A 22 -2.50 6.92 -1.75
CA GLN A 22 -2.33 5.46 -1.70
C GLN A 22 -1.99 4.97 -0.27
N VAL A 23 -0.89 5.48 0.27
CA VAL A 23 -0.42 5.07 1.60
C VAL A 23 -0.57 6.19 2.63
N TYR A 24 -1.06 5.83 3.82
CA TYR A 24 -1.42 6.81 4.85
C TYR A 24 -0.38 6.87 5.98
N GLY A 25 0.58 5.93 5.97
CA GLY A 25 1.57 5.85 7.04
C GLY A 25 2.96 6.36 6.66
N ASP A 26 3.99 5.56 6.97
CA ASP A 26 5.39 5.95 6.82
C ASP A 26 5.71 6.52 5.42
N PRO A 27 6.38 7.69 5.36
CA PRO A 27 6.76 8.37 4.10
C PRO A 27 7.52 7.47 3.11
N LEU A 28 8.37 6.58 3.64
CA LEU A 28 9.23 5.71 2.81
C LEU A 28 8.39 4.88 1.82
N ALA A 29 7.21 4.44 2.26
CA ALA A 29 6.35 3.58 1.46
C ALA A 29 5.98 4.23 0.10
N TYR A 30 5.20 5.31 0.13
CA TYR A 30 4.77 5.97 -1.11
C TYR A 30 5.90 6.81 -1.73
N LEU A 31 6.97 7.06 -0.97
CA LEU A 31 8.20 7.66 -1.54
C LEU A 31 8.83 6.74 -2.58
N GLN A 32 9.02 5.46 -2.23
CA GLN A 32 9.57 4.48 -3.16
C GLN A 32 8.58 4.20 -4.30
N GLU A 33 7.28 4.19 -4.00
CA GLU A 33 6.26 3.99 -5.02
C GLU A 33 6.21 5.19 -6.00
N THR A 34 6.44 6.40 -5.47
CA THR A 34 6.49 7.62 -6.32
C THR A 34 7.66 7.57 -7.31
N THR A 35 8.81 7.09 -6.85
CA THR A 35 10.03 7.03 -7.67
C THR A 35 10.11 5.73 -8.51
N LYS A 36 9.39 4.68 -8.08
CA LYS A 36 9.42 3.39 -8.78
C LYS A 36 8.05 3.01 -9.40
N PHE A 37 7.00 3.00 -8.58
CA PHE A 37 5.68 2.45 -8.97
C PHE A 37 5.63 0.91 -8.81
N VAL A 38 6.76 0.32 -8.45
CA VAL A 38 6.93 -1.13 -8.38
C VAL A 38 7.67 -1.55 -7.08
N THR A 39 7.73 -2.86 -6.81
CA THR A 39 8.38 -3.36 -5.59
C THR A 39 9.85 -2.90 -5.46
N GLU A 40 10.30 -2.75 -4.23
CA GLU A 40 11.68 -2.30 -3.93
C GLU A 40 12.12 -2.75 -2.53
N ARG A 41 13.43 -3.01 -2.35
CA ARG A 41 13.92 -3.54 -1.07
C ARG A 41 13.36 -2.74 0.11
N GLU A 42 13.62 -1.43 0.11
CA GLU A 42 13.20 -0.57 1.23
C GLU A 42 11.66 -0.51 1.34
N TYR A 43 10.99 -0.69 0.20
CA TYR A 43 9.53 -0.62 0.12
C TYR A 43 8.85 -1.75 0.93
N TYR A 44 9.51 -2.90 1.05
CA TYR A 44 8.97 -4.01 1.85
C TYR A 44 9.95 -4.54 2.93
N GLU A 45 11.15 -3.96 3.02
CA GLU A 45 12.14 -4.37 4.04
C GLU A 45 11.76 -3.87 5.44
N ASP A 46 11.46 -2.58 5.57
CA ASP A 46 11.03 -2.01 6.86
C ASP A 46 9.52 -2.14 7.08
N PHE A 47 8.85 -2.85 6.17
CA PHE A 47 7.39 -2.97 6.21
C PHE A 47 6.94 -4.43 6.34
N GLY A 48 5.63 -4.63 6.51
CA GLY A 48 5.07 -5.98 6.52
C GLY A 48 3.75 -6.09 7.26
N TYR A 49 3.59 -5.31 8.34
CA TYR A 49 2.36 -5.34 9.13
C TYR A 49 1.86 -3.92 9.46
N GLY A 50 0.56 -3.69 9.30
CA GLY A 50 -0.02 -2.38 9.54
C GLY A 50 -1.07 -2.02 8.50
N GLU A 51 -1.64 -0.82 8.59
CA GLU A 51 -2.65 -0.34 7.62
C GLU A 51 -2.25 -0.67 6.18
N CYS A 52 -1.12 -0.12 5.75
CA CYS A 52 -0.50 -0.53 4.49
C CYS A 52 0.91 -1.08 4.76
N PHE A 53 0.98 -2.12 5.59
CA PHE A 53 2.27 -2.73 6.00
C PHE A 53 3.13 -1.75 6.84
N ASN A 54 2.55 -0.62 7.24
CA ASN A 54 3.31 0.47 7.86
C ASN A 54 3.31 0.40 9.40
N SER A 55 4.10 1.27 10.02
CA SER A 55 4.25 1.28 11.50
C SER A 55 3.68 2.57 12.10
N THR A 56 2.57 3.04 11.52
CA THR A 56 1.85 4.22 12.02
C THR A 56 0.46 3.87 12.58
N GLU A 57 -0.09 4.77 13.41
CA GLU A 57 -1.43 4.59 14.02
C GLU A 57 -2.52 4.21 13.00
N SER A 58 -3.03 3.00 13.11
CA SER A 58 -4.20 2.57 12.33
C SER A 58 -5.40 3.52 12.56
N GLU A 59 -5.93 4.10 11.47
CA GLU A 59 -7.02 5.08 11.58
C GLU A 59 -8.22 4.77 10.66
N VAL A 60 -7.96 4.14 9.52
CA VAL A 60 -9.00 3.93 8.50
C VAL A 60 -9.26 2.42 8.23
N GLN A 61 -8.66 1.56 9.06
CA GLN A 61 -8.88 0.10 9.04
C GLN A 61 -8.59 -0.54 7.67
N CYS A 62 -7.38 -0.34 7.14
CA CYS A 62 -7.02 -0.92 5.83
C CYS A 62 -6.90 -2.45 5.90
N GLU A 63 -6.88 -2.99 7.12
CA GLU A 63 -6.79 -4.45 7.30
C GLU A 63 -8.04 -5.17 6.72
N LEU A 64 -9.15 -4.45 6.64
CA LEU A 64 -10.39 -4.95 6.05
C LEU A 64 -10.71 -4.14 4.79
N ILE A 65 -11.10 -2.87 4.99
CA ILE A 65 -11.37 -1.93 3.90
C ILE A 65 -11.55 -0.49 4.46
N THR A 66 -11.27 0.51 3.62
CA THR A 66 -11.28 1.91 4.06
C THR A 66 -12.51 2.67 3.52
N GLY A 67 -13.13 2.13 2.48
CA GLY A 67 -14.06 2.91 1.66
C GLY A 67 -13.42 3.53 0.42
N GLU A 68 -12.10 3.66 0.42
CA GLU A 68 -11.34 4.08 -0.76
C GLU A 68 -10.67 2.91 -1.51
N PHE A 69 -10.66 1.73 -0.90
CA PHE A 69 -10.07 0.53 -1.51
C PHE A 69 -11.11 -0.33 -2.25
N ASP A 70 -12.15 0.31 -2.79
CA ASP A 70 -13.22 -0.39 -3.51
C ASP A 70 -12.72 -0.91 -4.89
N PRO A 71 -12.67 -2.26 -5.07
CA PRO A 71 -12.23 -2.88 -6.35
C PRO A 71 -13.00 -2.42 -7.62
N LYS A 72 -14.25 -1.97 -7.48
CA LYS A 72 -15.04 -1.53 -8.63
C LYS A 72 -14.65 -0.11 -9.08
N LEU A 73 -14.09 0.68 -8.15
CA LEU A 73 -13.81 2.10 -8.40
C LEU A 73 -12.32 2.33 -8.72
N LEU A 74 -11.46 1.38 -8.34
CA LEU A 74 -10.03 1.48 -8.65
C LEU A 74 -9.66 0.54 -9.81
N PRO A 75 -9.33 1.09 -11.01
CA PRO A 75 -8.77 0.32 -12.13
C PRO A 75 -7.50 -0.47 -11.75
N TYR A 76 -7.38 -1.70 -12.26
CA TYR A 76 -6.25 -2.55 -11.91
C TYR A 76 -5.42 -2.96 -13.14
N ASP A 77 -4.25 -2.34 -13.30
CA ASP A 77 -3.22 -2.83 -14.21
C ASP A 77 -2.47 -4.00 -13.54
N LYS A 78 -1.63 -4.71 -14.28
CA LYS A 78 -0.84 -5.81 -13.71
C LYS A 78 0.06 -5.33 -12.54
N ARG A 79 0.79 -4.25 -12.78
CA ARG A 79 1.74 -3.73 -11.78
C ARG A 79 1.01 -3.01 -10.64
N LEU A 80 -0.01 -2.25 -10.99
CA LEU A 80 -0.90 -1.61 -9.99
C LEU A 80 -1.53 -2.65 -9.06
N ALA A 81 -2.25 -3.61 -9.65
CA ALA A 81 -2.92 -4.65 -8.88
C ALA A 81 -1.99 -5.31 -7.85
N TRP A 82 -0.85 -5.84 -8.30
CA TRP A 82 0.08 -6.51 -7.38
C TRP A 82 0.52 -5.58 -6.24
N HIS A 83 1.15 -4.46 -6.59
CA HIS A 83 1.81 -3.61 -5.59
C HIS A 83 0.79 -2.83 -4.74
N PHE A 84 -0.12 -2.11 -5.39
CA PHE A 84 -1.12 -1.33 -4.67
C PHE A 84 -1.99 -2.20 -3.74
N LYS A 85 -2.62 -3.24 -4.29
CA LYS A 85 -3.58 -4.06 -3.51
C LYS A 85 -2.87 -4.83 -2.37
N GLU A 86 -1.77 -5.50 -2.69
CA GLU A 86 -1.07 -6.38 -1.75
C GLU A 86 -0.44 -5.59 -0.59
N PHE A 87 0.05 -4.39 -0.88
CA PHE A 87 0.67 -3.52 0.13
C PHE A 87 -0.39 -2.85 1.02
N CYS A 88 -1.45 -2.32 0.39
CA CYS A 88 -2.46 -1.53 1.11
C CYS A 88 -3.72 -2.34 1.49
N TYR A 89 -4.31 -3.01 0.50
CA TYR A 89 -5.67 -3.58 0.66
C TYR A 89 -5.63 -5.11 0.87
N LYS A 90 -4.44 -5.66 1.09
CA LYS A 90 -4.30 -7.06 1.48
C LYS A 90 -4.90 -7.34 2.87
N THR A 91 -5.80 -8.30 2.96
CA THR A 91 -6.49 -8.61 4.22
C THR A 91 -5.87 -9.82 4.94
N SER A 92 -5.11 -10.62 4.21
CA SER A 92 -4.49 -11.83 4.77
C SER A 92 -3.09 -11.54 5.34
N ALA A 93 -2.61 -12.45 6.20
CA ALA A 93 -1.29 -12.31 6.82
C ALA A 93 -0.63 -13.69 6.99
N HIS A 94 0.04 -14.15 5.94
CA HIS A 94 0.62 -15.50 5.89
C HIS A 94 2.15 -15.45 6.07
N GLY A 95 2.85 -16.55 5.75
CA GLY A 95 4.31 -16.61 5.88
C GLY A 95 5.05 -15.51 5.12
N ILE A 96 4.42 -14.97 4.06
CA ILE A 96 4.95 -13.80 3.34
C ILE A 96 4.09 -12.53 3.58
N PRO A 97 4.41 -11.73 4.62
CA PRO A 97 3.71 -10.47 4.88
C PRO A 97 4.20 -9.28 4.01
N MET A 98 5.24 -9.52 3.20
CA MET A 98 5.84 -8.46 2.36
C MET A 98 5.20 -8.43 0.95
N ILE A 99 5.65 -7.47 0.14
CA ILE A 99 5.20 -7.34 -1.26
C ILE A 99 5.62 -8.55 -2.12
N GLY A 100 6.70 -9.24 -1.72
CA GLY A 100 7.22 -10.32 -2.54
C GLY A 100 8.02 -11.38 -1.77
N GLU A 101 9.34 -11.21 -1.72
CA GLU A 101 10.24 -12.18 -1.09
C GLU A 101 10.39 -11.99 0.42
N ALA A 102 9.75 -12.87 1.19
CA ALA A 102 9.85 -12.84 2.65
C ALA A 102 10.06 -14.26 3.20
N PRO A 103 11.32 -14.74 3.25
CA PRO A 103 11.68 -16.05 3.83
C PRO A 103 11.52 -16.10 5.36
N LEU A 104 10.28 -16.23 5.84
CA LEU A 104 9.97 -16.18 7.29
C LEU A 104 10.44 -14.83 7.90
N GLU A 105 10.33 -13.76 7.11
CA GLU A 105 10.69 -12.42 7.57
C GLU A 105 9.46 -11.60 7.99
N HIS A 106 9.09 -11.71 9.26
CA HIS A 106 7.89 -11.05 9.78
C HIS A 106 8.26 -9.76 10.53
N HIS A 107 7.76 -8.62 10.05
CA HIS A 107 7.94 -7.34 10.75
C HIS A 107 7.24 -7.34 12.11
N HIS A 108 7.88 -6.71 13.10
CA HIS A 108 7.31 -6.56 14.45
C HIS A 108 5.87 -6.01 14.44
N HIS A 109 5.01 -6.65 15.23
CA HIS A 109 3.59 -6.28 15.32
C HIS A 109 2.99 -6.85 16.61
N HIS A 110 1.77 -6.45 16.94
CA HIS A 110 1.11 -6.94 18.16
C HIS A 110 -0.29 -7.46 17.86
N HIS A 111 -0.73 -8.43 18.67
CA HIS A 111 -2.05 -9.05 18.51
C HIS A 111 -2.96 -8.65 19.69
N MET A 1 -13.59 12.36 0.19
CA MET A 1 -12.75 11.13 0.27
C MET A 1 -12.51 10.51 -1.12
N SER A 2 -13.45 10.71 -2.04
CA SER A 2 -13.38 10.14 -3.40
C SER A 2 -12.18 10.70 -4.21
N TRP A 3 -11.71 11.89 -3.88
CA TRP A 3 -10.50 12.45 -4.50
C TRP A 3 -9.30 11.50 -4.37
N MET A 4 -9.24 10.71 -3.31
CA MET A 4 -8.15 9.75 -3.12
C MET A 4 -8.11 8.76 -4.30
N GLN A 5 -9.27 8.19 -4.61
CA GLN A 5 -9.41 7.29 -5.77
C GLN A 5 -9.13 8.04 -7.09
N ASN A 6 -9.71 9.23 -7.21
CA ASN A 6 -9.58 10.07 -8.41
C ASN A 6 -8.10 10.29 -8.81
N LEU A 7 -7.21 10.28 -7.83
CA LEU A 7 -5.78 10.40 -8.10
C LEU A 7 -5.12 9.02 -8.29
N LYS A 8 -5.23 8.19 -7.25
CA LYS A 8 -4.47 6.92 -7.17
C LYS A 8 -4.96 5.84 -8.18
N ASN A 9 -6.12 6.04 -8.82
CA ASN A 9 -6.67 5.03 -9.74
C ASN A 9 -5.78 4.83 -10.97
N TYR A 10 -5.11 5.91 -11.39
CA TYR A 10 -4.32 5.89 -12.63
C TYR A 10 -3.21 6.94 -12.60
N GLN A 11 -2.04 6.57 -13.10
CA GLN A 11 -0.89 7.49 -13.19
C GLN A 11 -1.09 8.47 -14.35
N HIS A 12 -1.83 9.56 -14.12
CA HIS A 12 -1.97 10.62 -15.13
C HIS A 12 -1.27 11.93 -14.73
N LEU A 13 -0.99 12.12 -13.44
CA LEU A 13 -0.27 13.32 -13.00
C LEU A 13 1.08 12.96 -12.33
N ARG A 14 2.07 13.83 -12.44
CA ARG A 14 3.32 13.69 -11.69
C ARG A 14 3.18 14.09 -10.22
N ASP A 15 1.95 14.30 -9.74
CA ASP A 15 1.75 14.75 -8.35
C ASP A 15 1.83 13.59 -7.33
N PRO A 16 2.78 13.66 -6.37
CA PRO A 16 2.95 12.61 -5.34
C PRO A 16 1.66 12.34 -4.56
N SER A 17 0.72 13.29 -4.62
CA SER A 17 -0.59 13.14 -3.97
C SER A 17 -1.31 11.86 -4.41
N GLU A 18 -1.02 11.39 -5.63
CA GLU A 18 -1.57 10.12 -6.12
C GLU A 18 -1.13 8.96 -5.21
N TYR A 19 0.09 9.04 -4.68
CA TYR A 19 0.66 7.98 -3.85
C TYR A 19 0.45 8.26 -2.36
N MET A 20 0.23 9.52 -2.02
CA MET A 20 -0.19 9.90 -0.66
C MET A 20 -1.67 9.56 -0.46
N SER A 21 -2.41 9.47 -1.57
CA SER A 21 -3.77 8.93 -1.58
C SER A 21 -3.75 7.40 -1.48
N GLN A 22 -2.79 6.77 -2.18
CA GLN A 22 -2.54 5.32 -2.02
C GLN A 22 -2.38 4.93 -0.54
N VAL A 23 -1.48 5.63 0.16
CA VAL A 23 -1.25 5.38 1.58
C VAL A 23 -0.77 6.67 2.30
N TYR A 24 -1.37 6.93 3.45
CA TYR A 24 -1.02 8.11 4.26
C TYR A 24 -0.04 7.75 5.39
N GLY A 25 0.81 6.76 5.16
CA GLY A 25 1.69 6.25 6.22
C GLY A 25 3.15 6.67 6.10
N ASP A 26 4.05 5.73 6.42
CA ASP A 26 5.50 5.98 6.40
C ASP A 26 5.99 6.61 5.07
N PRO A 27 6.86 7.64 5.17
CA PRO A 27 7.40 8.37 4.00
C PRO A 27 7.95 7.45 2.89
N LEU A 28 8.64 6.38 3.30
CA LEU A 28 9.32 5.46 2.36
C LEU A 28 8.31 4.73 1.45
N ALA A 29 7.09 4.57 1.95
CA ALA A 29 6.03 3.87 1.20
C ALA A 29 5.71 4.56 -0.13
N TYR A 30 5.11 5.75 -0.06
CA TYR A 30 4.74 6.49 -1.29
C TYR A 30 5.96 7.13 -1.96
N LEU A 31 7.06 7.30 -1.22
CA LEU A 31 8.31 7.79 -1.81
C LEU A 31 8.89 6.77 -2.81
N GLN A 32 9.03 5.52 -2.37
CA GLN A 32 9.56 4.46 -3.24
C GLN A 32 8.59 4.13 -4.38
N GLU A 33 7.29 4.21 -4.11
CA GLU A 33 6.28 3.99 -5.15
C GLU A 33 6.28 5.13 -6.19
N THR A 34 6.52 6.36 -5.73
CA THR A 34 6.62 7.52 -6.64
C THR A 34 7.80 7.39 -7.60
N THR A 35 8.94 6.92 -7.08
CA THR A 35 10.18 6.81 -7.87
C THR A 35 10.26 5.47 -8.63
N LYS A 36 9.58 4.44 -8.15
CA LYS A 36 9.60 3.12 -8.79
C LYS A 36 8.22 2.70 -9.35
N PHE A 37 7.19 2.70 -8.49
CA PHE A 37 5.85 2.18 -8.82
C PHE A 37 5.78 0.64 -8.63
N VAL A 38 6.91 0.04 -8.26
CA VAL A 38 7.05 -1.42 -8.18
C VAL A 38 7.76 -1.83 -6.87
N THR A 39 8.00 -3.13 -6.70
CA THR A 39 8.51 -3.65 -5.43
C THR A 39 10.02 -3.44 -5.24
N GLU A 40 10.38 -2.37 -4.53
CA GLU A 40 11.77 -2.08 -4.16
C GLU A 40 12.14 -2.72 -2.80
N ARG A 41 13.36 -3.25 -2.68
CA ARG A 41 13.80 -3.88 -1.44
C ARG A 41 13.36 -3.05 -0.21
N GLU A 42 13.69 -1.77 -0.22
CA GLU A 42 13.40 -0.88 0.92
C GLU A 42 11.88 -0.69 1.10
N TYR A 43 11.15 -0.80 -0.01
CA TYR A 43 9.69 -0.63 -0.03
C TYR A 43 8.97 -1.71 0.80
N TYR A 44 9.56 -2.91 0.88
CA TYR A 44 8.99 -4.00 1.70
C TYR A 44 9.97 -4.57 2.75
N GLU A 45 11.20 -4.04 2.81
CA GLU A 45 12.17 -4.44 3.83
C GLU A 45 11.82 -3.91 5.24
N ASP A 46 11.54 -2.62 5.34
CA ASP A 46 11.12 -2.02 6.61
C ASP A 46 9.60 -2.13 6.82
N PHE A 47 8.92 -2.75 5.86
CA PHE A 47 7.45 -2.85 5.90
C PHE A 47 6.97 -4.31 6.05
N GLY A 48 5.68 -4.48 6.29
CA GLY A 48 5.09 -5.82 6.35
C GLY A 48 3.82 -5.90 7.19
N TYR A 49 3.77 -5.13 8.27
CA TYR A 49 2.60 -5.12 9.16
C TYR A 49 2.11 -3.70 9.45
N GLY A 50 0.79 -3.53 9.49
CA GLY A 50 0.20 -2.23 9.79
C GLY A 50 -0.91 -1.86 8.80
N GLU A 51 -1.44 -0.64 8.91
CA GLU A 51 -2.52 -0.16 8.02
C GLU A 51 -2.27 -0.59 6.57
N CYS A 52 -1.15 -0.14 6.01
CA CYS A 52 -0.67 -0.63 4.72
C CYS A 52 0.80 -1.07 4.84
N PHE A 53 1.04 -2.05 5.71
CA PHE A 53 2.40 -2.56 5.98
C PHE A 53 3.27 -1.51 6.71
N ASN A 54 2.66 -0.42 7.16
CA ASN A 54 3.41 0.72 7.71
C ASN A 54 3.35 0.78 9.24
N SER A 55 4.14 1.69 9.82
CA SER A 55 4.22 1.84 11.29
C SER A 55 3.69 3.22 11.72
N THR A 56 2.61 3.66 11.06
CA THR A 56 1.92 4.91 11.41
C THR A 56 0.49 4.67 11.94
N GLU A 57 -0.08 5.70 12.56
CA GLU A 57 -1.41 5.63 13.18
C GLU A 57 -2.57 5.51 12.15
N SER A 58 -3.45 4.55 12.37
CA SER A 58 -4.66 4.38 11.55
C SER A 58 -5.52 5.67 11.55
N GLU A 59 -6.00 6.08 10.38
CA GLU A 59 -6.99 7.17 10.29
C GLU A 59 -8.34 6.73 9.70
N VAL A 60 -8.31 5.82 8.72
CA VAL A 60 -9.55 5.32 8.08
C VAL A 60 -9.59 3.78 7.98
N GLN A 61 -8.83 3.12 8.88
CA GLN A 61 -8.81 1.65 9.01
C GLN A 61 -8.47 0.91 7.69
N CYS A 62 -7.34 1.26 7.08
CA CYS A 62 -6.91 0.59 5.84
C CYS A 62 -6.63 -0.90 6.08
N GLU A 63 -6.31 -1.26 7.33
CA GLU A 63 -6.06 -2.66 7.68
C GLU A 63 -7.15 -3.59 7.09
N LEU A 64 -8.40 -3.18 7.23
CA LEU A 64 -9.55 -3.98 6.78
C LEU A 64 -10.03 -3.43 5.43
N ILE A 65 -10.52 -2.18 5.44
CA ILE A 65 -11.03 -1.50 4.25
C ILE A 65 -11.27 0.00 4.53
N THR A 66 -11.17 0.83 3.50
CA THR A 66 -11.32 2.28 3.65
C THR A 66 -12.62 2.80 2.99
N GLY A 67 -13.14 2.05 2.02
CA GLY A 67 -14.12 2.59 1.08
C GLY A 67 -13.51 3.16 -0.19
N GLU A 68 -12.20 3.43 -0.17
CA GLU A 68 -11.46 3.79 -1.38
C GLU A 68 -10.67 2.62 -1.98
N PHE A 69 -10.39 1.60 -1.17
CA PHE A 69 -9.69 0.39 -1.65
C PHE A 69 -10.67 -0.66 -2.23
N ASP A 70 -11.93 -0.29 -2.38
CA ASP A 70 -12.98 -1.19 -2.88
C ASP A 70 -12.70 -1.61 -4.35
N PRO A 71 -12.47 -2.92 -4.61
CA PRO A 71 -12.24 -3.45 -5.98
C PRO A 71 -13.29 -3.05 -7.04
N LYS A 72 -14.52 -2.73 -6.62
CA LYS A 72 -15.57 -2.34 -7.57
C LYS A 72 -15.30 -0.95 -8.17
N LEU A 73 -14.63 -0.09 -7.40
CA LEU A 73 -14.35 1.29 -7.84
C LEU A 73 -12.88 1.48 -8.25
N LEU A 74 -11.99 0.64 -7.73
CA LEU A 74 -10.56 0.73 -8.04
C LEU A 74 -10.22 -0.23 -9.21
N PRO A 75 -9.86 0.32 -10.39
CA PRO A 75 -9.34 -0.48 -11.51
C PRO A 75 -7.93 -1.04 -11.26
N TYR A 76 -7.65 -2.24 -11.80
CA TYR A 76 -6.39 -2.91 -11.51
C TYR A 76 -5.56 -3.18 -12.77
N ASP A 77 -4.46 -2.44 -12.90
CA ASP A 77 -3.41 -2.76 -13.86
C ASP A 77 -2.52 -3.87 -13.28
N LYS A 78 -1.59 -4.41 -14.07
CA LYS A 78 -0.68 -5.46 -13.60
C LYS A 78 0.13 -5.00 -12.37
N ARG A 79 0.78 -3.83 -12.49
CA ARG A 79 1.62 -3.29 -11.42
C ARG A 79 0.78 -2.78 -10.24
N LEU A 80 -0.33 -2.12 -10.55
CA LEU A 80 -1.29 -1.67 -9.54
C LEU A 80 -1.84 -2.86 -8.72
N ALA A 81 -2.40 -3.84 -9.42
CA ALA A 81 -2.94 -5.04 -8.78
C ALA A 81 -1.98 -5.62 -7.74
N TRP A 82 -0.76 -6.00 -8.17
CA TRP A 82 0.21 -6.59 -7.24
C TRP A 82 0.57 -5.62 -6.11
N HIS A 83 1.11 -4.45 -6.46
CA HIS A 83 1.80 -3.59 -5.49
C HIS A 83 0.80 -2.77 -4.66
N PHE A 84 -0.15 -2.13 -5.33
CA PHE A 84 -1.14 -1.29 -4.63
C PHE A 84 -2.10 -2.13 -3.75
N LYS A 85 -2.65 -3.22 -4.31
CA LYS A 85 -3.64 -4.03 -3.58
C LYS A 85 -2.99 -4.78 -2.39
N GLU A 86 -1.85 -5.41 -2.64
CA GLU A 86 -1.17 -6.25 -1.63
C GLU A 86 -0.60 -5.41 -0.48
N PHE A 87 -0.08 -4.23 -0.81
CA PHE A 87 0.48 -3.33 0.20
C PHE A 87 -0.60 -2.69 1.09
N CYS A 88 -1.66 -2.16 0.47
CA CYS A 88 -2.69 -1.40 1.19
C CYS A 88 -3.90 -2.26 1.60
N TYR A 89 -4.40 -3.08 0.68
CA TYR A 89 -5.71 -3.72 0.83
C TYR A 89 -5.61 -5.21 1.20
N LYS A 90 -4.42 -5.63 1.63
CA LYS A 90 -4.21 -7.03 2.03
C LYS A 90 -4.54 -7.26 3.52
N THR A 91 -5.70 -7.86 3.77
CA THR A 91 -6.15 -8.10 5.15
C THR A 91 -5.46 -9.32 5.79
N SER A 92 -4.92 -10.20 4.95
CA SER A 92 -4.30 -11.45 5.42
C SER A 92 -2.88 -11.19 5.94
N ALA A 93 -2.39 -12.11 6.77
CA ALA A 93 -1.04 -12.01 7.36
C ALA A 93 -0.42 -13.41 7.51
N HIS A 94 0.21 -13.88 6.44
CA HIS A 94 0.78 -15.23 6.38
C HIS A 94 2.32 -15.20 6.51
N GLY A 95 2.99 -16.31 6.17
CA GLY A 95 4.46 -16.39 6.26
C GLY A 95 5.18 -15.30 5.45
N ILE A 96 4.55 -14.82 4.37
CA ILE A 96 5.04 -13.64 3.64
C ILE A 96 4.11 -12.41 3.83
N PRO A 97 4.34 -11.59 4.86
CA PRO A 97 3.60 -10.34 5.07
C PRO A 97 4.07 -9.17 4.17
N MET A 98 5.17 -9.36 3.45
CA MET A 98 5.76 -8.30 2.62
C MET A 98 5.21 -8.30 1.18
N ILE A 99 5.56 -7.28 0.42
CA ILE A 99 5.15 -7.15 -0.99
C ILE A 99 5.65 -8.33 -1.85
N GLY A 100 6.75 -8.97 -1.42
CA GLY A 100 7.34 -10.04 -2.22
C GLY A 100 8.14 -11.07 -1.44
N GLU A 101 9.45 -10.86 -1.36
CA GLU A 101 10.36 -11.83 -0.73
C GLU A 101 10.48 -11.68 0.79
N ALA A 102 9.85 -12.58 1.53
CA ALA A 102 9.94 -12.60 2.99
C ALA A 102 10.20 -14.03 3.50
N PRO A 103 11.48 -14.46 3.53
CA PRO A 103 11.87 -15.79 4.03
C PRO A 103 11.74 -15.92 5.56
N LEU A 104 10.50 -16.12 6.05
CA LEU A 104 10.21 -16.11 7.49
C LEU A 104 10.60 -14.76 8.13
N GLU A 105 10.49 -13.68 7.34
CA GLU A 105 10.78 -12.33 7.82
C GLU A 105 9.50 -11.55 8.12
N HIS A 106 9.34 -11.15 9.37
CA HIS A 106 8.10 -10.49 9.82
C HIS A 106 8.42 -9.13 10.45
N HIS A 107 7.95 -8.05 9.82
CA HIS A 107 8.12 -6.70 10.37
C HIS A 107 7.54 -6.59 11.79
N HIS A 108 8.30 -5.95 12.68
CA HIS A 108 7.91 -5.82 14.10
C HIS A 108 6.51 -5.22 14.29
N HIS A 109 5.70 -5.91 15.09
CA HIS A 109 4.30 -5.53 15.33
C HIS A 109 3.83 -6.08 16.69
N HIS A 110 2.68 -5.63 17.17
CA HIS A 110 2.16 -6.10 18.46
C HIS A 110 0.70 -6.54 18.33
N HIS A 111 0.31 -7.50 19.16
CA HIS A 111 -1.05 -8.05 19.15
C HIS A 111 -1.81 -7.61 20.43
N MET A 1 -12.86 12.93 0.82
CA MET A 1 -12.11 11.64 0.82
C MET A 1 -12.06 11.03 -0.60
N SER A 2 -13.08 11.30 -1.40
CA SER A 2 -13.21 10.72 -2.76
C SER A 2 -12.09 11.18 -3.71
N TRP A 3 -11.51 12.36 -3.44
CA TRP A 3 -10.34 12.82 -4.20
C TRP A 3 -9.17 11.81 -4.18
N MET A 4 -9.07 11.03 -3.11
CA MET A 4 -8.00 10.03 -3.00
C MET A 4 -8.16 8.97 -4.12
N GLN A 5 -9.36 8.40 -4.22
CA GLN A 5 -9.72 7.53 -5.34
C GLN A 5 -9.44 8.20 -6.69
N ASN A 6 -9.92 9.43 -6.84
CA ASN A 6 -9.83 10.19 -8.11
C ASN A 6 -8.39 10.27 -8.63
N LEU A 7 -7.42 10.28 -7.72
CA LEU A 7 -6.00 10.29 -8.10
C LEU A 7 -5.50 8.87 -8.42
N LYS A 8 -5.49 8.02 -7.39
CA LYS A 8 -4.87 6.69 -7.44
C LYS A 8 -5.63 5.69 -8.36
N ASN A 9 -6.84 6.04 -8.83
CA ASN A 9 -7.59 5.18 -9.76
C ASN A 9 -6.79 4.90 -11.04
N TYR A 10 -5.92 5.84 -11.41
CA TYR A 10 -5.13 5.74 -12.64
C TYR A 10 -3.76 6.39 -12.50
N GLN A 11 -2.83 6.00 -13.37
CA GLN A 11 -1.49 6.59 -13.40
C GLN A 11 -1.31 7.46 -14.66
N HIS A 12 -1.65 8.75 -14.55
CA HIS A 12 -1.44 9.68 -15.68
C HIS A 12 -0.36 10.74 -15.38
N LEU A 13 -0.29 11.24 -14.15
CA LEU A 13 0.69 12.27 -13.80
C LEU A 13 1.70 11.76 -12.76
N ARG A 14 2.87 12.38 -12.69
CA ARG A 14 3.88 12.03 -11.69
C ARG A 14 3.60 12.64 -10.30
N ASP A 15 2.41 13.22 -10.10
CA ASP A 15 2.10 13.87 -8.82
C ASP A 15 2.15 12.90 -7.63
N PRO A 16 3.04 13.16 -6.63
CA PRO A 16 3.16 12.32 -5.43
C PRO A 16 1.82 12.15 -4.70
N SER A 17 0.90 13.09 -4.92
CA SER A 17 -0.44 13.06 -4.28
C SER A 17 -1.19 11.76 -4.57
N GLU A 18 -0.94 11.16 -5.75
CA GLU A 18 -1.56 9.88 -6.11
C GLU A 18 -1.11 8.78 -5.12
N TYR A 19 0.09 8.92 -4.58
CA TYR A 19 0.69 7.88 -3.72
C TYR A 19 0.52 8.23 -2.24
N MET A 20 0.37 9.51 -1.93
CA MET A 20 -0.02 9.96 -0.59
C MET A 20 -1.51 9.66 -0.35
N SER A 21 -2.27 9.55 -1.45
CA SER A 21 -3.65 9.08 -1.40
C SER A 21 -3.71 7.54 -1.41
N GLN A 22 -2.70 6.90 -2.02
CA GLN A 22 -2.52 5.45 -1.91
C GLN A 22 -2.45 5.01 -0.44
N VAL A 23 -1.53 5.60 0.32
CA VAL A 23 -1.39 5.29 1.74
C VAL A 23 -0.92 6.51 2.55
N TYR A 24 -1.47 6.67 3.74
CA TYR A 24 -1.24 7.86 4.57
C TYR A 24 -0.06 7.64 5.54
N GLY A 25 0.58 6.48 5.48
CA GLY A 25 1.47 6.04 6.55
C GLY A 25 2.96 6.30 6.33
N ASP A 26 3.79 5.32 6.68
CA ASP A 26 5.25 5.47 6.65
C ASP A 26 5.77 6.02 5.31
N PRO A 27 6.65 7.04 5.36
CA PRO A 27 7.18 7.74 4.18
C PRO A 27 7.80 6.80 3.12
N LEU A 28 8.48 5.76 3.59
CA LEU A 28 9.21 4.83 2.70
C LEU A 28 8.28 4.16 1.67
N ALA A 29 7.03 3.97 2.06
CA ALA A 29 6.04 3.29 1.20
C ALA A 29 5.79 4.07 -0.11
N TYR A 30 5.15 5.23 -0.01
CA TYR A 30 4.82 6.04 -1.20
C TYR A 30 6.06 6.76 -1.76
N LEU A 31 7.13 6.83 -0.99
CA LEU A 31 8.42 7.34 -1.49
C LEU A 31 8.96 6.46 -2.63
N GLN A 32 9.20 5.19 -2.32
CA GLN A 32 9.70 4.24 -3.32
C GLN A 32 8.66 4.01 -4.42
N GLU A 33 7.38 4.01 -4.07
CA GLU A 33 6.30 3.82 -5.05
C GLU A 33 6.25 5.01 -6.04
N THR A 34 6.45 6.24 -5.54
CA THR A 34 6.46 7.44 -6.38
C THR A 34 7.64 7.43 -7.37
N THR A 35 8.80 6.97 -6.89
CA THR A 35 10.05 7.05 -7.66
C THR A 35 10.26 5.81 -8.57
N LYS A 36 9.68 4.68 -8.19
CA LYS A 36 9.92 3.41 -8.90
C LYS A 36 8.62 2.69 -9.31
N PHE A 37 7.54 2.89 -8.54
CA PHE A 37 6.21 2.33 -8.83
C PHE A 37 6.18 0.80 -8.63
N VAL A 38 7.14 0.29 -7.86
CA VAL A 38 7.28 -1.15 -7.59
C VAL A 38 7.74 -1.41 -6.13
N THR A 39 7.86 -2.67 -5.75
CA THR A 39 8.30 -3.02 -4.39
C THR A 39 9.84 -3.00 -4.24
N GLU A 40 10.38 -1.86 -3.83
CA GLU A 40 11.83 -1.67 -3.67
C GLU A 40 12.28 -2.06 -2.25
N ARG A 41 13.60 -2.16 -2.04
CA ARG A 41 14.13 -2.62 -0.75
C ARG A 41 13.45 -1.90 0.42
N GLU A 42 13.53 -0.57 0.43
CA GLU A 42 12.97 0.23 1.53
C GLU A 42 11.45 0.03 1.65
N TYR A 43 10.81 -0.25 0.52
CA TYR A 43 9.36 -0.47 0.47
C TYR A 43 8.94 -1.74 1.23
N TYR A 44 9.76 -2.79 1.19
CA TYR A 44 9.39 -4.08 1.83
C TYR A 44 10.42 -4.56 2.88
N GLU A 45 11.49 -3.79 3.11
CA GLU A 45 12.55 -4.20 4.05
C GLU A 45 12.02 -4.33 5.50
N ASP A 46 11.31 -3.32 5.99
CA ASP A 46 10.72 -3.37 7.32
C ASP A 46 9.18 -3.40 7.27
N PHE A 47 8.64 -3.78 6.11
CA PHE A 47 7.18 -3.74 5.90
C PHE A 47 6.57 -5.15 5.79
N GLY A 48 5.27 -5.24 6.02
CA GLY A 48 4.57 -6.53 5.91
C GLY A 48 3.30 -6.60 6.74
N TYR A 49 3.27 -5.89 7.86
CA TYR A 49 2.13 -5.98 8.79
C TYR A 49 1.55 -4.59 9.09
N GLY A 50 0.25 -4.54 9.37
CA GLY A 50 -0.41 -3.31 9.78
C GLY A 50 -1.50 -2.88 8.81
N GLU A 51 -1.85 -1.59 8.79
CA GLU A 51 -2.89 -1.06 7.89
C GLU A 51 -2.54 -1.29 6.42
N CYS A 52 -1.41 -0.74 6.00
CA CYS A 52 -0.85 -1.03 4.69
C CYS A 52 0.63 -1.40 4.82
N PHE A 53 0.91 -2.46 5.60
CA PHE A 53 2.29 -2.85 5.93
C PHE A 53 3.02 -1.78 6.77
N ASN A 54 2.29 -0.77 7.24
CA ASN A 54 2.90 0.39 7.91
C ASN A 54 2.96 0.22 9.44
N SER A 55 3.78 1.05 10.09
CA SER A 55 3.88 1.07 11.56
C SER A 55 3.16 2.29 12.15
N THR A 56 2.19 2.80 11.41
CA THR A 56 1.40 3.98 11.80
C THR A 56 0.00 3.61 12.31
N GLU A 57 -0.65 4.55 13.00
CA GLU A 57 -1.98 4.34 13.60
C GLU A 57 -3.11 4.20 12.56
N SER A 58 -3.93 3.16 12.73
CA SER A 58 -5.11 2.94 11.86
C SER A 58 -6.05 4.16 11.90
N GLU A 59 -6.30 4.77 10.73
CA GLU A 59 -7.21 5.94 10.67
C GLU A 59 -8.48 5.68 9.82
N VAL A 60 -8.34 4.93 8.73
CA VAL A 60 -9.48 4.66 7.82
C VAL A 60 -9.73 3.15 7.62
N GLN A 61 -9.12 2.33 8.49
CA GLN A 61 -9.28 0.86 8.50
C GLN A 61 -8.81 0.18 7.20
N CYS A 62 -7.65 0.57 6.68
CA CYS A 62 -7.05 -0.11 5.52
C CYS A 62 -6.75 -1.58 5.84
N GLU A 63 -6.57 -1.90 7.12
CA GLU A 63 -6.30 -3.29 7.54
C GLU A 63 -7.34 -4.27 6.95
N LEU A 64 -8.52 -3.76 6.63
CA LEU A 64 -9.58 -4.54 6.00
C LEU A 64 -9.96 -3.88 4.67
N ILE A 65 -10.72 -2.78 4.75
CA ILE A 65 -11.24 -2.07 3.57
C ILE A 65 -11.63 -0.62 3.93
N THR A 66 -11.33 0.32 3.04
CA THR A 66 -11.61 1.75 3.27
C THR A 66 -12.85 2.23 2.48
N GLY A 67 -13.22 1.47 1.46
CA GLY A 67 -14.13 1.97 0.43
C GLY A 67 -13.43 2.59 -0.78
N GLU A 68 -12.13 2.85 -0.64
CA GLU A 68 -11.31 3.37 -1.74
C GLU A 68 -10.45 2.29 -2.43
N PHE A 69 -10.10 1.24 -1.70
CA PHE A 69 -9.27 0.15 -2.25
C PHE A 69 -10.09 -0.83 -3.10
N ASP A 70 -11.42 -0.72 -3.05
CA ASP A 70 -12.32 -1.69 -3.68
C ASP A 70 -12.12 -1.72 -5.22
N PRO A 71 -11.69 -2.87 -5.79
CA PRO A 71 -11.52 -3.04 -7.25
C PRO A 71 -12.74 -2.64 -8.12
N LYS A 72 -13.95 -2.66 -7.55
CA LYS A 72 -15.15 -2.24 -8.30
C LYS A 72 -15.11 -0.73 -8.62
N LEU A 73 -14.48 0.05 -7.74
CA LEU A 73 -14.36 1.50 -7.95
C LEU A 73 -12.95 1.91 -8.38
N LEU A 74 -11.94 1.16 -7.95
CA LEU A 74 -10.55 1.41 -8.37
C LEU A 74 -10.12 0.37 -9.43
N PRO A 75 -10.06 0.77 -10.72
CA PRO A 75 -9.61 -0.11 -11.81
C PRO A 75 -8.12 -0.47 -11.72
N TYR A 76 -7.81 -1.77 -11.63
CA TYR A 76 -6.43 -2.21 -11.43
C TYR A 76 -5.79 -2.71 -12.74
N ASP A 77 -4.58 -2.24 -13.02
CA ASP A 77 -3.74 -2.79 -14.08
C ASP A 77 -2.98 -4.01 -13.54
N LYS A 78 -2.22 -4.69 -14.39
CA LYS A 78 -1.45 -5.87 -13.95
C LYS A 78 -0.46 -5.51 -12.81
N ARG A 79 0.40 -4.53 -13.06
CA ARG A 79 1.41 -4.13 -12.09
C ARG A 79 0.81 -3.30 -10.94
N LEU A 80 -0.15 -2.43 -11.28
CA LEU A 80 -0.92 -1.69 -10.29
C LEU A 80 -1.60 -2.64 -9.29
N ALA A 81 -2.26 -3.66 -9.80
CA ALA A 81 -2.88 -4.70 -8.97
C ALA A 81 -1.89 -5.33 -8.00
N TRP A 82 -0.79 -5.90 -8.52
CA TRP A 82 0.14 -6.65 -7.67
C TRP A 82 0.66 -5.81 -6.51
N HIS A 83 1.33 -4.70 -6.81
CA HIS A 83 2.05 -3.92 -5.79
C HIS A 83 1.10 -3.13 -4.89
N PHE A 84 0.15 -2.40 -5.48
CA PHE A 84 -0.72 -1.52 -4.71
C PHE A 84 -1.77 -2.30 -3.90
N LYS A 85 -2.44 -3.27 -4.52
CA LYS A 85 -3.52 -4.04 -3.86
C LYS A 85 -2.96 -4.91 -2.71
N GLU A 86 -1.82 -5.55 -2.95
CA GLU A 86 -1.15 -6.41 -1.95
C GLU A 86 -0.63 -5.58 -0.76
N PHE A 87 -0.10 -4.39 -1.05
CA PHE A 87 0.43 -3.51 -0.01
C PHE A 87 -0.69 -2.91 0.86
N CYS A 88 -1.72 -2.36 0.21
CA CYS A 88 -2.73 -1.55 0.91
C CYS A 88 -3.97 -2.35 1.34
N TYR A 89 -4.43 -3.26 0.47
CA TYR A 89 -5.75 -3.89 0.63
C TYR A 89 -5.65 -5.33 1.19
N LYS A 90 -4.46 -5.72 1.61
CA LYS A 90 -4.28 -7.02 2.26
C LYS A 90 -5.11 -7.15 3.54
N THR A 91 -6.13 -7.99 3.51
CA THR A 91 -7.00 -8.20 4.67
C THR A 91 -6.41 -9.22 5.67
N SER A 92 -5.48 -10.05 5.19
CA SER A 92 -4.82 -11.06 6.03
C SER A 92 -3.44 -10.59 6.50
N ALA A 93 -3.01 -11.09 7.66
CA ALA A 93 -1.68 -10.79 8.20
C ALA A 93 -1.04 -12.06 8.78
N HIS A 94 -0.71 -13.00 7.89
CA HIS A 94 -0.17 -14.31 8.29
C HIS A 94 1.36 -14.38 8.04
N GLY A 95 1.93 -15.59 8.07
CA GLY A 95 3.39 -15.76 7.93
C GLY A 95 3.98 -15.04 6.72
N ILE A 96 3.26 -15.04 5.60
CA ILE A 96 3.71 -14.36 4.37
C ILE A 96 2.68 -13.34 3.85
N PRO A 97 2.61 -12.13 4.46
CA PRO A 97 1.65 -11.10 4.05
C PRO A 97 2.20 -10.09 3.02
N MET A 98 3.52 -10.16 2.76
CA MET A 98 4.22 -9.11 2.00
C MET A 98 3.95 -9.22 0.48
N ILE A 99 4.52 -8.30 -0.28
CA ILE A 99 4.37 -8.26 -1.75
C ILE A 99 4.81 -9.58 -2.42
N GLY A 100 5.75 -10.28 -1.79
CA GLY A 100 6.22 -11.55 -2.34
C GLY A 100 6.81 -12.52 -1.31
N GLU A 101 8.13 -12.51 -1.16
CA GLU A 101 8.83 -13.41 -0.26
C GLU A 101 8.99 -12.86 1.17
N ALA A 102 8.27 -13.45 2.12
CA ALA A 102 8.35 -13.05 3.52
C ALA A 102 8.74 -14.26 4.40
N PRO A 103 10.05 -14.45 4.66
CA PRO A 103 10.54 -15.59 5.48
C PRO A 103 10.30 -15.41 6.99
N LEU A 104 9.02 -15.41 7.40
CA LEU A 104 8.64 -15.25 8.81
C LEU A 104 9.25 -13.96 9.41
N GLU A 105 9.19 -12.87 8.65
CA GLU A 105 9.66 -11.56 9.11
C GLU A 105 8.56 -10.78 9.82
N HIS A 106 8.27 -11.15 11.06
CA HIS A 106 7.23 -10.50 11.84
C HIS A 106 7.68 -9.10 12.29
N HIS A 107 7.61 -8.13 11.38
CA HIS A 107 8.14 -6.78 11.64
C HIS A 107 7.26 -6.00 12.62
N HIS A 108 7.89 -5.16 13.45
CA HIS A 108 7.18 -4.27 14.37
C HIS A 108 6.24 -3.29 13.65
N HIS A 109 5.02 -3.16 14.17
CA HIS A 109 3.97 -2.36 13.54
C HIS A 109 2.92 -1.96 14.60
N HIS A 110 1.99 -1.08 14.24
CA HIS A 110 0.95 -0.64 15.16
C HIS A 110 -0.43 -0.68 14.51
N HIS A 111 -1.45 -0.94 15.32
CA HIS A 111 -2.84 -0.93 14.85
C HIS A 111 -3.63 0.23 15.49
N MET A 1 -13.90 13.73 -0.55
CA MET A 1 -12.92 12.67 -0.16
C MET A 1 -12.63 11.70 -1.32
N SER A 2 -13.59 11.58 -2.24
CA SER A 2 -13.46 10.66 -3.40
C SER A 2 -12.33 11.05 -4.36
N TRP A 3 -11.88 12.31 -4.30
CA TRP A 3 -10.70 12.74 -5.05
C TRP A 3 -9.45 11.89 -4.72
N MET A 4 -9.38 11.36 -3.51
CA MET A 4 -8.25 10.51 -3.12
C MET A 4 -8.23 9.24 -3.99
N GLN A 5 -9.38 8.57 -4.09
CA GLN A 5 -9.58 7.46 -5.02
C GLN A 5 -9.16 7.86 -6.45
N ASN A 6 -9.74 8.94 -6.95
CA ASN A 6 -9.57 9.38 -8.35
C ASN A 6 -8.09 9.49 -8.74
N LEU A 7 -7.25 9.89 -7.81
CA LEU A 7 -5.81 10.00 -8.05
C LEU A 7 -5.15 8.60 -8.08
N LYS A 8 -5.23 7.90 -6.94
CA LYS A 8 -4.57 6.60 -6.75
C LYS A 8 -5.23 5.45 -7.55
N ASN A 9 -6.41 5.68 -8.14
CA ASN A 9 -7.11 4.63 -8.91
C ASN A 9 -6.28 4.17 -10.12
N TYR A 10 -5.29 4.96 -10.49
CA TYR A 10 -4.46 4.68 -11.67
C TYR A 10 -3.22 5.59 -11.73
N GLN A 11 -2.37 5.34 -12.73
CA GLN A 11 -1.22 6.19 -12.98
C GLN A 11 -1.48 7.12 -14.17
N HIS A 12 -2.02 8.31 -13.91
CA HIS A 12 -2.26 9.31 -14.97
C HIS A 12 -1.29 10.50 -14.89
N LEU A 13 -1.13 11.11 -13.72
CA LEU A 13 -0.24 12.26 -13.59
C LEU A 13 1.03 11.91 -12.78
N ARG A 14 2.08 12.72 -12.91
CA ARG A 14 3.25 12.59 -12.03
C ARG A 14 3.03 13.19 -10.63
N ASP A 15 1.80 13.56 -10.30
CA ASP A 15 1.53 14.18 -8.98
C ASP A 15 1.73 13.20 -7.81
N PRO A 16 2.65 13.51 -6.88
CA PRO A 16 2.89 12.67 -5.68
C PRO A 16 1.61 12.39 -4.89
N SER A 17 0.62 13.27 -5.04
CA SER A 17 -0.67 13.13 -4.34
C SER A 17 -1.34 11.78 -4.62
N GLU A 18 -1.09 11.21 -5.80
CA GLU A 18 -1.60 9.88 -6.14
C GLU A 18 -1.09 8.82 -5.14
N TYR A 19 0.16 9.00 -4.69
CA TYR A 19 0.79 8.05 -3.77
C TYR A 19 0.55 8.45 -2.30
N MET A 20 0.42 9.75 -2.06
CA MET A 20 0.10 10.25 -0.72
C MET A 20 -1.31 9.79 -0.31
N SER A 21 -2.21 9.73 -1.29
CA SER A 21 -3.58 9.23 -1.08
C SER A 21 -3.58 7.69 -1.01
N GLN A 22 -2.65 7.05 -1.71
CA GLN A 22 -2.44 5.60 -1.60
C GLN A 22 -2.17 5.17 -0.14
N VAL A 23 -1.12 5.74 0.45
CA VAL A 23 -0.74 5.41 1.82
C VAL A 23 -0.70 6.66 2.72
N TYR A 24 -1.66 6.76 3.62
CA TYR A 24 -1.75 7.86 4.58
C TYR A 24 -0.72 7.71 5.72
N GLY A 25 -0.05 6.57 5.80
CA GLY A 25 0.89 6.31 6.88
C GLY A 25 2.33 6.73 6.60
N ASP A 26 3.28 5.89 7.00
CA ASP A 26 4.71 6.20 6.95
C ASP A 26 5.16 6.74 5.57
N PRO A 27 5.88 7.89 5.56
CA PRO A 27 6.39 8.53 4.33
C PRO A 27 7.16 7.59 3.39
N LEU A 28 8.00 6.73 3.98
CA LEU A 28 8.87 5.82 3.22
C LEU A 28 8.06 4.91 2.27
N ALA A 29 6.88 4.49 2.73
CA ALA A 29 6.04 3.56 1.97
C ALA A 29 5.68 4.11 0.57
N TYR A 30 4.88 5.18 0.52
CA TYR A 30 4.46 5.76 -0.77
C TYR A 30 5.60 6.55 -1.45
N LEU A 31 6.64 6.90 -0.69
CA LEU A 31 7.85 7.46 -1.28
C LEU A 31 8.56 6.43 -2.20
N GLN A 32 8.69 5.21 -1.71
CA GLN A 32 9.25 4.11 -2.52
C GLN A 32 8.36 3.82 -3.73
N GLU A 33 7.06 3.87 -3.55
CA GLU A 33 6.11 3.70 -4.67
C GLU A 33 6.22 4.88 -5.66
N THR A 34 6.45 6.09 -5.13
CA THR A 34 6.60 7.29 -5.98
C THR A 34 7.85 7.20 -6.88
N THR A 35 8.93 6.66 -6.32
CA THR A 35 10.22 6.60 -7.04
C THR A 35 10.36 5.31 -7.88
N LYS A 36 9.65 4.26 -7.52
CA LYS A 36 9.74 2.98 -8.22
C LYS A 36 8.40 2.53 -8.87
N PHE A 37 7.31 2.60 -8.10
CA PHE A 37 5.97 2.13 -8.52
C PHE A 37 5.87 0.58 -8.47
N VAL A 38 6.99 -0.07 -8.13
CA VAL A 38 7.14 -1.53 -8.21
C VAL A 38 7.92 -2.08 -7.01
N THR A 39 7.97 -3.40 -6.86
CA THR A 39 8.73 -4.03 -5.77
C THR A 39 10.20 -3.56 -5.73
N GLU A 40 10.61 -3.05 -4.57
CA GLU A 40 12.00 -2.60 -4.36
C GLU A 40 12.51 -3.02 -2.97
N ARG A 41 13.79 -3.40 -2.88
CA ARG A 41 14.37 -3.84 -1.60
C ARG A 41 13.93 -2.92 -0.46
N GLU A 42 14.11 -1.62 -0.64
CA GLU A 42 13.78 -0.64 0.40
C GLU A 42 12.26 -0.59 0.66
N TYR A 43 11.49 -0.88 -0.37
CA TYR A 43 10.02 -0.86 -0.31
C TYR A 43 9.46 -1.99 0.57
N TYR A 44 10.20 -3.11 0.67
CA TYR A 44 9.76 -4.22 1.54
C TYR A 44 10.82 -4.65 2.58
N GLU A 45 11.94 -3.93 2.65
CA GLU A 45 13.01 -4.24 3.62
C GLU A 45 12.49 -4.30 5.07
N ASP A 46 11.76 -3.27 5.49
CA ASP A 46 11.22 -3.21 6.85
C ASP A 46 9.68 -3.23 6.87
N PHE A 47 9.07 -3.70 5.78
CA PHE A 47 7.62 -3.68 5.63
C PHE A 47 7.02 -5.09 5.65
N GLY A 48 5.72 -5.17 5.95
CA GLY A 48 5.03 -6.47 5.98
C GLY A 48 3.80 -6.48 6.87
N TYR A 49 3.86 -5.74 7.98
CA TYR A 49 2.75 -5.75 8.96
C TYR A 49 2.25 -4.32 9.25
N GLY A 50 0.94 -4.18 9.38
CA GLY A 50 0.34 -2.88 9.68
C GLY A 50 -0.82 -2.54 8.75
N GLU A 51 -1.32 -1.30 8.81
CA GLU A 51 -2.42 -0.86 7.94
C GLU A 51 -2.05 -0.94 6.46
N CYS A 52 -1.01 -0.22 6.09
CA CYS A 52 -0.34 -0.43 4.79
C CYS A 52 1.13 -0.81 5.02
N PHE A 53 1.34 -1.85 5.83
CA PHE A 53 2.70 -2.30 6.21
C PHE A 53 3.48 -1.23 7.00
N ASN A 54 2.77 -0.28 7.59
CA ASN A 54 3.41 0.87 8.24
C ASN A 54 3.43 0.73 9.78
N SER A 55 4.00 1.74 10.46
CA SER A 55 4.02 1.79 11.93
C SER A 55 3.19 2.97 12.46
N THR A 56 2.10 3.27 11.76
CA THR A 56 1.18 4.36 12.12
C THR A 56 -0.17 3.84 12.63
N GLU A 57 -0.91 4.71 13.32
CA GLU A 57 -2.24 4.36 13.89
C GLU A 57 -3.33 4.16 12.82
N SER A 58 -4.04 3.04 12.91
CA SER A 58 -5.19 2.77 12.04
C SER A 58 -6.22 3.91 12.11
N GLU A 59 -6.39 4.65 11.02
CA GLU A 59 -7.40 5.73 10.96
C GLU A 59 -8.58 5.41 10.02
N VAL A 60 -8.32 4.68 8.94
CA VAL A 60 -9.36 4.41 7.93
C VAL A 60 -9.58 2.88 7.70
N GLN A 61 -8.93 2.08 8.55
CA GLN A 61 -9.06 0.61 8.56
C GLN A 61 -8.64 -0.07 7.23
N CYS A 62 -7.46 0.28 6.72
CA CYS A 62 -6.88 -0.43 5.57
C CYS A 62 -6.62 -1.90 5.90
N GLU A 63 -6.42 -2.20 7.20
CA GLU A 63 -6.25 -3.61 7.64
C GLU A 63 -7.41 -4.51 7.17
N LEU A 64 -8.55 -3.90 6.90
CA LEU A 64 -9.73 -4.61 6.40
C LEU A 64 -10.19 -3.95 5.09
N ILE A 65 -10.85 -2.79 5.23
CA ILE A 65 -11.40 -2.04 4.08
C ILE A 65 -11.65 -0.57 4.46
N THR A 66 -11.39 0.35 3.53
CA THR A 66 -11.46 1.80 3.81
C THR A 66 -12.75 2.43 3.24
N GLY A 67 -13.32 1.78 2.22
CA GLY A 67 -14.30 2.45 1.36
C GLY A 67 -13.68 3.21 0.19
N GLU A 68 -12.38 3.50 0.27
CA GLU A 68 -11.62 4.03 -0.86
C GLU A 68 -10.92 2.95 -1.71
N PHE A 69 -10.75 1.76 -1.15
CA PHE A 69 -10.17 0.63 -1.89
C PHE A 69 -11.23 -0.23 -2.61
N ASP A 70 -12.32 0.40 -3.01
CA ASP A 70 -13.47 -0.31 -3.60
C ASP A 70 -13.15 -0.83 -5.01
N PRO A 71 -13.13 -2.17 -5.22
CA PRO A 71 -12.91 -2.79 -6.56
C PRO A 71 -13.84 -2.29 -7.68
N LYS A 72 -15.04 -1.80 -7.35
CA LYS A 72 -15.98 -1.32 -8.38
C LYS A 72 -15.49 0.00 -9.00
N LEU A 73 -14.75 0.80 -8.22
CA LEU A 73 -14.28 2.12 -8.68
C LEU A 73 -12.79 2.11 -9.04
N LEU A 74 -12.04 1.14 -8.50
CA LEU A 74 -10.59 1.06 -8.72
C LEU A 74 -10.28 0.04 -9.84
N PRO A 75 -9.83 0.51 -11.02
CA PRO A 75 -9.42 -0.37 -12.13
C PRO A 75 -8.08 -1.08 -11.89
N TYR A 76 -7.98 -2.34 -12.31
CA TYR A 76 -6.84 -3.16 -11.95
C TYR A 76 -5.94 -3.52 -13.16
N ASP A 77 -4.85 -2.78 -13.31
CA ASP A 77 -3.82 -3.10 -14.31
C ASP A 77 -2.81 -4.08 -13.68
N LYS A 78 -1.92 -4.65 -14.49
CA LYS A 78 -1.02 -5.71 -14.02
C LYS A 78 -0.17 -5.24 -12.82
N ARG A 79 0.71 -4.26 -13.07
CA ARG A 79 1.64 -3.78 -12.04
C ARG A 79 0.93 -2.91 -11.00
N LEU A 80 -0.01 -2.08 -11.46
CA LEU A 80 -0.83 -1.26 -10.56
C LEU A 80 -1.55 -2.13 -9.51
N ALA A 81 -2.34 -3.08 -9.99
CA ALA A 81 -3.12 -3.96 -9.09
C ALA A 81 -2.22 -4.74 -8.13
N TRP A 82 -1.14 -5.34 -8.64
CA TRP A 82 -0.27 -6.16 -7.79
C TRP A 82 0.24 -5.38 -6.57
N HIS A 83 0.96 -4.29 -6.81
CA HIS A 83 1.69 -3.59 -5.74
C HIS A 83 0.76 -2.76 -4.86
N PHE A 84 -0.18 -2.04 -5.47
CA PHE A 84 -1.09 -1.18 -4.71
C PHE A 84 -2.05 -2.00 -3.82
N LYS A 85 -2.66 -3.05 -4.36
CA LYS A 85 -3.60 -3.88 -3.59
C LYS A 85 -2.88 -4.68 -2.48
N GLU A 86 -1.79 -5.34 -2.85
CA GLU A 86 -1.06 -6.24 -1.94
C GLU A 86 -0.45 -5.49 -0.75
N PHE A 87 -0.05 -4.25 -0.98
CA PHE A 87 0.52 -3.41 0.08
C PHE A 87 -0.57 -2.81 1.00
N CYS A 88 -1.62 -2.25 0.39
CA CYS A 88 -2.63 -1.50 1.14
C CYS A 88 -3.87 -2.35 1.53
N TYR A 89 -4.46 -3.03 0.55
CA TYR A 89 -5.75 -3.72 0.76
C TYR A 89 -5.56 -5.12 1.38
N LYS A 90 -4.47 -5.79 1.03
CA LYS A 90 -4.16 -7.11 1.60
C LYS A 90 -4.46 -7.17 3.11
N THR A 91 -5.45 -7.97 3.48
CA THR A 91 -5.83 -8.09 4.89
C THR A 91 -5.05 -9.20 5.62
N SER A 92 -4.39 -10.07 4.85
CA SER A 92 -3.63 -11.19 5.40
C SER A 92 -2.26 -10.74 5.93
N ALA A 93 -1.83 -11.36 7.03
CA ALA A 93 -0.52 -11.07 7.63
C ALA A 93 0.09 -12.35 8.23
N HIS A 94 0.58 -13.23 7.36
CA HIS A 94 1.05 -14.56 7.76
C HIS A 94 2.57 -14.71 7.50
N GLY A 95 3.05 -15.95 7.33
CA GLY A 95 4.43 -16.19 6.92
C GLY A 95 4.82 -15.50 5.62
N ILE A 96 3.84 -15.22 4.76
CA ILE A 96 4.04 -14.32 3.60
C ILE A 96 3.12 -13.07 3.68
N PRO A 97 3.53 -12.03 4.45
CA PRO A 97 2.70 -10.85 4.71
C PRO A 97 2.94 -9.69 3.74
N MET A 98 3.99 -9.80 2.91
CA MET A 98 4.45 -8.68 2.06
C MET A 98 3.81 -8.70 0.67
N ILE A 99 4.26 -7.79 -0.21
CA ILE A 99 3.68 -7.62 -1.54
C ILE A 99 3.84 -8.89 -2.42
N GLY A 100 4.89 -9.67 -2.16
CA GLY A 100 5.14 -10.86 -2.97
C GLY A 100 5.95 -11.95 -2.27
N GLU A 101 7.26 -11.95 -2.50
CA GLU A 101 8.15 -12.99 -1.97
C GLU A 101 8.66 -12.70 -0.54
N ALA A 102 8.08 -13.39 0.43
CA ALA A 102 8.42 -13.18 1.84
C ALA A 102 8.83 -14.53 2.49
N PRO A 103 10.15 -14.76 2.66
CA PRO A 103 10.67 -15.97 3.31
C PRO A 103 10.49 -15.98 4.85
N LEU A 104 9.23 -16.08 5.30
CA LEU A 104 8.90 -16.05 6.74
C LEU A 104 9.47 -14.77 7.41
N GLU A 105 9.39 -13.65 6.70
CA GLU A 105 9.83 -12.36 7.22
C GLU A 105 8.81 -11.78 8.22
N HIS A 106 8.98 -12.11 9.49
CA HIS A 106 8.04 -11.67 10.52
C HIS A 106 8.53 -10.35 11.16
N HIS A 107 8.28 -9.24 10.47
CA HIS A 107 8.62 -7.91 11.00
C HIS A 107 7.83 -7.59 12.27
N HIS A 108 8.40 -6.73 13.12
CA HIS A 108 7.79 -6.36 14.41
C HIS A 108 6.35 -5.83 14.28
N HIS A 109 5.45 -6.43 15.05
CA HIS A 109 4.03 -6.05 15.04
C HIS A 109 3.38 -6.45 16.38
N HIS A 110 2.16 -5.98 16.63
CA HIS A 110 1.46 -6.30 17.87
C HIS A 110 0.05 -6.80 17.62
N HIS A 111 -0.44 -7.66 18.50
CA HIS A 111 -1.78 -8.23 18.39
C HIS A 111 -2.71 -7.66 19.48
N MET A 1 -14.06 12.23 -0.39
CA MET A 1 -13.25 10.99 -0.21
C MET A 1 -12.89 10.35 -1.56
N SER A 2 -13.74 10.55 -2.56
CA SER A 2 -13.55 9.96 -3.91
C SER A 2 -12.30 10.50 -4.62
N TRP A 3 -11.84 11.69 -4.24
CA TRP A 3 -10.58 12.24 -4.77
C TRP A 3 -9.39 11.28 -4.56
N MET A 4 -9.43 10.49 -3.50
CA MET A 4 -8.36 9.51 -3.24
C MET A 4 -8.26 8.52 -4.41
N GLN A 5 -9.40 7.95 -4.81
CA GLN A 5 -9.47 7.03 -5.94
C GLN A 5 -9.12 7.75 -7.25
N ASN A 6 -9.58 8.99 -7.39
CA ASN A 6 -9.35 9.81 -8.59
C ASN A 6 -7.86 10.04 -8.86
N LEU A 7 -7.04 10.05 -7.81
CA LEU A 7 -5.60 10.25 -7.95
C LEU A 7 -4.86 8.90 -7.98
N LYS A 8 -5.10 8.09 -6.95
CA LYS A 8 -4.33 6.86 -6.69
C LYS A 8 -4.65 5.71 -7.70
N ASN A 9 -5.87 5.68 -8.26
CA ASN A 9 -6.31 4.53 -9.09
C ASN A 9 -5.94 4.73 -10.56
N TYR A 10 -5.22 5.81 -10.86
CA TYR A 10 -4.79 6.11 -12.22
C TYR A 10 -3.52 6.97 -12.25
N GLN A 11 -2.58 6.61 -13.12
CA GLN A 11 -1.33 7.35 -13.26
C GLN A 11 -1.44 8.40 -14.38
N HIS A 12 -1.92 9.59 -14.04
CA HIS A 12 -1.97 10.70 -15.01
C HIS A 12 -0.95 11.82 -14.69
N LEU A 13 -0.48 11.90 -13.45
CA LEU A 13 0.52 12.90 -13.09
C LEU A 13 1.66 12.28 -12.25
N ARG A 14 2.84 12.90 -12.28
CA ARG A 14 3.92 12.54 -11.35
C ARG A 14 3.70 13.10 -9.93
N ASP A 15 2.52 13.64 -9.65
CA ASP A 15 2.25 14.23 -8.32
C ASP A 15 2.29 13.19 -7.19
N PRO A 16 3.19 13.36 -6.19
CA PRO A 16 3.27 12.46 -5.03
C PRO A 16 1.92 12.29 -4.31
N SER A 17 1.02 13.26 -4.49
CA SER A 17 -0.31 13.22 -3.89
C SER A 17 -1.08 11.95 -4.28
N GLU A 18 -0.82 11.42 -5.48
CA GLU A 18 -1.43 10.18 -5.92
C GLU A 18 -1.06 9.02 -4.97
N TYR A 19 0.15 9.08 -4.42
CA TYR A 19 0.69 7.99 -3.58
C TYR A 19 0.52 8.32 -2.09
N MET A 20 0.37 9.59 -1.77
CA MET A 20 0.03 10.02 -0.41
C MET A 20 -1.49 9.81 -0.17
N SER A 21 -2.25 9.75 -1.26
CA SER A 21 -3.66 9.35 -1.22
C SER A 21 -3.80 7.82 -1.28
N GLN A 22 -2.83 7.16 -1.92
CA GLN A 22 -2.70 5.69 -1.84
C GLN A 22 -2.60 5.22 -0.37
N VAL A 23 -1.65 5.77 0.37
CA VAL A 23 -1.43 5.39 1.76
C VAL A 23 -0.92 6.57 2.60
N TYR A 24 -1.43 6.67 3.83
CA TYR A 24 -1.01 7.70 4.78
C TYR A 24 0.13 7.21 5.70
N GLY A 25 0.97 6.29 5.19
CA GLY A 25 1.94 5.61 6.04
C GLY A 25 3.34 6.24 6.05
N ASP A 26 4.35 5.41 6.33
CA ASP A 26 5.76 5.83 6.38
C ASP A 26 6.27 6.36 5.03
N PRO A 27 7.27 7.29 5.08
CA PRO A 27 7.84 7.92 3.88
C PRO A 27 8.24 6.95 2.76
N LEU A 28 8.87 5.83 3.15
CA LEU A 28 9.41 4.84 2.19
C LEU A 28 8.29 4.25 1.31
N ALA A 29 7.10 4.11 1.89
CA ALA A 29 5.95 3.52 1.19
C ALA A 29 5.61 4.26 -0.12
N TYR A 30 5.15 5.50 0.00
CA TYR A 30 4.78 6.29 -1.18
C TYR A 30 6.01 6.85 -1.92
N LEU A 31 7.15 6.92 -1.22
CA LEU A 31 8.41 7.35 -1.86
C LEU A 31 8.87 6.33 -2.91
N GLN A 32 8.88 5.05 -2.53
CA GLN A 32 9.34 3.99 -3.44
C GLN A 32 8.28 3.69 -4.51
N GLU A 33 7.00 3.89 -4.19
CA GLU A 33 5.93 3.80 -5.19
C GLU A 33 6.01 4.98 -6.19
N THR A 34 6.44 6.14 -5.71
CA THR A 34 6.64 7.32 -6.58
C THR A 34 7.82 7.12 -7.53
N THR A 35 8.94 6.63 -7.00
CA THR A 35 10.20 6.55 -7.76
C THR A 35 10.34 5.21 -8.52
N LYS A 36 9.71 4.15 -8.02
CA LYS A 36 9.75 2.84 -8.68
C LYS A 36 8.36 2.34 -9.14
N PHE A 37 7.36 2.43 -8.25
CA PHE A 37 5.97 2.00 -8.54
C PHE A 37 5.79 0.48 -8.33
N VAL A 38 6.90 -0.20 -8.01
CA VAL A 38 6.96 -1.67 -8.00
C VAL A 38 7.75 -2.17 -6.77
N THR A 39 7.73 -3.49 -6.55
CA THR A 39 8.49 -4.08 -5.44
C THR A 39 9.96 -3.60 -5.38
N GLU A 40 10.30 -2.84 -4.34
CA GLU A 40 11.65 -2.32 -4.14
C GLU A 40 12.16 -2.63 -2.72
N ARG A 41 13.46 -2.90 -2.59
CA ARG A 41 14.04 -3.31 -1.29
C ARG A 41 13.53 -2.41 -0.16
N GLU A 42 13.67 -1.10 -0.33
CA GLU A 42 13.30 -0.13 0.71
C GLU A 42 11.77 -0.08 0.91
N TYR A 43 11.04 -0.45 -0.15
CA TYR A 43 9.57 -0.49 -0.13
C TYR A 43 9.04 -1.63 0.77
N TYR A 44 9.80 -2.72 0.90
CA TYR A 44 9.38 -3.84 1.78
C TYR A 44 10.44 -4.20 2.85
N GLU A 45 11.53 -3.44 2.93
CA GLU A 45 12.62 -3.74 3.88
C GLU A 45 12.11 -4.00 5.31
N ASP A 46 11.21 -3.15 5.79
CA ASP A 46 10.63 -3.32 7.13
C ASP A 46 9.10 -3.22 7.10
N PHE A 47 8.50 -3.57 5.97
CA PHE A 47 7.04 -3.49 5.81
C PHE A 47 6.38 -4.89 5.83
N GLY A 48 5.08 -4.93 6.13
CA GLY A 48 4.35 -6.18 6.13
C GLY A 48 3.12 -6.17 7.03
N TYR A 49 3.21 -5.48 8.16
CA TYR A 49 2.14 -5.52 9.18
C TYR A 49 1.57 -4.12 9.46
N GLY A 50 0.26 -4.06 9.70
CA GLY A 50 -0.40 -2.80 10.05
C GLY A 50 -1.57 -2.49 9.11
N GLU A 51 -2.01 -1.23 9.10
CA GLU A 51 -3.11 -0.80 8.21
C GLU A 51 -2.76 -1.00 6.74
N CYS A 52 -1.69 -0.36 6.30
CA CYS A 52 -1.09 -0.63 4.99
C CYS A 52 0.42 -0.89 5.15
N PHE A 53 0.76 -1.89 5.96
CA PHE A 53 2.17 -2.19 6.31
C PHE A 53 2.85 -1.02 7.06
N ASN A 54 2.06 -0.05 7.52
CA ASN A 54 2.61 1.20 8.05
C ASN A 54 2.81 1.15 9.58
N SER A 55 3.30 2.25 10.15
CA SER A 55 3.41 2.42 11.60
C SER A 55 2.86 3.78 12.06
N THR A 56 2.07 4.40 11.19
CA THR A 56 1.46 5.71 11.45
C THR A 56 -0.01 5.59 11.89
N GLU A 57 -0.54 6.68 12.46
CA GLU A 57 -1.91 6.70 13.02
C GLU A 57 -2.98 6.17 12.05
N SER A 58 -3.52 4.99 12.36
CA SER A 58 -4.65 4.41 11.61
C SER A 58 -5.79 5.43 11.43
N GLU A 59 -6.30 5.57 10.21
CA GLU A 59 -7.34 6.57 9.92
C GLU A 59 -8.66 5.95 9.41
N VAL A 60 -8.59 5.13 8.36
CA VAL A 60 -9.80 4.73 7.60
C VAL A 60 -9.93 3.20 7.46
N GLN A 61 -9.37 2.48 8.45
CA GLN A 61 -9.50 1.01 8.57
C GLN A 61 -9.05 0.24 7.32
N CYS A 62 -7.86 0.56 6.79
CA CYS A 62 -7.32 -0.16 5.63
C CYS A 62 -7.11 -1.64 5.93
N GLU A 63 -6.92 -1.97 7.21
CA GLU A 63 -6.70 -3.37 7.62
C GLU A 63 -7.91 -4.26 7.25
N LEU A 64 -9.01 -3.63 6.91
CA LEU A 64 -10.22 -4.32 6.43
C LEU A 64 -10.63 -3.73 5.07
N ILE A 65 -11.22 -2.53 5.12
CA ILE A 65 -11.71 -1.83 3.92
C ILE A 65 -11.92 -0.33 4.22
N THR A 66 -11.67 0.52 3.22
CA THR A 66 -11.75 1.98 3.38
C THR A 66 -13.01 2.57 2.69
N GLY A 67 -13.54 1.85 1.72
CA GLY A 67 -14.47 2.43 0.76
C GLY A 67 -13.81 3.01 -0.49
N GLU A 68 -12.50 3.27 -0.41
CA GLU A 68 -11.69 3.63 -1.58
C GLU A 68 -10.87 2.46 -2.15
N PHE A 69 -10.67 1.42 -1.34
CA PHE A 69 -10.01 0.19 -1.82
C PHE A 69 -10.99 -0.83 -2.41
N ASP A 70 -12.20 -0.37 -2.74
CA ASP A 70 -13.29 -1.27 -3.18
C ASP A 70 -12.94 -1.96 -4.51
N PRO A 71 -12.80 -3.31 -4.51
CA PRO A 71 -12.52 -4.11 -5.74
C PRO A 71 -13.50 -3.87 -6.92
N LYS A 72 -14.73 -3.43 -6.64
CA LYS A 72 -15.70 -3.15 -7.71
C LYS A 72 -15.37 -1.81 -8.42
N LEU A 73 -14.72 -0.89 -7.70
CA LEU A 73 -14.35 0.41 -8.27
C LEU A 73 -12.85 0.48 -8.58
N LEU A 74 -12.09 -0.53 -8.17
CA LEU A 74 -10.64 -0.55 -8.40
C LEU A 74 -10.33 -1.11 -9.81
N PRO A 75 -9.74 -0.28 -10.70
CA PRO A 75 -9.21 -0.75 -12.00
C PRO A 75 -7.97 -1.65 -11.85
N TYR A 76 -7.80 -2.58 -12.79
CA TYR A 76 -6.77 -3.61 -12.64
C TYR A 76 -5.75 -3.60 -13.79
N ASP A 77 -4.68 -2.83 -13.61
CA ASP A 77 -3.47 -2.98 -14.42
C ASP A 77 -2.52 -3.98 -13.72
N LYS A 78 -1.46 -4.40 -14.40
CA LYS A 78 -0.54 -5.41 -13.83
C LYS A 78 0.19 -4.86 -12.58
N ARG A 79 1.00 -3.82 -12.78
CA ARG A 79 1.81 -3.26 -11.70
C ARG A 79 0.94 -2.51 -10.67
N LEU A 80 -0.05 -1.77 -11.16
CA LEU A 80 -0.96 -1.01 -10.30
C LEU A 80 -1.71 -1.94 -9.32
N ALA A 81 -2.47 -2.88 -9.88
CA ALA A 81 -3.31 -3.76 -9.07
C ALA A 81 -2.48 -4.60 -8.09
N TRP A 82 -1.38 -5.19 -8.55
CA TRP A 82 -0.56 -6.04 -7.69
C TRP A 82 -0.06 -5.29 -6.44
N HIS A 83 0.69 -4.22 -6.65
CA HIS A 83 1.41 -3.57 -5.54
C HIS A 83 0.47 -2.71 -4.68
N PHE A 84 -0.46 -1.99 -5.32
CA PHE A 84 -1.39 -1.13 -4.58
C PHE A 84 -2.37 -1.95 -3.68
N LYS A 85 -2.96 -3.02 -4.24
CA LYS A 85 -3.89 -3.86 -3.47
C LYS A 85 -3.17 -4.63 -2.35
N GLU A 86 -2.06 -5.28 -2.70
CA GLU A 86 -1.32 -6.15 -1.77
C GLU A 86 -0.71 -5.36 -0.61
N PHE A 87 -0.36 -4.10 -0.85
CA PHE A 87 0.22 -3.24 0.18
C PHE A 87 -0.86 -2.64 1.10
N CYS A 88 -1.89 -2.03 0.51
CA CYS A 88 -2.88 -1.25 1.27
C CYS A 88 -4.09 -2.08 1.72
N TYR A 89 -4.60 -2.94 0.82
CA TYR A 89 -5.90 -3.62 1.04
C TYR A 89 -5.72 -5.05 1.55
N LYS A 90 -4.47 -5.46 1.82
CA LYS A 90 -4.21 -6.76 2.44
C LYS A 90 -4.88 -6.88 3.81
N THR A 91 -5.89 -7.75 3.91
CA THR A 91 -6.54 -8.03 5.20
C THR A 91 -5.84 -9.15 5.98
N SER A 92 -4.98 -9.90 5.30
CA SER A 92 -4.21 -10.98 5.94
C SER A 92 -2.85 -10.49 6.44
N ALA A 93 -2.38 -11.10 7.52
CA ALA A 93 -1.07 -10.77 8.10
C ALA A 93 -0.42 -12.03 8.71
N HIS A 94 0.08 -12.91 7.85
CA HIS A 94 0.61 -14.22 8.25
C HIS A 94 2.13 -14.31 7.98
N GLY A 95 2.65 -15.54 7.81
CA GLY A 95 4.05 -15.74 7.45
C GLY A 95 4.47 -15.07 6.15
N ILE A 96 3.50 -14.85 5.24
CA ILE A 96 3.71 -14.00 4.06
C ILE A 96 2.83 -12.72 4.10
N PRO A 97 3.27 -11.67 4.82
CA PRO A 97 2.46 -10.46 5.04
C PRO A 97 2.70 -9.34 4.01
N MET A 98 3.74 -9.50 3.18
CA MET A 98 4.21 -8.42 2.30
C MET A 98 3.54 -8.48 0.91
N ILE A 99 3.99 -7.59 0.01
CA ILE A 99 3.38 -7.46 -1.33
C ILE A 99 3.54 -8.73 -2.17
N GLY A 100 4.58 -9.52 -1.91
CA GLY A 100 4.81 -10.73 -2.69
C GLY A 100 5.60 -11.82 -1.97
N GLU A 101 6.92 -11.83 -2.19
CA GLU A 101 7.79 -12.89 -1.63
C GLU A 101 8.30 -12.58 -0.22
N ALA A 102 7.70 -13.22 0.77
CA ALA A 102 8.09 -13.04 2.18
C ALA A 102 8.44 -14.40 2.82
N PRO A 103 9.74 -14.76 2.84
CA PRO A 103 10.21 -16.00 3.49
C PRO A 103 10.10 -15.97 5.03
N LEU A 104 8.88 -16.11 5.55
CA LEU A 104 8.63 -16.02 7.01
C LEU A 104 9.17 -14.70 7.60
N GLU A 105 9.03 -13.62 6.84
CA GLU A 105 9.49 -12.30 7.26
C GLU A 105 8.52 -11.65 8.27
N HIS A 106 8.76 -11.91 9.55
CA HIS A 106 7.93 -11.33 10.61
C HIS A 106 8.52 -10.00 11.09
N HIS A 107 8.33 -8.95 10.29
CA HIS A 107 8.88 -7.62 10.61
C HIS A 107 8.17 -6.98 11.82
N HIS A 108 8.90 -6.15 12.56
CA HIS A 108 8.43 -5.59 13.83
C HIS A 108 7.03 -4.96 13.73
N HIS A 109 6.15 -5.35 14.65
CA HIS A 109 4.77 -4.86 14.70
C HIS A 109 4.20 -5.04 16.12
N HIS A 110 3.04 -4.46 16.38
CA HIS A 110 2.42 -4.57 17.71
C HIS A 110 0.95 -4.98 17.60
N HIS A 111 0.47 -5.70 18.62
CA HIS A 111 -0.90 -6.17 18.66
C HIS A 111 -1.71 -5.40 19.74
N MET A 1 -13.01 13.35 0.53
CA MET A 1 -12.11 12.18 0.70
C MET A 1 -12.01 11.35 -0.59
N SER A 2 -13.06 11.38 -1.41
CA SER A 2 -13.15 10.57 -2.65
C SER A 2 -12.08 10.97 -3.68
N TRP A 3 -11.60 12.20 -3.63
CA TRP A 3 -10.49 12.63 -4.50
C TRP A 3 -9.24 11.76 -4.32
N MET A 4 -9.06 11.19 -3.14
CA MET A 4 -7.91 10.28 -2.90
C MET A 4 -8.05 9.03 -3.78
N GLN A 5 -9.23 8.40 -3.72
CA GLN A 5 -9.55 7.26 -4.60
C GLN A 5 -9.38 7.63 -6.07
N ASN A 6 -9.90 8.80 -6.46
CA ASN A 6 -9.89 9.27 -7.85
C ASN A 6 -8.46 9.36 -8.42
N LEU A 7 -7.50 9.74 -7.56
CA LEU A 7 -6.10 9.83 -7.98
C LEU A 7 -5.50 8.43 -8.18
N LYS A 8 -5.47 7.65 -7.09
CA LYS A 8 -4.84 6.32 -7.07
C LYS A 8 -5.58 5.26 -7.94
N ASN A 9 -6.77 5.58 -8.44
CA ASN A 9 -7.48 4.69 -9.39
C ASN A 9 -6.63 4.44 -10.64
N TYR A 10 -5.81 5.40 -11.02
CA TYR A 10 -5.03 5.33 -12.26
C TYR A 10 -3.67 6.04 -12.13
N GLN A 11 -2.75 5.70 -13.03
CA GLN A 11 -1.46 6.39 -13.09
C GLN A 11 -1.40 7.33 -14.31
N HIS A 12 -1.73 8.60 -14.10
CA HIS A 12 -1.67 9.59 -15.19
C HIS A 12 -0.58 10.65 -14.98
N LEU A 13 -0.44 11.17 -13.77
CA LEU A 13 0.55 12.23 -13.52
C LEU A 13 1.64 11.74 -12.54
N ARG A 14 2.82 12.37 -12.58
CA ARG A 14 3.87 12.11 -11.59
C ARG A 14 3.61 12.78 -10.23
N ASP A 15 2.42 13.34 -10.03
CA ASP A 15 2.10 13.98 -8.74
C ASP A 15 2.15 13.00 -7.57
N PRO A 16 3.01 13.26 -6.56
CA PRO A 16 3.11 12.41 -5.35
C PRO A 16 1.76 12.20 -4.65
N SER A 17 0.83 13.14 -4.89
CA SER A 17 -0.52 13.06 -4.30
C SER A 17 -1.22 11.73 -4.63
N GLU A 18 -0.94 11.17 -5.81
CA GLU A 18 -1.50 9.87 -6.20
C GLU A 18 -1.06 8.76 -5.23
N TYR A 19 0.14 8.92 -4.66
CA TYR A 19 0.74 7.88 -3.81
C TYR A 19 0.53 8.20 -2.32
N MET A 20 0.40 9.48 -2.00
CA MET A 20 -0.01 9.90 -0.65
C MET A 20 -1.48 9.56 -0.42
N SER A 21 -2.25 9.50 -1.51
CA SER A 21 -3.62 8.98 -1.49
C SER A 21 -3.62 7.44 -1.39
N GLN A 22 -2.70 6.80 -2.12
CA GLN A 22 -2.50 5.34 -2.02
C GLN A 22 -2.39 4.90 -0.54
N VAL A 23 -1.47 5.51 0.19
CA VAL A 23 -1.28 5.20 1.61
C VAL A 23 -0.81 6.44 2.40
N TYR A 24 -1.47 6.68 3.53
CA TYR A 24 -1.18 7.85 4.38
C TYR A 24 -0.23 7.48 5.53
N GLY A 25 0.64 6.49 5.32
CA GLY A 25 1.48 5.98 6.40
C GLY A 25 2.94 6.41 6.33
N ASP A 26 3.84 5.45 6.59
CA ASP A 26 5.29 5.70 6.62
C ASP A 26 5.83 6.30 5.30
N PRO A 27 6.77 7.27 5.41
CA PRO A 27 7.34 7.99 4.25
C PRO A 27 7.84 7.08 3.12
N LEU A 28 8.56 6.01 3.50
CA LEU A 28 9.22 5.12 2.53
C LEU A 28 8.22 4.41 1.61
N ALA A 29 7.00 4.22 2.11
CA ALA A 29 5.94 3.53 1.35
C ALA A 29 5.61 4.27 0.02
N TYR A 30 5.02 5.45 0.12
CA TYR A 30 4.66 6.22 -1.08
C TYR A 30 5.89 6.88 -1.74
N LEU A 31 6.97 7.04 -0.99
CA LEU A 31 8.23 7.55 -1.55
C LEU A 31 8.81 6.56 -2.57
N GLN A 32 8.98 5.30 -2.17
CA GLN A 32 9.54 4.29 -3.05
C GLN A 32 8.59 3.95 -4.21
N GLU A 33 7.28 3.99 -3.94
CA GLU A 33 6.28 3.78 -5.00
C GLU A 33 6.29 4.94 -6.01
N THR A 34 6.52 6.17 -5.53
CA THR A 34 6.63 7.35 -6.40
C THR A 34 7.83 7.24 -7.34
N THR A 35 8.95 6.75 -6.81
CA THR A 35 10.21 6.68 -7.58
C THR A 35 10.34 5.37 -8.39
N LYS A 36 9.63 4.32 -7.96
CA LYS A 36 9.73 3.01 -8.63
C LYS A 36 8.38 2.52 -9.21
N PHE A 37 7.31 2.63 -8.40
CA PHE A 37 5.96 2.13 -8.76
C PHE A 37 5.86 0.60 -8.60
N VAL A 38 6.98 -0.03 -8.25
CA VAL A 38 7.12 -1.49 -8.23
C VAL A 38 7.88 -1.97 -6.98
N THR A 39 7.99 -3.29 -6.80
CA THR A 39 8.71 -3.84 -5.65
C THR A 39 10.13 -3.27 -5.49
N GLU A 40 10.42 -2.72 -4.32
CA GLU A 40 11.75 -2.16 -4.00
C GLU A 40 12.20 -2.57 -2.59
N ARG A 41 13.51 -2.77 -2.40
CA ARG A 41 14.03 -3.27 -1.11
C ARG A 41 13.41 -2.49 0.06
N GLU A 42 13.60 -1.18 0.07
CA GLU A 42 13.15 -0.34 1.18
C GLU A 42 11.61 -0.34 1.29
N TYR A 43 10.94 -0.61 0.18
CA TYR A 43 9.48 -0.67 0.11
C TYR A 43 8.91 -1.86 0.89
N TYR A 44 9.67 -2.96 0.98
CA TYR A 44 9.25 -4.12 1.79
C TYR A 44 10.26 -4.51 2.89
N GLU A 45 11.38 -3.79 3.00
CA GLU A 45 12.40 -4.07 4.02
C GLU A 45 11.92 -3.76 5.46
N ASP A 46 11.36 -2.57 5.66
CA ASP A 46 10.81 -2.20 6.96
C ASP A 46 9.27 -2.31 6.97
N PHE A 47 8.71 -3.03 6.01
CA PHE A 47 7.26 -3.15 5.86
C PHE A 47 6.80 -4.62 5.89
N GLY A 48 5.51 -4.83 6.17
CA GLY A 48 4.95 -6.18 6.15
C GLY A 48 3.71 -6.33 7.02
N TYR A 49 3.66 -5.63 8.13
CA TYR A 49 2.49 -5.66 9.03
C TYR A 49 2.01 -4.24 9.39
N GLY A 50 0.69 -4.06 9.41
CA GLY A 50 0.10 -2.77 9.76
C GLY A 50 -1.12 -2.43 8.91
N GLU A 51 -1.48 -1.15 8.85
CA GLU A 51 -2.61 -0.69 8.00
C GLU A 51 -2.37 -1.00 6.52
N CYS A 52 -1.29 -0.45 5.98
CA CYS A 52 -0.76 -0.88 4.68
C CYS A 52 0.71 -1.32 4.84
N PHE A 53 0.93 -2.33 5.69
CA PHE A 53 2.29 -2.85 5.98
C PHE A 53 3.14 -1.84 6.77
N ASN A 54 2.51 -0.76 7.25
CA ASN A 54 3.25 0.37 7.84
C ASN A 54 3.17 0.37 9.38
N SER A 55 3.88 1.32 10.01
CA SER A 55 3.89 1.45 11.47
C SER A 55 3.28 2.79 11.91
N THR A 56 2.20 3.18 11.23
CA THR A 56 1.42 4.37 11.57
C THR A 56 0.00 4.03 12.04
N GLU A 57 -0.66 5.00 12.68
CA GLU A 57 -1.99 4.80 13.29
C GLU A 57 -3.12 4.64 12.26
N SER A 58 -3.93 3.59 12.43
CA SER A 58 -5.13 3.39 11.60
C SER A 58 -6.09 4.58 11.70
N GLU A 59 -6.43 5.19 10.57
CA GLU A 59 -7.41 6.29 10.55
C GLU A 59 -8.70 5.95 9.78
N VAL A 60 -8.57 5.22 8.66
CA VAL A 60 -9.74 4.81 7.86
C VAL A 60 -9.81 3.27 7.68
N GLN A 61 -9.05 2.55 8.50
CA GLN A 61 -9.07 1.07 8.58
C GLN A 61 -8.71 0.37 7.25
N CYS A 62 -7.57 0.72 6.68
CA CYS A 62 -7.04 -0.03 5.52
C CYS A 62 -6.73 -1.49 5.90
N GLU A 63 -6.52 -1.75 7.19
CA GLU A 63 -6.31 -3.13 7.67
C GLU A 63 -7.41 -4.08 7.17
N LEU A 64 -8.59 -3.52 6.89
CA LEU A 64 -9.74 -4.29 6.41
C LEU A 64 -10.24 -3.68 5.09
N ILE A 65 -10.92 -2.53 5.21
CA ILE A 65 -11.53 -1.84 4.06
C ILE A 65 -11.77 -0.35 4.39
N THR A 66 -11.56 0.53 3.41
CA THR A 66 -11.67 1.98 3.62
C THR A 66 -12.94 2.56 2.98
N GLY A 67 -13.48 1.87 1.98
CA GLY A 67 -14.43 2.47 1.05
C GLY A 67 -13.79 3.14 -0.17
N GLU A 68 -12.49 3.41 -0.08
CA GLU A 68 -11.71 3.86 -1.25
C GLU A 68 -11.03 2.70 -2.02
N PHE A 69 -10.81 1.58 -1.33
CA PHE A 69 -10.16 0.40 -1.97
C PHE A 69 -11.17 -0.53 -2.65
N ASP A 70 -12.37 -0.02 -2.93
CA ASP A 70 -13.46 -0.81 -3.51
C ASP A 70 -13.10 -1.31 -4.94
N PRO A 71 -12.95 -2.64 -5.14
CA PRO A 71 -12.67 -3.24 -6.46
C PRO A 71 -13.63 -2.83 -7.61
N LYS A 72 -14.86 -2.43 -7.29
CA LYS A 72 -15.82 -2.03 -8.33
C LYS A 72 -15.45 -0.66 -8.94
N LEU A 73 -14.80 0.20 -8.15
CA LEU A 73 -14.49 1.57 -8.57
C LEU A 73 -13.02 1.73 -8.96
N LEU A 74 -12.15 0.83 -8.48
CA LEU A 74 -10.72 0.91 -8.77
C LEU A 74 -10.34 -0.09 -9.89
N PRO A 75 -9.98 0.42 -11.09
CA PRO A 75 -9.55 -0.42 -12.21
C PRO A 75 -8.16 -1.06 -12.00
N TYR A 76 -8.02 -2.32 -12.39
CA TYR A 76 -6.82 -3.09 -12.02
C TYR A 76 -5.94 -3.41 -13.25
N ASP A 77 -4.81 -2.71 -13.34
CA ASP A 77 -3.78 -3.01 -14.34
C ASP A 77 -2.79 -4.03 -13.74
N LYS A 78 -1.89 -4.58 -14.55
CA LYS A 78 -0.99 -5.65 -14.10
C LYS A 78 -0.14 -5.22 -12.89
N ARG A 79 0.74 -4.23 -13.11
CA ARG A 79 1.67 -3.78 -12.07
C ARG A 79 0.96 -2.92 -11.02
N LEU A 80 0.02 -2.09 -11.47
CA LEU A 80 -0.81 -1.29 -10.56
C LEU A 80 -1.53 -2.17 -9.53
N ALA A 81 -2.30 -3.15 -10.01
CA ALA A 81 -3.05 -4.05 -9.14
C ALA A 81 -2.14 -4.82 -8.18
N TRP A 82 -1.04 -5.38 -8.70
CA TRP A 82 -0.16 -6.21 -7.85
C TRP A 82 0.34 -5.43 -6.63
N HIS A 83 1.04 -4.32 -6.85
CA HIS A 83 1.75 -3.64 -5.76
C HIS A 83 0.79 -2.82 -4.89
N PHE A 84 -0.14 -2.11 -5.50
CA PHE A 84 -1.09 -1.27 -4.75
C PHE A 84 -2.04 -2.11 -3.87
N LYS A 85 -2.64 -3.15 -4.45
CA LYS A 85 -3.61 -3.98 -3.70
C LYS A 85 -2.91 -4.80 -2.59
N GLU A 86 -1.78 -5.42 -2.93
CA GLU A 86 -1.04 -6.29 -2.00
C GLU A 86 -0.49 -5.52 -0.80
N PHE A 87 -0.09 -4.28 -1.02
CA PHE A 87 0.47 -3.43 0.04
C PHE A 87 -0.64 -2.82 0.91
N CYS A 88 -1.68 -2.28 0.28
CA CYS A 88 -2.68 -1.45 0.98
C CYS A 88 -3.91 -2.25 1.43
N TYR A 89 -4.44 -3.11 0.55
CA TYR A 89 -5.74 -3.76 0.79
C TYR A 89 -5.58 -5.22 1.26
N LYS A 90 -4.36 -5.62 1.59
CA LYS A 90 -4.11 -6.95 2.15
C LYS A 90 -4.87 -7.16 3.47
N THR A 91 -5.87 -8.03 3.45
CA THR A 91 -6.59 -8.41 4.68
C THR A 91 -6.03 -9.69 5.31
N SER A 92 -5.20 -10.42 4.56
CA SER A 92 -4.58 -11.65 5.04
C SER A 92 -3.18 -11.38 5.63
N ALA A 93 -2.72 -12.27 6.50
CA ALA A 93 -1.40 -12.17 7.12
C ALA A 93 -0.79 -13.55 7.34
N HIS A 94 -0.15 -14.08 6.30
CA HIS A 94 0.38 -15.45 6.31
C HIS A 94 1.92 -15.46 6.47
N GLY A 95 2.57 -16.60 6.18
CA GLY A 95 4.03 -16.67 6.18
C GLY A 95 4.69 -15.73 5.17
N ILE A 96 3.95 -15.31 4.14
CA ILE A 96 4.39 -14.24 3.24
C ILE A 96 3.52 -12.96 3.40
N PRO A 97 3.89 -12.06 4.34
CA PRO A 97 3.09 -10.86 4.63
C PRO A 97 3.45 -9.65 3.74
N MET A 98 4.45 -9.80 2.87
CA MET A 98 4.91 -8.70 2.01
C MET A 98 4.22 -8.70 0.63
N ILE A 99 4.60 -7.75 -0.22
CA ILE A 99 4.01 -7.60 -1.56
C ILE A 99 4.32 -8.82 -2.47
N GLY A 100 5.41 -9.53 -2.18
CA GLY A 100 5.81 -10.64 -3.05
C GLY A 100 6.65 -11.73 -2.35
N GLU A 101 7.97 -11.61 -2.46
CA GLU A 101 8.89 -12.60 -1.90
C GLU A 101 9.30 -12.31 -0.45
N ALA A 102 8.68 -13.00 0.49
CA ALA A 102 9.02 -12.89 1.91
C ALA A 102 9.33 -14.28 2.49
N PRO A 103 10.63 -14.65 2.56
CA PRO A 103 11.07 -15.94 3.16
C PRO A 103 10.93 -15.99 4.68
N LEU A 104 9.68 -16.09 5.17
CA LEU A 104 9.39 -16.01 6.62
C LEU A 104 9.95 -14.71 7.24
N GLU A 105 9.93 -13.63 6.45
CA GLU A 105 10.35 -12.32 6.93
C GLU A 105 9.17 -11.54 7.54
N HIS A 106 8.97 -11.69 8.85
CA HIS A 106 7.82 -11.11 9.53
C HIS A 106 8.18 -9.72 10.07
N HIS A 107 7.66 -8.68 9.42
CA HIS A 107 7.80 -7.31 9.91
C HIS A 107 7.28 -7.16 11.35
N HIS A 108 8.08 -6.53 12.21
CA HIS A 108 7.73 -6.35 13.63
C HIS A 108 6.32 -5.77 13.84
N HIS A 109 5.56 -6.41 14.73
CA HIS A 109 4.17 -6.02 15.02
C HIS A 109 3.76 -6.56 16.40
N HIS A 110 2.63 -6.10 16.91
CA HIS A 110 2.15 -6.56 18.23
C HIS A 110 0.68 -7.00 18.16
N HIS A 111 0.33 -7.96 19.00
CA HIS A 111 -1.03 -8.49 19.06
C HIS A 111 -1.74 -8.05 20.36
N MET A 1 -13.30 11.72 1.41
CA MET A 1 -12.35 10.59 1.17
C MET A 1 -12.22 10.27 -0.33
N SER A 2 -13.26 10.60 -1.10
CA SER A 2 -13.31 10.25 -2.53
C SER A 2 -12.08 10.72 -3.32
N TRP A 3 -11.44 11.81 -2.87
CA TRP A 3 -10.22 12.29 -3.51
C TRP A 3 -9.13 11.21 -3.60
N MET A 4 -9.13 10.27 -2.66
CA MET A 4 -8.08 9.24 -2.63
C MET A 4 -8.09 8.42 -3.92
N GLN A 5 -9.28 7.89 -4.27
CA GLN A 5 -9.49 7.20 -5.54
C GLN A 5 -9.27 8.14 -6.73
N ASN A 6 -9.78 9.37 -6.61
CA ASN A 6 -9.76 10.36 -7.70
C ASN A 6 -8.34 10.58 -8.26
N LEU A 7 -7.34 10.44 -7.40
CA LEU A 7 -5.94 10.61 -7.83
C LEU A 7 -5.33 9.27 -8.26
N LYS A 8 -5.45 8.27 -7.39
CA LYS A 8 -4.80 6.96 -7.57
C LYS A 8 -5.41 6.12 -8.73
N ASN A 9 -6.59 6.51 -9.25
CA ASN A 9 -7.29 5.72 -10.27
C ASN A 9 -6.54 5.71 -11.61
N TYR A 10 -5.60 6.65 -11.76
CA TYR A 10 -4.81 6.75 -12.99
C TYR A 10 -3.39 7.27 -12.71
N GLN A 11 -2.48 6.97 -13.62
CA GLN A 11 -1.12 7.51 -13.57
C GLN A 11 -0.92 8.58 -14.66
N HIS A 12 -1.21 9.84 -14.32
CA HIS A 12 -1.02 10.95 -15.28
C HIS A 12 0.21 11.80 -14.96
N LEU A 13 0.45 12.12 -13.69
CA LEU A 13 1.52 13.04 -13.33
C LEU A 13 2.55 12.37 -12.38
N ARG A 14 3.76 12.92 -12.32
CA ARG A 14 4.75 12.51 -11.32
C ARG A 14 4.47 13.08 -9.92
N ASP A 15 3.33 13.75 -9.73
CA ASP A 15 2.99 14.31 -8.41
C ASP A 15 2.82 13.23 -7.34
N PRO A 16 3.62 13.29 -6.24
CA PRO A 16 3.53 12.30 -5.14
C PRO A 16 2.10 12.18 -4.57
N SER A 17 1.28 13.21 -4.80
CA SER A 17 -0.11 13.23 -4.33
C SER A 17 -0.88 11.97 -4.78
N GLU A 18 -0.58 11.47 -5.98
CA GLU A 18 -1.21 10.25 -6.50
C GLU A 18 -0.91 9.06 -5.56
N TYR A 19 0.25 9.10 -4.89
CA TYR A 19 0.71 7.98 -4.06
C TYR A 19 0.47 8.26 -2.57
N MET A 20 0.37 9.53 -2.22
CA MET A 20 -0.08 9.92 -0.88
C MET A 20 -1.61 9.74 -0.75
N SER A 21 -2.28 9.66 -1.91
CA SER A 21 -3.68 9.25 -1.98
C SER A 21 -3.80 7.72 -1.95
N GLN A 22 -2.83 7.03 -2.55
CA GLN A 22 -2.69 5.57 -2.41
C GLN A 22 -2.62 5.17 -0.92
N VAL A 23 -1.68 5.77 -0.19
CA VAL A 23 -1.54 5.49 1.24
C VAL A 23 -0.99 6.72 1.99
N TYR A 24 -1.59 7.00 3.15
CA TYR A 24 -1.23 8.16 3.96
C TYR A 24 -0.26 7.78 5.11
N GLY A 25 0.56 6.76 4.89
CA GLY A 25 1.42 6.24 5.95
C GLY A 25 2.88 6.70 5.89
N ASP A 26 3.80 5.78 6.19
CA ASP A 26 5.23 6.07 6.25
C ASP A 26 5.78 6.67 4.94
N PRO A 27 6.70 7.66 5.04
CA PRO A 27 7.29 8.36 3.88
C PRO A 27 7.83 7.43 2.79
N LEU A 28 8.47 6.33 3.21
CA LEU A 28 9.13 5.40 2.28
C LEU A 28 8.11 4.70 1.36
N ALA A 29 6.88 4.54 1.86
CA ALA A 29 5.82 3.87 1.11
C ALA A 29 5.53 4.54 -0.24
N TYR A 30 5.00 5.77 -0.21
CA TYR A 30 4.69 6.50 -1.43
C TYR A 30 5.95 7.07 -2.11
N LEU A 31 7.03 7.20 -1.34
CA LEU A 31 8.32 7.64 -1.91
C LEU A 31 8.89 6.60 -2.89
N GLN A 32 8.89 5.33 -2.47
CA GLN A 32 9.43 4.26 -3.31
C GLN A 32 8.46 3.90 -4.44
N GLU A 33 7.16 4.07 -4.21
CA GLU A 33 6.15 3.90 -5.27
C GLU A 33 6.27 5.04 -6.31
N THR A 34 6.60 6.25 -5.85
CA THR A 34 6.82 7.40 -6.76
C THR A 34 8.04 7.18 -7.67
N THR A 35 9.12 6.66 -7.10
CA THR A 35 10.40 6.51 -7.81
C THR A 35 10.48 5.19 -8.59
N LYS A 36 9.75 4.15 -8.14
CA LYS A 36 9.79 2.84 -8.78
C LYS A 36 8.41 2.39 -9.30
N PHE A 37 7.37 2.54 -8.48
CA PHE A 37 5.99 2.08 -8.79
C PHE A 37 5.84 0.55 -8.57
N VAL A 38 6.96 -0.10 -8.20
CA VAL A 38 7.04 -1.57 -8.15
C VAL A 38 7.83 -2.03 -6.91
N THR A 39 7.91 -3.35 -6.71
CA THR A 39 8.63 -3.90 -5.54
C THR A 39 10.06 -3.35 -5.40
N GLU A 40 10.27 -2.52 -4.38
CA GLU A 40 11.61 -2.03 -4.03
C GLU A 40 12.04 -2.50 -2.62
N ARG A 41 13.31 -2.84 -2.44
CA ARG A 41 13.79 -3.36 -1.16
C ARG A 41 13.22 -2.54 0.01
N GLU A 42 13.46 -1.23 -0.01
CA GLU A 42 13.05 -0.35 1.09
C GLU A 42 11.51 -0.29 1.22
N TYR A 43 10.83 -0.53 0.10
CA TYR A 43 9.36 -0.51 0.04
C TYR A 43 8.74 -1.65 0.85
N TYR A 44 9.45 -2.78 0.96
CA TYR A 44 8.94 -3.93 1.76
C TYR A 44 9.92 -4.38 2.87
N GLU A 45 11.08 -3.73 2.99
CA GLU A 45 12.08 -4.08 4.01
C GLU A 45 11.62 -3.75 5.45
N ASP A 46 11.43 -2.45 5.72
CA ASP A 46 10.93 -2.02 7.03
C ASP A 46 9.39 -2.14 7.13
N PHE A 47 8.77 -2.59 6.05
CA PHE A 47 7.31 -2.70 5.98
C PHE A 47 6.82 -4.15 6.18
N GLY A 48 5.53 -4.31 6.43
CA GLY A 48 4.95 -5.65 6.54
C GLY A 48 3.68 -5.69 7.39
N TYR A 49 3.63 -4.87 8.44
CA TYR A 49 2.49 -4.87 9.36
C TYR A 49 1.94 -3.46 9.60
N GLY A 50 0.62 -3.34 9.65
CA GLY A 50 -0.03 -2.06 9.93
C GLY A 50 -1.11 -1.72 8.90
N GLU A 51 -1.66 -0.51 8.96
CA GLU A 51 -2.71 -0.07 8.03
C GLU A 51 -2.44 -0.53 6.59
N CYS A 52 -1.31 -0.10 6.04
CA CYS A 52 -0.83 -0.59 4.76
C CYS A 52 0.64 -1.00 4.89
N PHE A 53 0.91 -1.97 5.77
CA PHE A 53 2.28 -2.44 6.05
C PHE A 53 3.13 -1.38 6.78
N ASN A 54 2.50 -0.28 7.19
CA ASN A 54 3.23 0.88 7.71
C ASN A 54 3.15 0.98 9.25
N SER A 55 3.92 1.91 9.83
CA SER A 55 3.96 2.11 11.29
C SER A 55 3.40 3.49 11.67
N THR A 56 2.33 3.89 10.99
CA THR A 56 1.60 5.12 11.29
C THR A 56 0.19 4.84 11.87
N GLU A 57 -0.41 5.87 12.49
CA GLU A 57 -1.74 5.75 13.11
C GLU A 57 -2.89 5.61 12.09
N SER A 58 -3.74 4.60 12.31
CA SER A 58 -4.95 4.41 11.50
C SER A 58 -5.84 5.66 11.52
N GLU A 59 -6.26 6.14 10.34
CA GLU A 59 -7.22 7.26 10.27
C GLU A 59 -8.56 6.86 9.62
N VAL A 60 -8.53 6.00 8.60
CA VAL A 60 -9.76 5.55 7.92
C VAL A 60 -9.84 4.01 7.80
N GLN A 61 -9.06 3.32 8.65
CA GLN A 61 -9.07 1.84 8.77
C GLN A 61 -8.69 1.12 7.46
N CYS A 62 -7.50 1.40 6.92
CA CYS A 62 -7.03 0.70 5.72
C CYS A 62 -6.64 -0.74 6.03
N GLU A 63 -6.44 -1.05 7.32
CA GLU A 63 -6.13 -2.42 7.75
C GLU A 63 -7.00 -3.46 7.00
N LEU A 64 -8.26 -3.13 6.82
CA LEU A 64 -9.22 -4.00 6.12
C LEU A 64 -9.67 -3.31 4.82
N ILE A 65 -10.60 -2.35 4.96
CA ILE A 65 -11.19 -1.63 3.83
C ILE A 65 -11.67 -0.22 4.25
N THR A 66 -11.47 0.76 3.38
CA THR A 66 -11.81 2.17 3.70
C THR A 66 -13.10 2.62 2.99
N GLY A 67 -13.49 1.91 1.94
CA GLY A 67 -14.44 2.44 0.97
C GLY A 67 -13.77 3.05 -0.27
N GLU A 68 -12.51 3.45 -0.13
CA GLU A 68 -11.68 3.86 -1.28
C GLU A 68 -10.89 2.68 -1.90
N PHE A 69 -10.80 1.56 -1.17
CA PHE A 69 -10.12 0.36 -1.69
C PHE A 69 -11.05 -0.52 -2.55
N ASP A 70 -12.23 0.01 -2.88
CA ASP A 70 -13.25 -0.75 -3.62
C ASP A 70 -12.76 -1.08 -5.06
N PRO A 71 -12.57 -2.39 -5.38
CA PRO A 71 -12.17 -2.84 -6.74
C PRO A 71 -13.08 -2.36 -7.90
N LYS A 72 -14.34 -2.04 -7.62
CA LYS A 72 -15.26 -1.59 -8.68
C LYS A 72 -14.81 -0.23 -9.26
N LEU A 73 -14.32 0.65 -8.40
CA LEU A 73 -14.02 2.05 -8.81
C LEU A 73 -12.53 2.23 -9.16
N LEU A 74 -11.67 1.36 -8.64
CA LEU A 74 -10.24 1.41 -8.96
C LEU A 74 -9.90 0.39 -10.07
N PRO A 75 -9.53 0.86 -11.27
CA PRO A 75 -9.00 -0.01 -12.35
C PRO A 75 -7.59 -0.55 -12.05
N TYR A 76 -7.33 -1.79 -12.46
CA TYR A 76 -6.08 -2.46 -12.09
C TYR A 76 -5.21 -2.80 -13.31
N ASP A 77 -4.03 -2.19 -13.37
CA ASP A 77 -2.95 -2.64 -14.26
C ASP A 77 -2.22 -3.83 -13.61
N LYS A 78 -1.32 -4.49 -14.33
CA LYS A 78 -0.52 -5.59 -13.77
C LYS A 78 0.31 -5.12 -12.55
N ARG A 79 1.05 -4.02 -12.72
CA ARG A 79 1.91 -3.50 -11.65
C ARG A 79 1.08 -2.87 -10.52
N LEU A 80 0.03 -2.14 -10.90
CA LEU A 80 -0.93 -1.58 -9.92
C LEU A 80 -1.57 -2.70 -9.07
N ALA A 81 -2.20 -3.66 -9.75
CA ALA A 81 -2.87 -4.77 -9.08
C ALA A 81 -2.00 -5.39 -7.97
N TRP A 82 -0.80 -5.86 -8.33
CA TRP A 82 0.08 -6.51 -7.36
C TRP A 82 0.42 -5.56 -6.19
N HIS A 83 1.05 -4.42 -6.50
CA HIS A 83 1.71 -3.61 -5.47
C HIS A 83 0.69 -2.75 -4.70
N PHE A 84 -0.26 -2.13 -5.40
CA PHE A 84 -1.26 -1.30 -4.74
C PHE A 84 -2.21 -2.12 -3.83
N LYS A 85 -2.73 -3.23 -4.34
CA LYS A 85 -3.67 -4.07 -3.56
C LYS A 85 -2.97 -4.76 -2.37
N GLU A 86 -1.84 -5.41 -2.65
CA GLU A 86 -1.15 -6.25 -1.66
C GLU A 86 -0.53 -5.41 -0.53
N PHE A 87 -0.13 -4.19 -0.85
CA PHE A 87 0.47 -3.26 0.14
C PHE A 87 -0.61 -2.59 0.99
N CYS A 88 -1.64 -2.02 0.33
CA CYS A 88 -2.64 -1.19 1.02
C CYS A 88 -3.90 -1.98 1.43
N TYR A 89 -4.43 -2.77 0.52
CA TYR A 89 -5.77 -3.37 0.70
C TYR A 89 -5.70 -4.87 1.09
N LYS A 90 -4.50 -5.35 1.41
CA LYS A 90 -4.33 -6.70 1.95
C LYS A 90 -5.09 -6.86 3.29
N THR A 91 -6.16 -7.66 3.27
CA THR A 91 -6.96 -7.89 4.48
C THR A 91 -6.47 -9.10 5.29
N SER A 92 -5.63 -9.93 4.66
CA SER A 92 -5.10 -11.13 5.32
C SER A 92 -3.71 -10.88 5.92
N ALA A 93 -3.29 -11.76 6.82
CA ALA A 93 -1.99 -11.65 7.49
C ALA A 93 -1.36 -13.03 7.68
N HIS A 94 -0.65 -13.50 6.66
CA HIS A 94 -0.09 -14.86 6.63
C HIS A 94 1.44 -14.83 6.86
N GLY A 95 2.13 -15.93 6.56
CA GLY A 95 3.58 -16.01 6.75
C GLY A 95 4.38 -15.06 5.86
N ILE A 96 3.74 -14.52 4.82
CA ILE A 96 4.34 -13.46 3.99
C ILE A 96 3.64 -12.10 4.19
N PRO A 97 4.09 -11.29 5.16
CA PRO A 97 3.53 -9.96 5.43
C PRO A 97 4.01 -8.87 4.44
N MET A 98 5.06 -9.18 3.66
CA MET A 98 5.67 -8.20 2.75
C MET A 98 5.03 -8.23 1.35
N ILE A 99 5.48 -7.33 0.47
CA ILE A 99 4.97 -7.24 -0.90
C ILE A 99 5.29 -8.51 -1.73
N GLY A 100 6.34 -9.24 -1.33
CA GLY A 100 6.75 -10.40 -2.11
C GLY A 100 7.47 -11.49 -1.32
N GLU A 101 8.80 -11.44 -1.31
CA GLU A 101 9.63 -12.46 -0.64
C GLU A 101 9.84 -12.18 0.86
N ALA A 102 9.13 -12.94 1.69
CA ALA A 102 9.25 -12.82 3.15
C ALA A 102 9.28 -14.22 3.79
N PRO A 103 10.49 -14.82 3.91
CA PRO A 103 10.66 -16.14 4.59
C PRO A 103 10.41 -16.08 6.11
N LEU A 104 9.14 -16.00 6.52
CA LEU A 104 8.77 -15.82 7.94
C LEU A 104 9.45 -14.57 8.54
N GLU A 105 9.56 -13.51 7.73
CA GLU A 105 10.11 -12.23 8.18
C GLU A 105 9.08 -11.42 8.98
N HIS A 106 9.06 -11.63 10.29
CA HIS A 106 8.06 -11.01 11.16
C HIS A 106 8.59 -9.67 11.71
N HIS A 107 8.55 -8.63 10.88
CA HIS A 107 9.00 -7.29 11.31
C HIS A 107 8.29 -6.84 12.58
N HIS A 108 9.05 -6.28 13.52
CA HIS A 108 8.52 -5.74 14.77
C HIS A 108 7.32 -4.78 14.56
N HIS A 109 6.28 -4.97 15.35
CA HIS A 109 5.04 -4.18 15.24
C HIS A 109 4.24 -4.28 16.55
N HIS A 110 3.21 -3.47 16.69
CA HIS A 110 2.37 -3.51 17.90
C HIS A 110 0.89 -3.58 17.55
N HIS A 111 0.12 -4.20 18.43
CA HIS A 111 -1.33 -4.36 18.24
C HIS A 111 -2.10 -3.48 19.27
N MET A 1 -13.51 12.53 -0.03
CA MET A 1 -12.74 11.25 0.10
C MET A 1 -12.52 10.59 -1.27
N SER A 2 -13.45 10.80 -2.20
CA SER A 2 -13.40 10.20 -3.55
C SER A 2 -12.19 10.69 -4.38
N TRP A 3 -11.69 11.89 -4.08
CA TRP A 3 -10.46 12.38 -4.71
C TRP A 3 -9.28 11.41 -4.54
N MET A 4 -9.26 10.65 -3.45
CA MET A 4 -8.19 9.68 -3.22
C MET A 4 -8.16 8.66 -4.37
N GLN A 5 -9.33 8.08 -4.68
CA GLN A 5 -9.48 7.15 -5.80
C GLN A 5 -9.21 7.85 -7.15
N ASN A 6 -9.67 9.09 -7.27
CA ASN A 6 -9.52 9.90 -8.50
C ASN A 6 -8.05 10.17 -8.84
N LEU A 7 -7.18 10.06 -7.84
CA LEU A 7 -5.73 10.21 -8.08
C LEU A 7 -5.04 8.83 -8.16
N LYS A 8 -5.17 8.05 -7.09
CA LYS A 8 -4.36 6.83 -6.89
C LYS A 8 -4.71 5.67 -7.86
N ASN A 9 -5.95 5.64 -8.40
CA ASN A 9 -6.45 4.47 -9.13
C ASN A 9 -5.90 4.42 -10.56
N TYR A 10 -5.10 5.42 -10.92
CA TYR A 10 -4.38 5.42 -12.20
C TYR A 10 -3.13 6.31 -12.16
N GLN A 11 -2.21 6.07 -13.08
CA GLN A 11 -1.01 6.89 -13.20
C GLN A 11 -1.04 7.73 -14.49
N HIS A 12 -1.61 8.93 -14.42
CA HIS A 12 -1.58 9.86 -15.56
C HIS A 12 -0.85 11.18 -15.22
N LEU A 13 -0.71 11.51 -13.94
CA LEU A 13 -0.02 12.75 -13.57
C LEU A 13 1.20 12.46 -12.68
N ARG A 14 2.21 13.35 -12.72
CA ARG A 14 3.39 13.22 -11.87
C ARG A 14 3.17 13.73 -10.43
N ASP A 15 1.93 14.09 -10.08
CA ASP A 15 1.64 14.58 -8.73
C ASP A 15 1.83 13.50 -7.64
N PRO A 16 2.75 13.72 -6.69
CA PRO A 16 2.99 12.77 -5.58
C PRO A 16 1.72 12.47 -4.77
N SER A 17 0.72 13.37 -4.88
CA SER A 17 -0.55 13.22 -4.15
C SER A 17 -1.25 11.89 -4.49
N GLU A 18 -0.99 11.35 -5.67
CA GLU A 18 -1.54 10.05 -6.07
C GLU A 18 -1.08 8.94 -5.10
N TYR A 19 0.14 9.08 -4.59
CA TYR A 19 0.75 8.06 -3.71
C TYR A 19 0.53 8.41 -2.23
N MET A 20 0.40 9.70 -1.94
CA MET A 20 0.05 10.16 -0.59
C MET A 20 -1.44 9.88 -0.32
N SER A 21 -2.22 9.78 -1.39
CA SER A 21 -3.62 9.36 -1.32
C SER A 21 -3.74 7.83 -1.34
N GLN A 22 -2.76 7.17 -1.98
CA GLN A 22 -2.62 5.71 -1.89
C GLN A 22 -2.53 5.25 -0.43
N VAL A 23 -1.61 5.86 0.32
CA VAL A 23 -1.44 5.55 1.75
C VAL A 23 -0.93 6.77 2.53
N TYR A 24 -1.54 6.99 3.69
CA TYR A 24 -1.17 8.11 4.57
C TYR A 24 -0.16 7.67 5.66
N GLY A 25 0.67 6.68 5.35
CA GLY A 25 1.55 6.09 6.36
C GLY A 25 3.01 6.56 6.29
N ASP A 26 3.94 5.61 6.46
CA ASP A 26 5.38 5.90 6.54
C ASP A 26 5.95 6.47 5.22
N PRO A 27 6.93 7.39 5.32
CA PRO A 27 7.53 8.08 4.15
C PRO A 27 8.00 7.13 3.04
N LEU A 28 8.66 6.03 3.43
CA LEU A 28 9.27 5.09 2.47
C LEU A 28 8.21 4.40 1.61
N ALA A 29 7.00 4.27 2.13
CA ALA A 29 5.89 3.62 1.43
C ALA A 29 5.56 4.32 0.09
N TYR A 30 5.02 5.55 0.17
CA TYR A 30 4.66 6.29 -1.04
C TYR A 30 5.89 6.89 -1.76
N LEU A 31 7.00 7.01 -1.03
CA LEU A 31 8.27 7.46 -1.64
C LEU A 31 8.79 6.43 -2.65
N GLN A 32 8.92 5.17 -2.21
CA GLN A 32 9.42 4.11 -3.07
C GLN A 32 8.43 3.82 -4.21
N GLU A 33 7.12 3.93 -3.93
CA GLU A 33 6.10 3.77 -4.98
C GLU A 33 6.18 4.92 -6.00
N THR A 34 6.48 6.13 -5.53
CA THR A 34 6.63 7.31 -6.42
C THR A 34 7.84 7.14 -7.35
N THR A 35 8.94 6.64 -6.81
CA THR A 35 10.21 6.53 -7.55
C THR A 35 10.31 5.22 -8.37
N LYS A 36 9.60 4.18 -7.95
CA LYS A 36 9.64 2.88 -8.62
C LYS A 36 8.26 2.42 -9.15
N PHE A 37 7.22 2.56 -8.31
CA PHE A 37 5.84 2.10 -8.64
C PHE A 37 5.71 0.57 -8.47
N VAL A 38 6.82 -0.09 -8.15
CA VAL A 38 6.90 -1.56 -8.12
C VAL A 38 7.70 -2.05 -6.89
N THR A 39 7.78 -3.37 -6.72
CA THR A 39 8.54 -3.94 -5.60
C THR A 39 10.00 -3.41 -5.54
N GLU A 40 10.37 -2.87 -4.38
CA GLU A 40 11.72 -2.35 -4.13
C GLU A 40 12.24 -2.76 -2.74
N ARG A 41 13.55 -2.99 -2.62
CA ARG A 41 14.11 -3.51 -1.36
C ARG A 41 13.58 -2.71 -0.17
N GLU A 42 13.81 -1.41 -0.16
CA GLU A 42 13.43 -0.55 0.98
C GLU A 42 11.90 -0.50 1.14
N TYR A 43 11.18 -0.71 0.04
CA TYR A 43 9.71 -0.73 0.02
C TYR A 43 9.14 -1.91 0.83
N TYR A 44 9.87 -3.03 0.90
CA TYR A 44 9.42 -4.19 1.69
C TYR A 44 10.45 -4.66 2.74
N GLU A 45 11.60 -3.99 2.82
CA GLU A 45 12.67 -4.39 3.76
C GLU A 45 12.20 -4.42 5.22
N ASP A 46 11.58 -3.34 5.68
CA ASP A 46 11.03 -3.29 7.04
C ASP A 46 9.50 -3.42 7.05
N PHE A 47 8.89 -3.31 5.87
CA PHE A 47 7.43 -3.30 5.75
C PHE A 47 6.83 -4.72 5.82
N GLY A 48 5.54 -4.80 6.13
CA GLY A 48 4.86 -6.09 6.17
C GLY A 48 3.63 -6.10 7.08
N TYR A 49 3.67 -5.31 8.14
CA TYR A 49 2.57 -5.29 9.13
C TYR A 49 2.10 -3.87 9.44
N GLY A 50 0.78 -3.70 9.58
CA GLY A 50 0.21 -2.40 9.88
C GLY A 50 -0.91 -2.03 8.91
N GLU A 51 -1.50 -0.83 9.09
CA GLU A 51 -2.59 -0.36 8.22
C GLU A 51 -2.32 -0.69 6.74
N CYS A 52 -1.22 -0.18 6.22
CA CYS A 52 -0.69 -0.61 4.92
C CYS A 52 0.79 -0.96 5.05
N PHE A 53 1.10 -1.93 5.92
CA PHE A 53 2.51 -2.33 6.19
C PHE A 53 3.30 -1.23 6.94
N ASN A 54 2.61 -0.20 7.40
CA ASN A 54 3.27 0.96 8.00
C ASN A 54 3.26 0.92 9.55
N SER A 55 3.99 1.85 10.16
CA SER A 55 4.02 1.99 11.63
C SER A 55 3.40 3.33 12.07
N THR A 56 2.34 3.74 11.38
CA THR A 56 1.62 4.99 11.67
C THR A 56 0.21 4.73 12.21
N GLU A 57 -0.39 5.78 12.80
CA GLU A 57 -1.74 5.70 13.39
C GLU A 57 -2.87 5.54 12.34
N SER A 58 -3.72 4.53 12.53
CA SER A 58 -4.90 4.32 11.69
C SER A 58 -5.79 5.58 11.65
N GLU A 59 -6.25 5.97 10.46
CA GLU A 59 -7.24 7.06 10.34
C GLU A 59 -8.56 6.62 9.71
N VAL A 60 -8.51 5.69 8.75
CA VAL A 60 -9.74 5.19 8.10
C VAL A 60 -9.77 3.64 8.01
N GLN A 61 -9.04 2.99 8.93
CA GLN A 61 -9.00 1.52 9.05
C GLN A 61 -8.63 0.78 7.75
N CYS A 62 -7.49 1.14 7.16
CA CYS A 62 -7.05 0.50 5.90
C CYS A 62 -6.83 -1.01 6.09
N GLU A 63 -6.52 -1.43 7.32
CA GLU A 63 -6.32 -2.86 7.63
C GLU A 63 -7.40 -3.73 6.94
N LEU A 64 -8.66 -3.32 7.08
CA LEU A 64 -9.80 -4.08 6.60
C LEU A 64 -10.27 -3.49 5.26
N ILE A 65 -10.73 -2.23 5.31
CA ILE A 65 -11.21 -1.50 4.14
C ILE A 65 -11.44 -0.01 4.48
N THR A 66 -11.33 0.86 3.47
CA THR A 66 -11.43 2.31 3.68
C THR A 66 -12.71 2.89 3.03
N GLY A 67 -13.26 2.18 2.05
CA GLY A 67 -14.20 2.77 1.11
C GLY A 67 -13.57 3.32 -0.16
N GLU A 68 -12.25 3.55 -0.12
CA GLU A 68 -11.47 3.86 -1.33
C GLU A 68 -10.71 2.65 -1.89
N PHE A 69 -10.49 1.62 -1.07
CA PHE A 69 -9.84 0.38 -1.52
C PHE A 69 -10.86 -0.66 -2.04
N ASP A 70 -12.06 -0.20 -2.37
CA ASP A 70 -13.15 -1.10 -2.78
C ASP A 70 -12.82 -1.80 -4.13
N PRO A 71 -12.66 -3.14 -4.13
CA PRO A 71 -12.40 -3.94 -5.36
C PRO A 71 -13.40 -3.71 -6.52
N LYS A 72 -14.63 -3.30 -6.23
CA LYS A 72 -15.62 -3.05 -7.29
C LYS A 72 -15.30 -1.77 -8.08
N LEU A 73 -14.67 -0.80 -7.41
CA LEU A 73 -14.34 0.50 -8.04
C LEU A 73 -12.84 0.59 -8.40
N LEU A 74 -12.07 -0.42 -8.03
CA LEU A 74 -10.62 -0.42 -8.30
C LEU A 74 -10.33 -1.06 -9.67
N PRO A 75 -9.81 -0.28 -10.64
CA PRO A 75 -9.30 -0.81 -11.93
C PRO A 75 -8.05 -1.69 -11.75
N TYR A 76 -7.88 -2.67 -12.63
CA TYR A 76 -6.82 -3.67 -12.45
C TYR A 76 -5.84 -3.70 -13.63
N ASP A 77 -4.77 -2.92 -13.53
CA ASP A 77 -3.59 -3.08 -14.38
C ASP A 77 -2.61 -4.06 -13.71
N LYS A 78 -1.57 -4.49 -14.43
CA LYS A 78 -0.62 -5.49 -13.90
C LYS A 78 0.14 -4.94 -12.67
N ARG A 79 0.94 -3.90 -12.87
CA ARG A 79 1.76 -3.33 -11.80
C ARG A 79 0.92 -2.58 -10.77
N LEU A 80 -0.08 -1.84 -11.24
CA LEU A 80 -0.98 -1.08 -10.37
C LEU A 80 -1.70 -2.00 -9.38
N ALA A 81 -2.47 -2.96 -9.92
CA ALA A 81 -3.28 -3.86 -9.09
C ALA A 81 -2.42 -4.66 -8.10
N TRP A 82 -1.32 -5.25 -8.58
CA TRP A 82 -0.48 -6.10 -7.71
C TRP A 82 0.02 -5.33 -6.49
N HIS A 83 0.77 -4.25 -6.72
CA HIS A 83 1.50 -3.58 -5.64
C HIS A 83 0.57 -2.73 -4.76
N PHE A 84 -0.36 -2.02 -5.38
CA PHE A 84 -1.28 -1.16 -4.62
C PHE A 84 -2.25 -1.96 -3.73
N LYS A 85 -2.86 -3.01 -4.27
CA LYS A 85 -3.79 -3.86 -3.49
C LYS A 85 -3.05 -4.64 -2.37
N GLU A 86 -1.94 -5.26 -2.72
CA GLU A 86 -1.20 -6.15 -1.81
C GLU A 86 -0.57 -5.37 -0.64
N PHE A 87 -0.22 -4.11 -0.89
CA PHE A 87 0.38 -3.25 0.15
C PHE A 87 -0.71 -2.61 1.05
N CYS A 88 -1.75 -2.05 0.43
CA CYS A 88 -2.72 -1.21 1.16
C CYS A 88 -3.95 -1.99 1.67
N TYR A 89 -4.48 -2.89 0.84
CA TYR A 89 -5.76 -3.56 1.12
C TYR A 89 -5.57 -4.99 1.67
N LYS A 90 -4.32 -5.37 1.91
CA LYS A 90 -4.03 -6.69 2.50
C LYS A 90 -4.68 -6.84 3.90
N THR A 91 -5.68 -7.70 3.99
CA THR A 91 -6.32 -8.00 5.28
C THR A 91 -5.61 -9.15 6.03
N SER A 92 -4.77 -9.90 5.32
CA SER A 92 -4.04 -11.02 5.90
C SER A 92 -2.64 -10.61 6.37
N ALA A 93 -2.14 -11.27 7.41
CA ALA A 93 -0.79 -11.04 7.93
C ALA A 93 -0.17 -12.35 8.44
N HIS A 94 0.25 -13.20 7.50
CA HIS A 94 0.75 -14.54 7.81
C HIS A 94 2.27 -14.63 7.61
N GLY A 95 2.81 -15.85 7.45
CA GLY A 95 4.22 -16.03 7.11
C GLY A 95 4.66 -15.31 5.84
N ILE A 96 3.71 -15.04 4.93
CA ILE A 96 3.93 -14.10 3.81
C ILE A 96 3.03 -12.85 3.93
N PRO A 97 3.48 -11.82 4.68
CA PRO A 97 2.67 -10.62 4.94
C PRO A 97 2.89 -9.48 3.93
N MET A 98 3.91 -9.61 3.07
CA MET A 98 4.37 -8.52 2.21
C MET A 98 3.71 -8.57 0.82
N ILE A 99 4.15 -7.67 -0.08
CA ILE A 99 3.54 -7.52 -1.40
C ILE A 99 3.68 -8.80 -2.26
N GLY A 100 4.74 -9.57 -2.02
CA GLY A 100 4.98 -10.77 -2.82
C GLY A 100 5.80 -11.85 -2.14
N GLU A 101 7.11 -11.86 -2.37
CA GLU A 101 8.00 -12.91 -1.88
C GLU A 101 8.51 -12.65 -0.45
N ALA A 102 7.96 -13.38 0.51
CA ALA A 102 8.36 -13.25 1.92
C ALA A 102 8.76 -14.64 2.47
N PRO A 103 10.07 -14.97 2.46
CA PRO A 103 10.59 -16.23 3.02
C PRO A 103 10.48 -16.31 4.56
N LEU A 104 9.26 -16.53 5.07
CA LEU A 104 9.01 -16.56 6.54
C LEU A 104 9.50 -15.26 7.21
N GLU A 105 9.30 -14.13 6.53
CA GLU A 105 9.72 -12.82 7.04
C GLU A 105 8.76 -12.30 8.12
N HIS A 106 9.03 -12.63 9.37
CA HIS A 106 8.20 -12.19 10.48
C HIS A 106 8.72 -10.85 11.02
N HIS A 107 8.48 -9.76 10.27
CA HIS A 107 8.98 -8.43 10.64
C HIS A 107 8.27 -7.89 11.89
N HIS A 108 8.96 -7.02 12.64
CA HIS A 108 8.47 -6.51 13.93
C HIS A 108 7.07 -5.88 13.84
N HIS A 109 6.18 -6.30 14.73
CA HIS A 109 4.80 -5.81 14.78
C HIS A 109 4.22 -6.04 16.19
N HIS A 110 3.05 -5.48 16.46
CA HIS A 110 2.41 -5.63 17.78
C HIS A 110 0.96 -6.06 17.64
N HIS A 111 0.47 -6.80 18.63
CA HIS A 111 -0.91 -7.28 18.65
C HIS A 111 -1.73 -6.55 19.74
N MET A 1 -14.05 12.16 -0.59
CA MET A 1 -13.07 11.05 -0.35
C MET A 1 -12.63 10.38 -1.68
N SER A 2 -13.52 10.39 -2.66
CA SER A 2 -13.27 9.70 -3.95
C SER A 2 -12.06 10.27 -4.71
N TRP A 3 -11.68 11.52 -4.41
CA TRP A 3 -10.48 12.12 -5.00
C TRP A 3 -9.22 11.26 -4.77
N MET A 4 -9.20 10.48 -3.69
CA MET A 4 -8.04 9.63 -3.38
C MET A 4 -7.84 8.60 -4.50
N GLN A 5 -8.94 7.90 -4.84
CA GLN A 5 -8.93 6.95 -5.96
C GLN A 5 -8.65 7.66 -7.29
N ASN A 6 -9.22 8.86 -7.45
CA ASN A 6 -9.07 9.67 -8.68
C ASN A 6 -7.60 10.01 -8.97
N LEU A 7 -6.78 10.09 -7.93
CA LEU A 7 -5.36 10.39 -8.10
C LEU A 7 -4.52 9.09 -8.16
N LYS A 8 -4.71 8.23 -7.16
CA LYS A 8 -3.85 7.05 -6.95
C LYS A 8 -4.03 5.95 -8.03
N ASN A 9 -5.18 5.93 -8.73
CA ASN A 9 -5.51 4.81 -9.63
C ASN A 9 -4.69 4.84 -10.92
N TYR A 10 -3.97 5.94 -11.13
CA TYR A 10 -3.15 6.12 -12.33
C TYR A 10 -2.07 7.20 -12.14
N GLN A 11 -0.88 6.94 -12.66
CA GLN A 11 0.20 7.92 -12.65
C GLN A 11 0.08 8.88 -13.84
N HIS A 12 -0.65 9.99 -13.66
CA HIS A 12 -0.73 11.02 -14.70
C HIS A 12 -0.23 12.39 -14.23
N LEU A 13 -0.05 12.57 -12.93
CA LEU A 13 0.52 13.83 -12.41
C LEU A 13 1.87 13.59 -11.71
N ARG A 14 2.76 14.59 -11.74
CA ARG A 14 4.00 14.55 -10.93
C ARG A 14 3.74 14.83 -9.44
N ASP A 15 2.48 14.87 -9.01
CA ASP A 15 2.17 15.19 -7.60
C ASP A 15 2.20 13.96 -6.69
N PRO A 16 3.08 13.94 -5.66
CA PRO A 16 3.17 12.82 -4.71
C PRO A 16 1.83 12.50 -4.04
N SER A 17 0.90 13.45 -4.08
CA SER A 17 -0.43 13.28 -3.49
C SER A 17 -1.14 12.02 -4.00
N GLU A 18 -0.83 11.61 -5.24
CA GLU A 18 -1.36 10.36 -5.81
C GLU A 18 -1.03 9.18 -4.88
N TYR A 19 0.20 9.16 -4.34
CA TYR A 19 0.69 8.03 -3.55
C TYR A 19 0.53 8.30 -2.05
N MET A 20 0.36 9.56 -1.67
CA MET A 20 -0.06 9.91 -0.32
C MET A 20 -1.57 9.65 -0.13
N SER A 21 -2.28 9.58 -1.26
CA SER A 21 -3.67 9.09 -1.28
C SER A 21 -3.70 7.56 -1.21
N GLN A 22 -2.75 6.90 -1.87
CA GLN A 22 -2.56 5.44 -1.73
C GLN A 22 -2.44 5.05 -0.24
N VAL A 23 -1.51 5.69 0.47
CA VAL A 23 -1.34 5.46 1.90
C VAL A 23 -0.76 6.70 2.60
N TYR A 24 -1.24 6.97 3.81
CA TYR A 24 -0.86 8.17 4.57
C TYR A 24 0.36 7.89 5.48
N GLY A 25 0.93 6.70 5.38
CA GLY A 25 1.85 6.21 6.42
C GLY A 25 3.33 6.46 6.15
N ASP A 26 4.16 5.47 6.47
CA ASP A 26 5.62 5.60 6.41
C ASP A 26 6.13 6.15 5.07
N PRO A 27 7.08 7.12 5.13
CA PRO A 27 7.63 7.79 3.92
C PRO A 27 8.13 6.83 2.83
N LEU A 28 8.76 5.73 3.26
CA LEU A 28 9.42 4.78 2.33
C LEU A 28 8.40 4.13 1.37
N ALA A 29 7.16 3.98 1.83
CA ALA A 29 6.10 3.35 1.05
C ALA A 29 5.81 4.13 -0.26
N TYR A 30 5.25 5.33 -0.13
CA TYR A 30 4.90 6.14 -1.31
C TYR A 30 6.14 6.75 -1.98
N LEU A 31 7.27 6.78 -1.26
CA LEU A 31 8.55 7.20 -1.86
C LEU A 31 8.96 6.26 -3.00
N GLN A 32 9.14 4.98 -2.69
CA GLN A 32 9.57 3.99 -3.68
C GLN A 32 8.48 3.78 -4.74
N GLU A 33 7.21 3.85 -4.33
CA GLU A 33 6.09 3.69 -5.27
C GLU A 33 6.03 4.88 -6.25
N THR A 34 6.31 6.09 -5.75
CA THR A 34 6.33 7.29 -6.60
C THR A 34 7.45 7.21 -7.66
N THR A 35 8.61 6.70 -7.25
CA THR A 35 9.80 6.70 -8.11
C THR A 35 9.88 5.46 -9.03
N LYS A 36 9.25 4.35 -8.61
CA LYS A 36 9.38 3.08 -9.32
C LYS A 36 8.01 2.43 -9.63
N PHE A 37 7.02 2.67 -8.78
CA PHE A 37 5.64 2.14 -8.93
C PHE A 37 5.60 0.61 -8.70
N VAL A 38 6.62 0.09 -8.02
CA VAL A 38 6.79 -1.36 -7.80
C VAL A 38 7.43 -1.65 -6.43
N THR A 39 7.57 -2.92 -6.09
CA THR A 39 8.12 -3.30 -4.77
C THR A 39 9.67 -3.23 -4.75
N GLU A 40 10.20 -2.15 -4.18
CA GLU A 40 11.64 -1.93 -4.05
C GLU A 40 12.13 -2.32 -2.64
N ARG A 41 13.44 -2.50 -2.46
CA ARG A 41 13.99 -2.95 -1.18
C ARG A 41 13.34 -2.19 -0.01
N GLU A 42 13.43 -0.87 -0.03
CA GLU A 42 12.96 -0.04 1.08
C GLU A 42 11.43 -0.19 1.27
N TYR A 43 10.74 -0.47 0.17
CA TYR A 43 9.27 -0.63 0.16
C TYR A 43 8.82 -1.85 0.99
N TYR A 44 9.60 -2.95 0.94
CA TYR A 44 9.25 -4.17 1.69
C TYR A 44 10.29 -4.55 2.77
N GLU A 45 11.38 -3.77 2.89
CA GLU A 45 12.44 -4.06 3.86
C GLU A 45 11.98 -3.90 5.33
N ASP A 46 11.37 -2.75 5.63
CA ASP A 46 10.83 -2.51 6.98
C ASP A 46 9.31 -2.71 7.04
N PHE A 47 8.75 -3.32 6.00
CA PHE A 47 7.30 -3.37 5.81
C PHE A 47 6.77 -4.81 5.80
N GLY A 48 5.45 -4.97 5.88
CA GLY A 48 4.83 -6.28 5.73
C GLY A 48 3.68 -6.53 6.71
N TYR A 49 3.61 -5.72 7.77
CA TYR A 49 2.51 -5.82 8.73
C TYR A 49 1.95 -4.44 9.10
N GLY A 50 0.64 -4.38 9.35
CA GLY A 50 0.01 -3.15 9.80
C GLY A 50 -1.04 -2.64 8.82
N GLU A 51 -1.57 -1.44 9.04
CA GLU A 51 -2.64 -0.86 8.20
C GLU A 51 -2.36 -1.11 6.70
N CYS A 52 -1.24 -0.60 6.23
CA CYS A 52 -0.77 -0.89 4.87
C CYS A 52 0.71 -1.29 4.91
N PHE A 53 1.00 -2.38 5.64
CA PHE A 53 2.39 -2.87 5.82
C PHE A 53 3.26 -1.87 6.61
N ASN A 54 2.65 -0.83 7.15
CA ASN A 54 3.39 0.29 7.75
C ASN A 54 3.50 0.18 9.28
N SER A 55 4.25 1.10 9.89
CA SER A 55 4.40 1.17 11.36
C SER A 55 3.79 2.45 11.91
N THR A 56 2.68 2.88 11.30
CA THR A 56 1.96 4.09 11.69
C THR A 56 0.56 3.79 12.29
N GLU A 57 0.00 4.77 13.01
CA GLU A 57 -1.31 4.62 13.66
C GLU A 57 -2.50 4.54 12.68
N SER A 58 -3.38 3.59 12.90
CA SER A 58 -4.63 3.47 12.13
C SER A 58 -5.44 4.79 12.17
N GLU A 59 -5.81 5.31 11.00
CA GLU A 59 -6.69 6.49 10.94
C GLU A 59 -8.02 6.22 10.20
N VAL A 60 -8.00 5.35 9.20
CA VAL A 60 -9.21 5.07 8.39
C VAL A 60 -9.49 3.56 8.26
N GLN A 61 -8.91 2.77 9.17
CA GLN A 61 -9.06 1.30 9.20
C GLN A 61 -8.68 0.60 7.89
N CYS A 62 -7.47 0.85 7.39
CA CYS A 62 -7.02 0.28 6.11
C CYS A 62 -6.90 -1.24 6.20
N GLU A 63 -6.57 -1.76 7.39
CA GLU A 63 -6.46 -3.21 7.59
C GLU A 63 -7.65 -3.97 6.98
N LEU A 64 -8.86 -3.51 7.30
CA LEU A 64 -10.10 -4.13 6.80
C LEU A 64 -10.46 -3.49 5.46
N ILE A 65 -10.93 -2.23 5.51
CA ILE A 65 -11.30 -1.46 4.31
C ILE A 65 -11.56 0.02 4.69
N THR A 66 -11.38 0.93 3.72
CA THR A 66 -11.48 2.38 3.97
C THR A 66 -12.73 2.98 3.29
N GLY A 67 -13.24 2.31 2.27
CA GLY A 67 -14.14 2.95 1.31
C GLY A 67 -13.44 3.48 0.06
N GLU A 68 -12.13 3.71 0.16
CA GLU A 68 -11.28 3.99 -1.01
C GLU A 68 -10.48 2.76 -1.48
N PHE A 69 -10.48 1.69 -0.69
CA PHE A 69 -9.91 0.40 -1.12
C PHE A 69 -10.97 -0.56 -1.67
N ASP A 70 -12.03 -0.01 -2.26
CA ASP A 70 -13.18 -0.79 -2.73
C ASP A 70 -12.84 -1.56 -4.03
N PRO A 71 -12.82 -2.92 -3.98
CA PRO A 71 -12.57 -3.78 -5.17
C PRO A 71 -13.49 -3.50 -6.39
N LYS A 72 -14.69 -2.96 -6.18
CA LYS A 72 -15.60 -2.63 -7.28
C LYS A 72 -15.16 -1.33 -8.00
N LEU A 73 -14.56 -0.40 -7.24
CA LEU A 73 -14.10 0.88 -7.80
C LEU A 73 -12.61 0.86 -8.14
N LEU A 74 -11.91 -0.20 -7.75
CA LEU A 74 -10.47 -0.32 -8.01
C LEU A 74 -10.23 -1.00 -9.37
N PRO A 75 -9.64 -0.26 -10.35
CA PRO A 75 -9.16 -0.85 -11.61
C PRO A 75 -7.94 -1.77 -11.44
N TYR A 76 -7.79 -2.76 -12.32
CA TYR A 76 -6.76 -3.79 -12.13
C TYR A 76 -5.78 -3.87 -13.32
N ASP A 77 -4.75 -3.05 -13.27
CA ASP A 77 -3.59 -3.18 -14.16
C ASP A 77 -2.56 -4.10 -13.50
N LYS A 78 -1.53 -4.52 -14.24
CA LYS A 78 -0.53 -5.47 -13.71
C LYS A 78 0.17 -4.90 -12.44
N ARG A 79 0.91 -3.81 -12.61
CA ARG A 79 1.66 -3.20 -11.51
C ARG A 79 0.72 -2.55 -10.49
N LEU A 80 -0.34 -1.91 -10.98
CA LEU A 80 -1.31 -1.22 -10.11
C LEU A 80 -2.00 -2.21 -9.14
N ALA A 81 -2.69 -3.21 -9.71
CA ALA A 81 -3.41 -4.20 -8.91
C ALA A 81 -2.50 -4.93 -7.93
N TRP A 82 -1.37 -5.47 -8.42
CA TRP A 82 -0.48 -6.25 -7.56
C TRP A 82 -0.01 -5.45 -6.34
N HIS A 83 0.65 -4.32 -6.58
CA HIS A 83 1.36 -3.60 -5.52
C HIS A 83 0.40 -2.79 -4.63
N PHE A 84 -0.52 -2.06 -5.25
CA PHE A 84 -1.47 -1.24 -4.49
C PHE A 84 -2.42 -2.08 -3.62
N LYS A 85 -3.00 -3.14 -4.19
CA LYS A 85 -3.96 -3.98 -3.45
C LYS A 85 -3.27 -4.77 -2.33
N GLU A 86 -2.16 -5.43 -2.65
CA GLU A 86 -1.43 -6.29 -1.70
C GLU A 86 -0.85 -5.48 -0.53
N PHE A 87 -0.39 -4.26 -0.82
CA PHE A 87 0.25 -3.41 0.19
C PHE A 87 -0.79 -2.80 1.14
N CYS A 88 -1.86 -2.21 0.59
CA CYS A 88 -2.80 -1.40 1.38
C CYS A 88 -4.02 -2.21 1.86
N TYR A 89 -4.56 -3.09 0.99
CA TYR A 89 -5.86 -3.73 1.23
C TYR A 89 -5.71 -5.17 1.75
N LYS A 90 -4.49 -5.58 2.07
CA LYS A 90 -4.26 -6.88 2.69
C LYS A 90 -4.99 -7.03 4.03
N THR A 91 -6.02 -7.87 4.06
CA THR A 91 -6.72 -8.17 5.31
C THR A 91 -6.08 -9.32 6.09
N SER A 92 -5.20 -10.08 5.43
CA SER A 92 -4.50 -11.19 6.07
C SER A 92 -3.14 -10.78 6.61
N ALA A 93 -2.68 -11.46 7.66
CA ALA A 93 -1.36 -11.23 8.25
C ALA A 93 -0.73 -12.55 8.71
N HIS A 94 -0.26 -13.33 7.75
CA HIS A 94 0.28 -14.68 8.02
C HIS A 94 1.83 -14.68 7.93
N GLY A 95 2.43 -15.87 7.81
CA GLY A 95 3.88 -15.98 7.63
C GLY A 95 4.41 -15.26 6.40
N ILE A 96 3.64 -15.27 5.30
CA ILE A 96 3.99 -14.51 4.09
C ILE A 96 2.84 -13.57 3.66
N PRO A 97 2.71 -12.39 4.31
CA PRO A 97 1.66 -11.42 3.98
C PRO A 97 2.09 -10.33 2.98
N MET A 98 3.38 -10.32 2.62
CA MET A 98 3.98 -9.19 1.89
C MET A 98 3.66 -9.25 0.38
N ILE A 99 4.19 -8.27 -0.37
CA ILE A 99 4.00 -8.19 -1.82
C ILE A 99 4.41 -9.50 -2.53
N GLY A 100 5.41 -10.20 -1.99
CA GLY A 100 5.84 -11.46 -2.60
C GLY A 100 6.52 -12.43 -1.64
N GLU A 101 7.86 -12.39 -1.59
CA GLU A 101 8.64 -13.31 -0.75
C GLU A 101 8.94 -12.74 0.65
N ALA A 102 8.33 -13.36 1.66
CA ALA A 102 8.56 -12.96 3.05
C ALA A 102 9.01 -14.16 3.89
N PRO A 103 10.34 -14.34 4.07
CA PRO A 103 10.92 -15.46 4.83
C PRO A 103 10.77 -15.32 6.35
N LEU A 104 9.52 -15.36 6.85
CA LEU A 104 9.23 -15.25 8.30
C LEU A 104 9.85 -13.96 8.89
N GLU A 105 9.87 -12.89 8.09
CA GLU A 105 10.33 -11.58 8.55
C GLU A 105 9.20 -10.79 9.22
N HIS A 106 9.23 -10.70 10.54
CA HIS A 106 8.15 -10.08 11.31
C HIS A 106 8.63 -8.72 11.88
N HIS A 107 8.82 -7.75 11.00
CA HIS A 107 9.37 -6.44 11.40
C HIS A 107 8.43 -5.70 12.36
N HIS A 108 9.00 -5.02 13.35
CA HIS A 108 8.25 -4.18 14.29
C HIS A 108 7.34 -3.16 13.57
N HIS A 109 6.11 -3.04 14.07
CA HIS A 109 5.06 -2.22 13.44
C HIS A 109 4.03 -1.80 14.49
N HIS A 110 3.14 -0.88 14.14
CA HIS A 110 2.08 -0.45 15.06
C HIS A 110 0.70 -0.53 14.40
N HIS A 111 -0.31 -0.78 15.22
CA HIS A 111 -1.70 -0.85 14.75
C HIS A 111 -2.51 0.34 15.30
N MET A 1 -12.48 11.98 1.85
CA MET A 1 -11.46 10.93 1.50
C MET A 1 -11.53 10.57 0.00
N SER A 2 -12.66 10.87 -0.64
CA SER A 2 -12.89 10.52 -2.06
C SER A 2 -11.76 11.00 -2.98
N TRP A 3 -11.10 12.11 -2.62
CA TRP A 3 -9.95 12.61 -3.39
C TRP A 3 -8.86 11.53 -3.59
N MET A 4 -8.76 10.59 -2.64
CA MET A 4 -7.69 9.57 -2.69
C MET A 4 -7.84 8.74 -3.97
N GLN A 5 -9.03 8.15 -4.17
CA GLN A 5 -9.37 7.46 -5.41
C GLN A 5 -9.22 8.39 -6.62
N ASN A 6 -9.67 9.64 -6.46
CA ASN A 6 -9.67 10.63 -7.55
C ASN A 6 -8.27 10.91 -8.10
N LEU A 7 -7.25 10.55 -7.34
CA LEU A 7 -5.86 10.60 -7.82
C LEU A 7 -5.35 9.20 -8.20
N LYS A 8 -5.32 8.30 -7.22
CA LYS A 8 -4.62 7.02 -7.33
C LYS A 8 -5.28 6.03 -8.32
N ASN A 9 -6.50 6.32 -8.78
CA ASN A 9 -7.23 5.41 -9.70
C ASN A 9 -6.56 5.37 -11.09
N TYR A 10 -5.63 6.29 -11.32
CA TYR A 10 -4.95 6.40 -12.61
C TYR A 10 -3.51 6.92 -12.47
N GLN A 11 -2.66 6.57 -13.44
CA GLN A 11 -1.32 7.14 -13.53
C GLN A 11 -1.22 8.09 -14.74
N HIS A 12 -1.52 9.38 -14.53
CA HIS A 12 -1.40 10.38 -15.61
C HIS A 12 -0.27 11.38 -15.38
N LEU A 13 -0.02 11.76 -14.12
CA LEU A 13 1.02 12.75 -13.83
C LEU A 13 2.07 12.20 -12.85
N ARG A 14 3.26 12.79 -12.82
CA ARG A 14 4.29 12.42 -11.85
C ARG A 14 4.05 13.02 -10.46
N ASP A 15 2.90 13.63 -10.22
CA ASP A 15 2.58 14.19 -8.89
C ASP A 15 2.57 13.12 -7.79
N PRO A 16 3.45 13.26 -6.77
CA PRO A 16 3.51 12.30 -5.64
C PRO A 16 2.15 12.11 -4.95
N SER A 17 1.27 13.11 -5.08
CA SER A 17 -0.05 13.10 -4.41
C SER A 17 -0.83 11.81 -4.72
N GLU A 18 -0.69 11.29 -5.94
CA GLU A 18 -1.36 10.05 -6.33
C GLU A 18 -0.92 8.88 -5.40
N TYR A 19 0.36 8.91 -4.99
CA TYR A 19 0.92 7.86 -4.13
C TYR A 19 0.74 8.21 -2.65
N MET A 20 0.73 9.50 -2.33
CA MET A 20 0.38 9.96 -0.99
C MET A 20 -1.03 9.47 -0.60
N SER A 21 -1.91 9.39 -1.61
CA SER A 21 -3.27 8.87 -1.42
C SER A 21 -3.25 7.34 -1.39
N GLN A 22 -2.32 6.73 -2.13
CA GLN A 22 -2.12 5.27 -2.10
C GLN A 22 -1.89 4.77 -0.66
N VAL A 23 -0.87 5.32 -0.01
CA VAL A 23 -0.52 4.92 1.36
C VAL A 23 -0.83 6.04 2.38
N TYR A 24 -1.78 5.77 3.27
CA TYR A 24 -2.18 6.72 4.30
C TYR A 24 -1.04 6.98 5.32
N GLY A 25 -0.26 5.95 5.62
CA GLY A 25 0.74 6.04 6.70
C GLY A 25 2.15 6.43 6.25
N ASP A 26 3.13 5.68 6.75
CA ASP A 26 4.55 6.04 6.59
C ASP A 26 4.89 6.57 5.19
N PRO A 27 5.50 7.78 5.12
CA PRO A 27 5.89 8.42 3.84
C PRO A 27 6.79 7.56 2.95
N LEU A 28 7.70 6.80 3.58
CA LEU A 28 8.73 6.04 2.86
C LEU A 28 8.12 5.10 1.81
N ALA A 29 7.03 4.42 2.18
CA ALA A 29 6.38 3.45 1.31
C ALA A 29 6.00 4.04 -0.07
N TYR A 30 5.11 5.04 -0.06
CA TYR A 30 4.63 5.64 -1.31
C TYR A 30 5.68 6.57 -1.95
N LEU A 31 6.66 7.01 -1.15
CA LEU A 31 7.82 7.75 -1.70
C LEU A 31 8.62 6.86 -2.67
N GLN A 32 8.93 5.64 -2.24
CA GLN A 32 9.62 4.67 -3.11
C GLN A 32 8.73 4.28 -4.30
N GLU A 33 7.42 4.18 -4.07
CA GLU A 33 6.47 3.90 -5.17
C GLU A 33 6.41 5.08 -6.16
N THR A 34 6.55 6.31 -5.64
CA THR A 34 6.58 7.52 -6.50
C THR A 34 7.78 7.50 -7.45
N THR A 35 8.92 7.06 -6.94
CA THR A 35 10.18 7.07 -7.72
C THR A 35 10.39 5.76 -8.52
N LYS A 36 9.71 4.69 -8.13
CA LYS A 36 9.91 3.37 -8.75
C LYS A 36 8.61 2.81 -9.38
N PHE A 37 7.48 2.97 -8.68
CA PHE A 37 6.17 2.39 -9.09
C PHE A 37 6.17 0.86 -8.95
N VAL A 38 7.13 0.33 -8.17
CA VAL A 38 7.26 -1.11 -7.92
C VAL A 38 7.79 -1.38 -6.50
N THR A 39 7.85 -2.65 -6.10
CA THR A 39 8.36 -3.01 -4.77
C THR A 39 9.90 -2.87 -4.65
N GLU A 40 10.32 -1.90 -3.84
CA GLU A 40 11.74 -1.65 -3.58
C GLU A 40 12.19 -2.32 -2.26
N ARG A 41 13.49 -2.62 -2.13
CA ARG A 41 14.02 -3.19 -0.88
C ARG A 41 13.43 -2.48 0.34
N GLU A 42 13.54 -1.15 0.35
CA GLU A 42 13.07 -0.35 1.49
C GLU A 42 11.54 -0.41 1.63
N TYR A 43 10.86 -0.59 0.50
CA TYR A 43 9.39 -0.68 0.46
C TYR A 43 8.86 -1.84 1.32
N TYR A 44 9.63 -2.93 1.43
CA TYR A 44 9.21 -4.08 2.27
C TYR A 44 10.25 -4.45 3.36
N GLU A 45 11.41 -3.79 3.36
CA GLU A 45 12.45 -4.05 4.38
C GLU A 45 12.04 -3.54 5.78
N ASP A 46 11.60 -2.29 5.86
CA ASP A 46 11.10 -1.73 7.13
C ASP A 46 9.59 -1.96 7.29
N PHE A 47 8.99 -2.65 6.32
CA PHE A 47 7.53 -2.83 6.30
C PHE A 47 7.12 -4.31 6.39
N GLY A 48 5.82 -4.57 6.49
CA GLY A 48 5.33 -5.93 6.44
C GLY A 48 3.98 -6.12 7.14
N TYR A 49 3.76 -5.38 8.22
CA TYR A 49 2.51 -5.48 8.99
C TYR A 49 1.97 -4.10 9.38
N GLY A 50 0.66 -3.90 9.22
CA GLY A 50 0.03 -2.64 9.58
C GLY A 50 -0.99 -2.19 8.55
N GLU A 51 -1.54 -0.98 8.72
CA GLU A 51 -2.56 -0.44 7.80
C GLU A 51 -2.22 -0.73 6.34
N CYS A 52 -1.08 -0.21 5.89
CA CYS A 52 -0.48 -0.62 4.63
C CYS A 52 0.94 -1.14 4.86
N PHE A 53 1.06 -2.17 5.70
CA PHE A 53 2.37 -2.73 6.09
C PHE A 53 3.22 -1.73 6.91
N ASN A 54 2.60 -0.62 7.34
CA ASN A 54 3.35 0.51 7.90
C ASN A 54 3.33 0.51 9.44
N SER A 55 4.04 1.47 10.03
CA SER A 55 4.07 1.64 11.50
C SER A 55 3.31 2.91 11.92
N THR A 56 2.25 3.23 11.17
CA THR A 56 1.39 4.38 11.45
C THR A 56 0.04 3.98 12.04
N GLU A 57 -0.40 4.71 13.07
CA GLU A 57 -1.67 4.44 13.77
C GLU A 57 -2.87 4.25 12.80
N SER A 58 -3.57 3.13 12.95
CA SER A 58 -4.77 2.85 12.15
C SER A 58 -5.87 3.91 12.41
N GLU A 59 -6.11 4.77 11.42
CA GLU A 59 -7.18 5.79 11.56
C GLU A 59 -8.25 5.71 10.44
N VAL A 60 -7.90 5.10 9.31
CA VAL A 60 -8.83 4.98 8.18
C VAL A 60 -9.19 3.51 7.84
N GLN A 61 -8.53 2.58 8.55
CA GLN A 61 -8.80 1.13 8.46
C GLN A 61 -8.38 0.49 7.11
N CYS A 62 -7.21 0.89 6.60
CA CYS A 62 -6.64 0.23 5.41
C CYS A 62 -6.40 -1.26 5.66
N GLU A 63 -6.16 -1.64 6.93
CA GLU A 63 -5.93 -3.05 7.28
C GLU A 63 -7.11 -3.94 6.82
N LEU A 64 -8.27 -3.33 6.64
CA LEU A 64 -9.45 -4.01 6.11
C LEU A 64 -9.89 -3.30 4.82
N ILE A 65 -10.58 -2.16 4.97
CA ILE A 65 -11.07 -1.35 3.85
C ILE A 65 -11.36 0.09 4.31
N THR A 66 -10.99 1.07 3.47
CA THR A 66 -11.15 2.49 3.81
C THR A 66 -12.43 3.09 3.20
N GLY A 67 -12.98 2.41 2.19
CA GLY A 67 -13.94 3.05 1.29
C GLY A 67 -13.31 3.60 0.01
N GLU A 68 -11.99 3.80 0.02
CA GLU A 68 -11.24 4.14 -1.19
C GLU A 68 -10.63 2.93 -1.91
N PHE A 69 -10.56 1.79 -1.22
CA PHE A 69 -9.98 0.56 -1.80
C PHE A 69 -11.06 -0.36 -2.40
N ASP A 70 -12.15 0.22 -2.88
CA ASP A 70 -13.27 -0.54 -3.46
C ASP A 70 -12.89 -1.10 -4.87
N PRO A 71 -12.83 -2.44 -5.02
CA PRO A 71 -12.54 -3.10 -6.32
C PRO A 71 -13.43 -2.67 -7.51
N LYS A 72 -14.66 -2.21 -7.24
CA LYS A 72 -15.56 -1.77 -8.31
C LYS A 72 -15.15 -0.38 -8.87
N LEU A 73 -14.47 0.42 -8.03
CA LEU A 73 -14.10 1.79 -8.41
C LEU A 73 -12.62 1.90 -8.81
N LEU A 74 -11.78 0.98 -8.31
CA LEU A 74 -10.36 0.95 -8.66
C LEU A 74 -10.11 -0.03 -9.82
N PRO A 75 -9.72 0.49 -11.01
CA PRO A 75 -9.25 -0.36 -12.13
C PRO A 75 -7.95 -1.11 -11.82
N TYR A 76 -7.83 -2.33 -12.35
CA TYR A 76 -6.69 -3.19 -12.00
C TYR A 76 -5.85 -3.59 -13.23
N ASP A 77 -4.68 -2.95 -13.36
CA ASP A 77 -3.67 -3.37 -14.33
C ASP A 77 -2.77 -4.44 -13.69
N LYS A 78 -1.92 -5.09 -14.48
CA LYS A 78 -1.06 -6.17 -13.95
C LYS A 78 -0.16 -5.65 -12.80
N ARG A 79 0.64 -4.61 -13.08
CA ARG A 79 1.59 -4.08 -12.10
C ARG A 79 0.88 -3.21 -11.05
N LEU A 80 -0.11 -2.43 -11.49
CA LEU A 80 -0.94 -1.64 -10.58
C LEU A 80 -1.59 -2.52 -9.50
N ALA A 81 -2.35 -3.53 -9.92
CA ALA A 81 -3.03 -4.43 -9.01
C ALA A 81 -2.06 -5.13 -8.05
N TRP A 82 -0.98 -5.71 -8.59
CA TRP A 82 -0.06 -6.50 -7.76
C TRP A 82 0.50 -5.69 -6.60
N HIS A 83 1.20 -4.60 -6.91
CA HIS A 83 1.92 -3.83 -5.87
C HIS A 83 0.97 -3.01 -5.01
N PHE A 84 0.07 -2.26 -5.62
CA PHE A 84 -0.84 -1.38 -4.88
C PHE A 84 -1.80 -2.18 -3.97
N LYS A 85 -2.54 -3.13 -4.54
CA LYS A 85 -3.56 -3.87 -3.79
C LYS A 85 -2.95 -4.71 -2.65
N GLU A 86 -1.87 -5.42 -2.95
CA GLU A 86 -1.23 -6.33 -2.00
C GLU A 86 -0.58 -5.58 -0.82
N PHE A 87 -0.08 -4.38 -1.09
CA PHE A 87 0.54 -3.53 -0.05
C PHE A 87 -0.52 -2.84 0.82
N CYS A 88 -1.53 -2.24 0.19
CA CYS A 88 -2.47 -1.34 0.87
C CYS A 88 -3.76 -2.06 1.35
N TYR A 89 -4.32 -2.92 0.49
CA TYR A 89 -5.67 -3.47 0.73
C TYR A 89 -5.63 -4.92 1.23
N LYS A 90 -4.44 -5.40 1.58
CA LYS A 90 -4.30 -6.74 2.17
C LYS A 90 -5.09 -6.89 3.48
N THR A 91 -6.16 -7.67 3.44
CA THR A 91 -6.98 -7.91 4.64
C THR A 91 -6.39 -9.03 5.53
N SER A 92 -5.53 -9.87 4.95
CA SER A 92 -4.85 -10.94 5.69
C SER A 92 -3.48 -10.48 6.21
N ALA A 93 -3.06 -11.06 7.33
CA ALA A 93 -1.73 -10.78 7.91
C ALA A 93 -1.14 -12.07 8.50
N HIS A 94 -0.77 -12.99 7.64
CA HIS A 94 -0.18 -14.28 8.05
C HIS A 94 1.35 -14.28 7.81
N GLY A 95 1.98 -15.47 7.87
CA GLY A 95 3.43 -15.58 7.78
C GLY A 95 4.04 -14.86 6.57
N ILE A 96 3.34 -14.89 5.43
CA ILE A 96 3.79 -14.22 4.20
C ILE A 96 2.72 -13.25 3.65
N PRO A 97 2.62 -12.03 4.22
CA PRO A 97 1.62 -11.04 3.79
C PRO A 97 2.13 -10.07 2.70
N MET A 98 3.43 -10.11 2.41
CA MET A 98 4.09 -9.07 1.60
C MET A 98 3.81 -9.25 0.09
N ILE A 99 4.38 -8.35 -0.71
CA ILE A 99 4.21 -8.37 -2.18
C ILE A 99 4.70 -9.70 -2.79
N GLY A 100 5.65 -10.36 -2.13
CA GLY A 100 6.15 -11.64 -2.65
C GLY A 100 6.75 -12.56 -1.59
N GLU A 101 8.07 -12.50 -1.42
CA GLU A 101 8.78 -13.36 -0.47
C GLU A 101 8.99 -12.72 0.92
N ALA A 102 8.30 -13.25 1.91
CA ALA A 102 8.41 -12.76 3.29
C ALA A 102 8.79 -13.92 4.23
N PRO A 103 10.10 -14.14 4.47
CA PRO A 103 10.59 -15.22 5.36
C PRO A 103 10.40 -14.92 6.85
N LEU A 104 9.14 -14.86 7.31
CA LEU A 104 8.81 -14.59 8.72
C LEU A 104 9.49 -13.28 9.21
N GLU A 105 9.40 -12.23 8.38
CA GLU A 105 9.96 -10.92 8.72
C GLU A 105 8.93 -10.03 9.43
N HIS A 106 8.82 -10.18 10.74
CA HIS A 106 7.87 -9.41 11.53
C HIS A 106 8.53 -8.12 12.03
N HIS A 107 8.73 -7.16 11.12
CA HIS A 107 9.33 -5.87 11.48
C HIS A 107 8.44 -5.07 12.45
N HIS A 108 9.07 -4.35 13.37
CA HIS A 108 8.37 -3.46 14.31
C HIS A 108 7.36 -2.52 13.61
N HIS A 109 6.18 -2.42 14.20
CA HIS A 109 5.06 -1.65 13.63
C HIS A 109 4.04 -1.30 14.72
N HIS A 110 3.05 -0.49 14.39
CA HIS A 110 2.02 -0.11 15.37
C HIS A 110 0.62 -0.23 14.78
N HIS A 111 -0.33 -0.62 15.61
CA HIS A 111 -1.73 -0.77 15.19
C HIS A 111 -2.59 0.37 15.77
N MET A 1 -13.44 12.55 0.19
CA MET A 1 -12.69 11.26 0.26
C MET A 1 -12.51 10.64 -1.14
N SER A 2 -13.45 10.89 -2.04
CA SER A 2 -13.45 10.32 -3.40
C SER A 2 -12.27 10.83 -4.25
N TRP A 3 -11.76 12.03 -3.93
CA TRP A 3 -10.55 12.54 -4.59
C TRP A 3 -9.35 11.58 -4.48
N MET A 4 -9.30 10.80 -3.40
CA MET A 4 -8.19 9.85 -3.21
C MET A 4 -8.18 8.82 -4.35
N GLN A 5 -9.33 8.22 -4.61
CA GLN A 5 -9.50 7.30 -5.75
C GLN A 5 -9.24 8.02 -7.09
N ASN A 6 -9.81 9.22 -7.22
CA ASN A 6 -9.71 10.02 -8.46
C ASN A 6 -8.25 10.22 -8.91
N LEU A 7 -7.33 10.26 -7.95
CA LEU A 7 -5.90 10.35 -8.27
C LEU A 7 -5.32 8.95 -8.59
N LYS A 8 -5.34 8.08 -7.59
CA LYS A 8 -4.62 6.79 -7.63
C LYS A 8 -5.24 5.75 -8.60
N ASN A 9 -6.45 6.02 -9.12
CA ASN A 9 -7.11 5.08 -10.05
C ASN A 9 -6.30 4.90 -11.34
N TYR A 10 -5.47 5.89 -11.66
CA TYR A 10 -4.65 5.85 -12.89
C TYR A 10 -3.29 6.53 -12.68
N GLN A 11 -2.34 6.20 -13.54
CA GLN A 11 -1.02 6.83 -13.51
C GLN A 11 -0.83 7.75 -14.73
N HIS A 12 -1.20 9.03 -14.59
CA HIS A 12 -0.98 10.00 -15.66
C HIS A 12 0.08 11.06 -15.29
N LEU A 13 0.13 11.49 -14.03
CA LEU A 13 1.09 12.50 -13.62
C LEU A 13 2.06 11.98 -12.54
N ARG A 14 3.24 12.58 -12.43
CA ARG A 14 4.21 12.20 -11.38
C ARG A 14 3.87 12.79 -10.01
N ASP A 15 2.68 13.37 -9.85
CA ASP A 15 2.31 14.01 -8.57
C ASP A 15 2.29 12.99 -7.41
N PRO A 16 3.12 13.21 -6.36
CA PRO A 16 3.15 12.33 -5.17
C PRO A 16 1.77 12.17 -4.52
N SER A 17 0.88 13.14 -4.75
CA SER A 17 -0.47 13.12 -4.19
C SER A 17 -1.23 11.83 -4.54
N GLU A 18 -0.95 11.27 -5.71
CA GLU A 18 -1.56 10.00 -6.14
C GLU A 18 -1.16 8.85 -5.17
N TYR A 19 0.04 8.95 -4.61
CA TYR A 19 0.58 7.90 -3.73
C TYR A 19 0.33 8.23 -2.26
N MET A 20 0.11 9.50 -1.97
CA MET A 20 -0.32 9.92 -0.63
C MET A 20 -1.82 9.59 -0.43
N SER A 21 -2.55 9.51 -1.54
CA SER A 21 -3.94 9.02 -1.54
C SER A 21 -3.98 7.49 -1.54
N GLN A 22 -2.96 6.87 -2.14
CA GLN A 22 -2.75 5.41 -2.00
C GLN A 22 -2.64 5.01 -0.51
N VAL A 23 -1.73 5.65 0.21
CA VAL A 23 -1.54 5.38 1.63
C VAL A 23 -1.08 6.64 2.39
N TYR A 24 -1.72 6.88 3.54
CA TYR A 24 -1.41 8.06 4.37
C TYR A 24 -0.44 7.72 5.51
N GLY A 25 0.44 6.74 5.30
CA GLY A 25 1.30 6.25 6.37
C GLY A 25 2.75 6.73 6.30
N ASP A 26 3.67 5.83 6.63
CA ASP A 26 5.11 6.13 6.68
C ASP A 26 5.65 6.70 5.35
N PRO A 27 6.51 7.74 5.44
CA PRO A 27 7.09 8.42 4.26
C PRO A 27 7.69 7.47 3.21
N LEU A 28 8.37 6.42 3.68
CA LEU A 28 9.09 5.48 2.80
C LEU A 28 8.10 4.70 1.89
N ALA A 29 6.88 4.53 2.36
CA ALA A 29 5.85 3.78 1.63
C ALA A 29 5.53 4.43 0.26
N TYR A 30 4.94 5.61 0.28
CA TYR A 30 4.58 6.31 -0.97
C TYR A 30 5.80 6.91 -1.65
N LEU A 31 6.90 7.10 -0.92
CA LEU A 31 8.17 7.54 -1.51
C LEU A 31 8.72 6.49 -2.48
N GLN A 32 8.84 5.25 -2.01
CA GLN A 32 9.35 4.16 -2.83
C GLN A 32 8.40 3.85 -4.01
N GLU A 33 7.10 3.97 -3.78
CA GLU A 33 6.11 3.78 -4.84
C GLU A 33 6.17 4.93 -5.88
N THR A 34 6.42 6.16 -5.39
CA THR A 34 6.55 7.33 -6.28
C THR A 34 7.77 7.20 -7.19
N THR A 35 8.87 6.71 -6.65
CA THR A 35 10.15 6.63 -7.37
C THR A 35 10.28 5.32 -8.18
N LYS A 36 9.59 4.27 -7.77
CA LYS A 36 9.67 2.96 -8.45
C LYS A 36 8.30 2.49 -9.02
N PHE A 37 7.24 2.60 -8.21
CA PHE A 37 5.89 2.11 -8.57
C PHE A 37 5.77 0.58 -8.43
N VAL A 38 6.89 -0.06 -8.10
CA VAL A 38 7.01 -1.53 -8.11
C VAL A 38 7.80 -2.03 -6.89
N THR A 39 7.86 -3.36 -6.72
CA THR A 39 8.62 -3.94 -5.59
C THR A 39 10.08 -3.46 -5.53
N GLU A 40 10.45 -2.85 -4.42
CA GLU A 40 11.82 -2.37 -4.19
C GLU A 40 12.35 -2.83 -2.81
N ARG A 41 13.64 -3.18 -2.72
CA ARG A 41 14.21 -3.68 -1.48
C ARG A 41 13.76 -2.82 -0.28
N GLU A 42 13.96 -1.51 -0.39
CA GLU A 42 13.64 -0.58 0.71
C GLU A 42 12.11 -0.53 0.95
N TYR A 43 11.35 -0.77 -0.11
CA TYR A 43 9.88 -0.74 -0.06
C TYR A 43 9.31 -1.90 0.79
N TYR A 44 10.03 -3.03 0.84
CA TYR A 44 9.57 -4.17 1.66
C TYR A 44 10.62 -4.63 2.71
N GLU A 45 11.76 -3.94 2.80
CA GLU A 45 12.82 -4.32 3.74
C GLU A 45 12.31 -4.44 5.20
N ASP A 46 11.65 -3.40 5.69
CA ASP A 46 11.10 -3.42 7.05
C ASP A 46 9.56 -3.56 7.03
N PHE A 47 8.96 -3.39 5.86
CA PHE A 47 7.51 -3.39 5.73
C PHE A 47 6.91 -4.81 5.80
N GLY A 48 5.62 -4.89 6.09
CA GLY A 48 4.95 -6.19 6.15
C GLY A 48 3.71 -6.19 7.05
N TYR A 49 3.73 -5.40 8.10
CA TYR A 49 2.65 -5.41 9.10
C TYR A 49 2.14 -3.99 9.41
N GLY A 50 0.81 -3.85 9.56
CA GLY A 50 0.22 -2.58 9.93
C GLY A 50 -1.00 -2.25 9.07
N GLU A 51 -1.39 -0.97 9.02
CA GLU A 51 -2.51 -0.51 8.18
C GLU A 51 -2.26 -0.80 6.69
N CYS A 52 -1.19 -0.24 6.16
CA CYS A 52 -0.65 -0.65 4.86
C CYS A 52 0.83 -0.98 5.00
N PHE A 53 1.14 -1.96 5.86
CA PHE A 53 2.53 -2.36 6.17
C PHE A 53 3.30 -1.25 6.91
N ASN A 54 2.59 -0.22 7.38
CA ASN A 54 3.23 0.95 7.98
C ASN A 54 3.15 0.92 9.52
N SER A 55 3.84 1.87 10.17
CA SER A 55 3.83 1.99 11.64
C SER A 55 3.18 3.32 12.07
N THR A 56 2.11 3.70 11.37
CA THR A 56 1.33 4.90 11.68
C THR A 56 -0.08 4.56 12.20
N GLU A 57 -0.74 5.55 12.81
CA GLU A 57 -2.08 5.38 13.40
C GLU A 57 -3.19 5.17 12.36
N SER A 58 -3.96 4.09 12.52
CA SER A 58 -5.12 3.83 11.66
C SER A 58 -6.14 4.99 11.72
N GLU A 59 -6.49 5.54 10.56
CA GLU A 59 -7.54 6.59 10.51
C GLU A 59 -8.83 6.13 9.80
N VAL A 60 -8.69 5.38 8.70
CA VAL A 60 -9.86 4.87 7.96
C VAL A 60 -9.82 3.33 7.77
N GLN A 61 -9.09 2.65 8.67
CA GLN A 61 -9.06 1.18 8.75
C GLN A 61 -8.64 0.48 7.45
N CYS A 62 -7.49 0.86 6.89
CA CYS A 62 -6.92 0.17 5.72
C CYS A 62 -6.59 -1.29 6.06
N GLU A 63 -6.37 -1.58 7.34
CA GLU A 63 -6.10 -2.96 7.79
C GLU A 63 -7.24 -3.92 7.37
N LEU A 64 -8.40 -3.35 7.05
CA LEU A 64 -9.55 -4.11 6.57
C LEU A 64 -10.00 -3.53 5.21
N ILE A 65 -10.66 -2.37 5.27
CA ILE A 65 -11.14 -1.66 4.08
C ILE A 65 -11.48 -0.19 4.42
N THR A 66 -11.31 0.70 3.44
CA THR A 66 -11.42 2.16 3.68
C THR A 66 -12.73 2.73 3.10
N GLY A 67 -13.30 2.03 2.12
CA GLY A 67 -14.30 2.62 1.23
C GLY A 67 -13.70 3.25 -0.03
N GLU A 68 -12.39 3.50 -0.01
CA GLU A 68 -11.65 3.89 -1.22
C GLU A 68 -10.92 2.72 -1.90
N PHE A 69 -10.73 1.62 -1.16
CA PHE A 69 -10.14 0.39 -1.74
C PHE A 69 -11.18 -0.47 -2.48
N ASP A 70 -12.37 0.09 -2.70
CA ASP A 70 -13.49 -0.64 -3.31
C ASP A 70 -13.17 -1.05 -4.77
N PRO A 71 -13.10 -2.37 -5.07
CA PRO A 71 -12.89 -2.88 -6.44
C PRO A 71 -13.86 -2.32 -7.52
N LYS A 72 -15.05 -1.88 -7.12
CA LYS A 72 -16.01 -1.30 -8.08
C LYS A 72 -15.44 -0.02 -8.74
N LEU A 73 -14.78 0.81 -7.94
CA LEU A 73 -14.33 2.13 -8.40
C LEU A 73 -12.82 2.13 -8.74
N LEU A 74 -12.08 1.16 -8.23
CA LEU A 74 -10.65 1.02 -8.54
C LEU A 74 -10.43 0.04 -9.70
N PRO A 75 -10.01 0.55 -10.88
CA PRO A 75 -9.55 -0.30 -12.00
C PRO A 75 -8.23 -1.03 -11.69
N TYR A 76 -8.06 -2.24 -12.25
CA TYR A 76 -6.91 -3.07 -11.91
C TYR A 76 -6.03 -3.39 -13.13
N ASP A 77 -4.92 -2.67 -13.24
CA ASP A 77 -3.88 -2.98 -14.24
C ASP A 77 -2.87 -3.97 -13.61
N LYS A 78 -1.97 -4.52 -14.42
CA LYS A 78 -1.06 -5.58 -13.95
C LYS A 78 -0.23 -5.11 -12.74
N ARG A 79 0.61 -4.09 -12.95
CA ARG A 79 1.54 -3.63 -11.91
C ARG A 79 0.82 -2.76 -10.86
N LEU A 80 -0.12 -1.94 -11.31
CA LEU A 80 -0.97 -1.15 -10.42
C LEU A 80 -1.69 -2.04 -9.39
N ALA A 81 -2.46 -3.02 -9.89
CA ALA A 81 -3.23 -3.91 -9.03
C ALA A 81 -2.34 -4.69 -8.05
N TRP A 82 -1.25 -5.28 -8.56
CA TRP A 82 -0.39 -6.12 -7.70
C TRP A 82 0.12 -5.35 -6.48
N HIS A 83 0.85 -4.26 -6.72
CA HIS A 83 1.58 -3.58 -5.64
C HIS A 83 0.66 -2.75 -4.75
N PHE A 84 -0.30 -2.05 -5.36
CA PHE A 84 -1.21 -1.18 -4.59
C PHE A 84 -2.17 -2.00 -3.69
N LYS A 85 -2.78 -3.05 -4.24
CA LYS A 85 -3.71 -3.90 -3.46
C LYS A 85 -2.97 -4.68 -2.35
N GLU A 86 -1.86 -5.33 -2.72
CA GLU A 86 -1.12 -6.21 -1.81
C GLU A 86 -0.49 -5.42 -0.64
N PHE A 87 -0.10 -4.19 -0.89
CA PHE A 87 0.48 -3.32 0.14
C PHE A 87 -0.60 -2.74 1.07
N CYS A 88 -1.68 -2.20 0.48
CA CYS A 88 -2.70 -1.47 1.25
C CYS A 88 -3.89 -2.35 1.66
N TYR A 89 -4.49 -3.04 0.69
CA TYR A 89 -5.77 -3.76 0.91
C TYR A 89 -5.55 -5.13 1.59
N LYS A 90 -4.46 -5.82 1.23
CA LYS A 90 -4.12 -7.10 1.84
C LYS A 90 -4.35 -7.07 3.36
N THR A 91 -5.35 -7.81 3.82
CA THR A 91 -5.72 -7.81 5.25
C THR A 91 -4.99 -8.91 6.05
N SER A 92 -4.45 -9.89 5.34
CA SER A 92 -3.77 -11.03 5.98
C SER A 92 -2.34 -10.68 6.40
N ALA A 93 -1.82 -11.40 7.39
CA ALA A 93 -0.46 -11.20 7.89
C ALA A 93 0.15 -12.53 8.34
N HIS A 94 0.54 -13.36 7.36
CA HIS A 94 1.04 -14.71 7.61
C HIS A 94 2.58 -14.79 7.44
N GLY A 95 3.11 -16.00 7.28
CA GLY A 95 4.52 -16.18 6.91
C GLY A 95 4.94 -15.43 5.64
N ILE A 96 3.98 -15.16 4.75
CA ILE A 96 4.16 -14.19 3.65
C ILE A 96 3.22 -12.97 3.81
N PRO A 97 3.63 -11.95 4.58
CA PRO A 97 2.80 -10.77 4.85
C PRO A 97 3.01 -9.60 3.87
N MET A 98 4.04 -9.70 3.01
CA MET A 98 4.46 -8.59 2.16
C MET A 98 3.81 -8.62 0.77
N ILE A 99 4.23 -7.72 -0.10
CA ILE A 99 3.62 -7.55 -1.44
C ILE A 99 3.78 -8.82 -2.31
N GLY A 100 4.86 -9.58 -2.08
CA GLY A 100 5.10 -10.75 -2.91
C GLY A 100 5.94 -11.85 -2.23
N GLU A 101 7.25 -11.81 -2.48
CA GLU A 101 8.16 -12.86 -2.01
C GLU A 101 8.69 -12.63 -0.59
N ALA A 102 8.15 -13.37 0.38
CA ALA A 102 8.57 -13.25 1.78
C ALA A 102 8.99 -14.63 2.33
N PRO A 103 10.29 -14.97 2.26
CA PRO A 103 10.82 -16.22 2.83
C PRO A 103 10.80 -16.26 4.37
N LEU A 104 9.61 -16.46 4.95
CA LEU A 104 9.42 -16.44 6.41
C LEU A 104 9.94 -15.11 7.02
N GLU A 105 9.68 -14.01 6.31
CA GLU A 105 10.07 -12.67 6.78
C GLU A 105 9.17 -12.18 7.91
N HIS A 106 9.36 -12.72 9.10
CA HIS A 106 8.54 -12.36 10.26
C HIS A 106 9.02 -11.04 10.86
N HIS A 107 8.73 -9.93 10.18
CA HIS A 107 9.19 -8.61 10.61
C HIS A 107 8.49 -8.15 11.89
N HIS A 108 9.18 -7.31 12.67
CA HIS A 108 8.67 -6.85 13.98
C HIS A 108 7.28 -6.19 13.89
N HIS A 109 6.38 -6.65 14.76
CA HIS A 109 5.00 -6.13 14.81
C HIS A 109 4.40 -6.41 16.20
N HIS A 110 3.24 -5.81 16.49
CA HIS A 110 2.60 -6.00 17.79
C HIS A 110 1.13 -6.39 17.64
N HIS A 111 0.63 -7.16 18.60
CA HIS A 111 -0.76 -7.62 18.59
C HIS A 111 -1.57 -6.92 19.71
N MET A 1 -13.77 12.45 0.12
CA MET A 1 -12.88 11.26 0.21
C MET A 1 -12.60 10.64 -1.18
N SER A 2 -13.56 10.79 -2.10
CA SER A 2 -13.48 10.18 -3.44
C SER A 2 -12.31 10.74 -4.27
N TRP A 3 -11.83 11.94 -3.93
CA TRP A 3 -10.62 12.50 -4.56
C TRP A 3 -9.42 11.55 -4.46
N MET A 4 -9.36 10.74 -3.40
CA MET A 4 -8.23 9.82 -3.21
C MET A 4 -8.15 8.84 -4.40
N GLN A 5 -9.29 8.22 -4.72
CA GLN A 5 -9.40 7.34 -5.89
C GLN A 5 -9.16 8.13 -7.19
N ASN A 6 -9.75 9.33 -7.27
CA ASN A 6 -9.67 10.19 -8.47
C ASN A 6 -8.22 10.45 -8.90
N LEU A 7 -7.30 10.42 -7.94
CA LEU A 7 -5.86 10.52 -8.25
C LEU A 7 -5.27 9.14 -8.61
N LYS A 8 -5.30 8.23 -7.64
CA LYS A 8 -4.56 6.96 -7.71
C LYS A 8 -5.19 5.94 -8.70
N ASN A 9 -6.40 6.20 -9.21
CA ASN A 9 -7.04 5.30 -10.18
C ASN A 9 -6.22 5.16 -11.47
N TYR A 10 -5.40 6.16 -11.75
CA TYR A 10 -4.58 6.18 -12.97
C TYR A 10 -3.23 6.85 -12.75
N GLN A 11 -2.26 6.51 -13.59
CA GLN A 11 -0.93 7.13 -13.55
C GLN A 11 -0.73 8.07 -14.74
N HIS A 12 -1.09 9.34 -14.59
CA HIS A 12 -0.83 10.35 -15.63
C HIS A 12 0.23 11.38 -15.20
N LEU A 13 0.26 11.75 -13.93
CA LEU A 13 1.21 12.78 -13.47
C LEU A 13 2.17 12.22 -12.41
N ARG A 14 3.35 12.83 -12.28
CA ARG A 14 4.33 12.44 -11.25
C ARG A 14 4.00 13.00 -9.86
N ASP A 15 2.82 13.61 -9.69
CA ASP A 15 2.45 14.19 -8.39
C ASP A 15 2.38 13.13 -7.27
N PRO A 16 3.20 13.29 -6.19
CA PRO A 16 3.21 12.36 -5.06
C PRO A 16 1.82 12.20 -4.42
N SER A 17 0.95 13.19 -4.62
CA SER A 17 -0.41 13.17 -4.07
C SER A 17 -1.18 11.90 -4.45
N GLU A 18 -0.91 11.36 -5.64
CA GLU A 18 -1.53 10.11 -6.09
C GLU A 18 -1.16 8.95 -5.14
N TYR A 19 0.05 9.00 -4.59
CA TYR A 19 0.56 7.93 -3.72
C TYR A 19 0.30 8.25 -2.24
N MET A 20 0.10 9.53 -1.93
CA MET A 20 -0.33 9.93 -0.60
C MET A 20 -1.83 9.62 -0.40
N SER A 21 -2.55 9.53 -1.52
CA SER A 21 -3.94 9.07 -1.52
C SER A 21 -4.01 7.53 -1.57
N GLN A 22 -2.97 6.90 -2.15
CA GLN A 22 -2.77 5.45 -2.02
C GLN A 22 -2.69 5.03 -0.54
N VAL A 23 -1.80 5.68 0.21
CA VAL A 23 -1.64 5.39 1.64
C VAL A 23 -1.20 6.64 2.41
N TYR A 24 -1.84 6.87 3.56
CA TYR A 24 -1.52 8.02 4.42
C TYR A 24 -0.52 7.64 5.54
N GLY A 25 0.37 6.69 5.25
CA GLY A 25 1.25 6.16 6.30
C GLY A 25 2.69 6.67 6.25
N ASP A 26 3.63 5.76 6.45
CA ASP A 26 5.07 6.10 6.55
C ASP A 26 5.65 6.69 5.24
N PRO A 27 6.58 7.66 5.38
CA PRO A 27 7.22 8.34 4.22
C PRO A 27 7.76 7.38 3.14
N LEU A 28 8.46 6.33 3.59
CA LEU A 28 9.14 5.39 2.68
C LEU A 28 8.14 4.63 1.79
N ALA A 29 6.93 4.44 2.30
CA ALA A 29 5.88 3.72 1.57
C ALA A 29 5.53 4.38 0.22
N TYR A 30 4.94 5.58 0.26
CA TYR A 30 4.57 6.29 -0.97
C TYR A 30 5.79 6.91 -1.67
N LEU A 31 6.89 7.09 -0.93
CA LEU A 31 8.15 7.58 -1.52
C LEU A 31 8.73 6.56 -2.52
N GLN A 32 8.88 5.30 -2.06
CA GLN A 32 9.41 4.24 -2.90
C GLN A 32 8.45 3.90 -4.05
N GLU A 33 7.14 3.98 -3.79
CA GLU A 33 6.14 3.78 -4.84
C GLU A 33 6.18 4.93 -5.87
N THR A 34 6.42 6.15 -5.39
CA THR A 34 6.53 7.32 -6.29
C THR A 34 7.73 7.21 -7.23
N THR A 35 8.86 6.77 -6.68
CA THR A 35 10.12 6.70 -7.45
C THR A 35 10.22 5.40 -8.29
N LYS A 36 9.61 4.31 -7.82
CA LYS A 36 9.66 3.03 -8.53
C LYS A 36 8.29 2.59 -9.11
N PHE A 37 7.24 2.63 -8.26
CA PHE A 37 5.90 2.13 -8.60
C PHE A 37 5.80 0.59 -8.40
N VAL A 38 6.93 -0.03 -8.06
CA VAL A 38 7.06 -1.49 -8.01
C VAL A 38 7.86 -1.94 -6.76
N THR A 39 7.90 -3.24 -6.50
CA THR A 39 8.65 -3.77 -5.35
C THR A 39 10.11 -3.28 -5.32
N GLU A 40 10.41 -2.40 -4.35
CA GLU A 40 11.79 -1.96 -4.08
C GLU A 40 12.31 -2.55 -2.76
N ARG A 41 13.62 -2.83 -2.68
CA ARG A 41 14.21 -3.40 -1.46
C ARG A 41 13.73 -2.65 -0.21
N GLU A 42 13.90 -1.33 -0.22
CA GLU A 42 13.53 -0.50 0.94
C GLU A 42 12.00 -0.47 1.15
N TYR A 43 11.27 -0.65 0.06
CA TYR A 43 9.80 -0.66 0.06
C TYR A 43 9.24 -1.85 0.87
N TYR A 44 9.97 -2.98 0.91
CA TYR A 44 9.55 -4.14 1.72
C TYR A 44 10.59 -4.57 2.78
N GLU A 45 11.72 -3.86 2.86
CA GLU A 45 12.80 -4.21 3.81
C GLU A 45 12.29 -4.29 5.26
N ASP A 46 11.60 -3.26 5.72
CA ASP A 46 11.04 -3.25 7.09
C ASP A 46 9.51 -3.40 7.07
N PHE A 47 8.91 -3.29 5.89
CA PHE A 47 7.46 -3.27 5.75
C PHE A 47 6.85 -4.69 5.80
N GLY A 48 5.57 -4.77 6.12
CA GLY A 48 4.89 -6.06 6.17
C GLY A 48 3.67 -6.08 7.09
N TYR A 49 3.72 -5.30 8.17
CA TYR A 49 2.64 -5.29 9.17
C TYR A 49 2.12 -3.87 9.43
N GLY A 50 0.81 -3.73 9.57
CA GLY A 50 0.20 -2.44 9.87
C GLY A 50 -0.93 -2.10 8.90
N GLU A 51 -1.56 -0.93 9.08
CA GLU A 51 -2.65 -0.49 8.19
C GLU A 51 -2.35 -0.80 6.73
N CYS A 52 -1.26 -0.25 6.22
CA CYS A 52 -0.71 -0.65 4.92
C CYS A 52 0.79 -0.94 5.06
N PHE A 53 1.12 -1.90 5.93
CA PHE A 53 2.52 -2.27 6.21
C PHE A 53 3.28 -1.14 6.96
N ASN A 54 2.56 -0.12 7.42
CA ASN A 54 3.19 1.06 8.02
C ASN A 54 3.13 1.03 9.56
N SER A 55 3.84 1.98 10.19
CA SER A 55 3.85 2.13 11.65
C SER A 55 3.20 3.45 12.08
N THR A 56 2.13 3.83 11.40
CA THR A 56 1.35 5.03 11.70
C THR A 56 -0.04 4.70 12.27
N GLU A 57 -0.69 5.71 12.85
CA GLU A 57 -2.03 5.55 13.45
C GLU A 57 -3.16 5.34 12.42
N SER A 58 -3.91 4.25 12.58
CA SER A 58 -5.07 3.97 11.74
C SER A 58 -6.07 5.14 11.76
N GLU A 59 -6.50 5.59 10.57
CA GLU A 59 -7.54 6.65 10.50
C GLU A 59 -8.85 6.17 9.83
N VAL A 60 -8.73 5.32 8.80
CA VAL A 60 -9.92 4.82 8.08
C VAL A 60 -9.87 3.28 7.89
N GLN A 61 -9.14 2.60 8.78
CA GLN A 61 -9.10 1.12 8.85
C GLN A 61 -8.68 0.44 7.54
N CYS A 62 -7.53 0.82 6.99
CA CYS A 62 -7.01 0.18 5.77
C CYS A 62 -6.72 -1.30 5.99
N GLU A 63 -6.48 -1.68 7.25
CA GLU A 63 -6.21 -3.09 7.59
C GLU A 63 -7.41 -4.00 7.25
N LEU A 64 -8.55 -3.39 6.95
CA LEU A 64 -9.73 -4.10 6.48
C LEU A 64 -10.19 -3.50 5.14
N ILE A 65 -10.80 -2.31 5.22
CA ILE A 65 -11.25 -1.56 4.04
C ILE A 65 -11.57 -0.09 4.41
N THR A 66 -11.38 0.83 3.46
CA THR A 66 -11.49 2.28 3.74
C THR A 66 -12.77 2.88 3.10
N GLY A 67 -13.31 2.20 2.10
CA GLY A 67 -14.27 2.83 1.19
C GLY A 67 -13.64 3.43 -0.07
N GLU A 68 -12.33 3.63 -0.03
CA GLU A 68 -11.57 4.02 -1.24
C GLU A 68 -10.85 2.85 -1.91
N PHE A 69 -10.82 1.68 -1.26
CA PHE A 69 -10.25 0.47 -1.85
C PHE A 69 -11.31 -0.36 -2.62
N ASP A 70 -12.46 0.25 -2.90
CA ASP A 70 -13.59 -0.44 -3.54
C ASP A 70 -13.24 -0.86 -5.00
N PRO A 71 -13.20 -2.17 -5.29
CA PRO A 71 -12.96 -2.70 -6.66
C PRO A 71 -13.88 -2.14 -7.76
N LYS A 72 -15.08 -1.67 -7.41
CA LYS A 72 -16.02 -1.14 -8.41
C LYS A 72 -15.53 0.24 -8.93
N LEU A 73 -14.82 0.98 -8.08
CA LEU A 73 -14.36 2.34 -8.44
C LEU A 73 -12.86 2.37 -8.78
N LEU A 74 -12.11 1.39 -8.29
CA LEU A 74 -10.67 1.30 -8.59
C LEU A 74 -10.43 0.32 -9.77
N PRO A 75 -10.02 0.84 -10.95
CA PRO A 75 -9.54 0.00 -12.06
C PRO A 75 -8.20 -0.69 -11.76
N TYR A 76 -8.01 -1.89 -12.32
CA TYR A 76 -6.84 -2.72 -11.97
C TYR A 76 -5.93 -3.00 -13.18
N ASP A 77 -4.81 -2.28 -13.23
CA ASP A 77 -3.75 -2.58 -14.19
C ASP A 77 -2.83 -3.67 -13.61
N LYS A 78 -1.93 -4.22 -14.42
CA LYS A 78 -1.10 -5.35 -13.99
C LYS A 78 -0.25 -4.99 -12.76
N ARG A 79 0.67 -4.03 -12.92
CA ARG A 79 1.64 -3.70 -11.88
C ARG A 79 1.00 -2.85 -10.77
N LEU A 80 0.11 -1.94 -11.15
CA LEU A 80 -0.66 -1.13 -10.20
C LEU A 80 -1.47 -2.04 -9.24
N ALA A 81 -2.31 -2.90 -9.80
CA ALA A 81 -3.15 -3.80 -9.00
C ALA A 81 -2.33 -4.64 -8.04
N TRP A 82 -1.23 -5.25 -8.52
CA TRP A 82 -0.39 -6.09 -7.66
C TRP A 82 0.12 -5.32 -6.44
N HIS A 83 0.87 -4.25 -6.67
CA HIS A 83 1.58 -3.56 -5.59
C HIS A 83 0.64 -2.71 -4.73
N PHE A 84 -0.30 -2.02 -5.36
CA PHE A 84 -1.23 -1.16 -4.61
C PHE A 84 -2.19 -1.97 -3.71
N LYS A 85 -2.79 -3.03 -4.24
CA LYS A 85 -3.73 -3.86 -3.47
C LYS A 85 -3.00 -4.64 -2.35
N GLU A 86 -1.91 -5.31 -2.71
CA GLU A 86 -1.17 -6.18 -1.77
C GLU A 86 -0.55 -5.38 -0.62
N PHE A 87 -0.13 -4.15 -0.90
CA PHE A 87 0.46 -3.28 0.12
C PHE A 87 -0.61 -2.69 1.05
N CYS A 88 -1.70 -2.17 0.48
CA CYS A 88 -2.72 -1.46 1.26
C CYS A 88 -3.92 -2.35 1.64
N TYR A 89 -4.56 -2.97 0.65
CA TYR A 89 -5.83 -3.70 0.87
C TYR A 89 -5.61 -5.06 1.57
N LYS A 90 -4.53 -5.75 1.22
CA LYS A 90 -4.21 -7.03 1.85
C LYS A 90 -4.47 -7.01 3.37
N THR A 91 -5.47 -7.75 3.81
CA THR A 91 -5.89 -7.72 5.22
C THR A 91 -5.16 -8.76 6.09
N SER A 92 -4.56 -9.76 5.43
CA SER A 92 -3.87 -10.85 6.13
C SER A 92 -2.48 -10.41 6.60
N ALA A 93 -1.99 -11.07 7.66
CA ALA A 93 -0.68 -10.77 8.24
C ALA A 93 -0.05 -12.03 8.84
N HIS A 94 0.44 -12.92 7.97
CA HIS A 94 0.97 -14.22 8.40
C HIS A 94 2.49 -14.31 8.08
N GLY A 95 3.00 -15.55 7.92
CA GLY A 95 4.39 -15.75 7.51
C GLY A 95 4.74 -15.10 6.16
N ILE A 96 3.73 -14.90 5.30
CA ILE A 96 3.88 -14.08 4.08
C ILE A 96 2.97 -12.83 4.11
N PRO A 97 3.39 -11.75 4.79
CA PRO A 97 2.55 -10.57 4.99
C PRO A 97 2.81 -9.43 3.98
N MET A 98 3.83 -9.60 3.14
CA MET A 98 4.32 -8.51 2.26
C MET A 98 3.67 -8.57 0.87
N ILE A 99 4.13 -7.68 -0.02
CA ILE A 99 3.54 -7.54 -1.36
C ILE A 99 3.67 -8.82 -2.21
N GLY A 100 4.71 -9.62 -1.94
CA GLY A 100 4.92 -10.83 -2.72
C GLY A 100 5.72 -11.93 -2.00
N GLU A 101 7.03 -11.95 -2.22
CA GLU A 101 7.90 -13.00 -1.67
C GLU A 101 8.41 -12.69 -0.26
N ALA A 102 7.81 -13.33 0.74
CA ALA A 102 8.21 -13.14 2.14
C ALA A 102 8.55 -14.49 2.78
N PRO A 103 9.84 -14.87 2.81
CA PRO A 103 10.32 -16.12 3.45
C PRO A 103 10.20 -16.11 4.98
N LEU A 104 8.97 -16.25 5.51
CA LEU A 104 8.71 -16.19 6.96
C LEU A 104 9.25 -14.87 7.57
N GLU A 105 9.10 -13.78 6.83
CA GLU A 105 9.59 -12.46 7.25
C GLU A 105 8.64 -11.81 8.27
N HIS A 106 8.87 -12.07 9.55
CA HIS A 106 8.08 -11.45 10.61
C HIS A 106 8.74 -10.14 11.08
N HIS A 107 8.58 -9.08 10.30
CA HIS A 107 9.21 -7.79 10.60
C HIS A 107 8.56 -7.11 11.81
N HIS A 108 9.35 -6.32 12.54
CA HIS A 108 8.91 -5.71 13.81
C HIS A 108 7.56 -4.98 13.71
N HIS A 109 6.66 -5.29 14.63
CA HIS A 109 5.32 -4.70 14.67
C HIS A 109 4.74 -4.83 16.09
N HIS A 110 3.62 -4.17 16.35
CA HIS A 110 2.99 -4.22 17.67
C HIS A 110 1.50 -4.54 17.57
N HIS A 111 0.97 -5.20 18.59
CA HIS A 111 -0.44 -5.58 18.63
C HIS A 111 -1.19 -4.75 19.70
N MET A 1 -13.40 12.33 0.22
CA MET A 1 -12.57 11.08 0.28
C MET A 1 -12.36 10.47 -1.12
N SER A 2 -13.33 10.68 -2.02
CA SER A 2 -13.28 10.12 -3.39
C SER A 2 -12.13 10.70 -4.23
N TRP A 3 -11.65 11.90 -3.86
CA TRP A 3 -10.45 12.47 -4.51
C TRP A 3 -9.24 11.53 -4.44
N MET A 4 -9.19 10.68 -3.42
CA MET A 4 -8.10 9.70 -3.30
C MET A 4 -8.14 8.73 -4.49
N GLN A 5 -9.33 8.17 -4.76
CA GLN A 5 -9.55 7.30 -5.92
C GLN A 5 -9.30 8.05 -7.24
N ASN A 6 -9.76 9.30 -7.30
CA ASN A 6 -9.64 10.15 -8.50
C ASN A 6 -8.18 10.37 -8.91
N LEU A 7 -7.27 10.39 -7.93
CA LEU A 7 -5.84 10.50 -8.20
C LEU A 7 -5.28 9.16 -8.71
N LYS A 8 -5.52 8.09 -7.94
CA LYS A 8 -4.92 6.78 -8.18
C LYS A 8 -5.60 5.99 -9.34
N ASN A 9 -6.74 6.46 -9.86
CA ASN A 9 -7.45 5.77 -10.94
C ASN A 9 -6.69 5.87 -12.27
N TYR A 10 -5.73 6.78 -12.33
CA TYR A 10 -4.88 6.95 -13.51
C TYR A 10 -3.48 7.47 -13.15
N GLN A 11 -2.51 7.21 -14.01
CA GLN A 11 -1.17 7.74 -13.85
C GLN A 11 -0.86 8.80 -14.93
N HIS A 12 -1.21 10.05 -14.66
CA HIS A 12 -0.91 11.14 -15.61
C HIS A 12 0.12 12.15 -15.07
N LEU A 13 0.33 12.17 -13.75
CA LEU A 13 1.23 13.16 -13.15
C LEU A 13 2.24 12.50 -12.20
N ARG A 14 3.44 13.09 -12.07
CA ARG A 14 4.44 12.62 -11.10
C ARG A 14 4.18 13.13 -9.67
N ASP A 15 3.04 13.78 -9.44
CA ASP A 15 2.74 14.32 -8.10
C ASP A 15 2.65 13.21 -7.02
N PRO A 16 3.50 13.27 -5.98
CA PRO A 16 3.48 12.28 -4.88
C PRO A 16 2.10 12.17 -4.21
N SER A 17 1.30 13.22 -4.35
CA SER A 17 -0.04 13.27 -3.74
C SER A 17 -0.90 12.05 -4.13
N GLU A 18 -0.70 11.54 -5.35
CA GLU A 18 -1.44 10.36 -5.80
C GLU A 18 -1.14 9.14 -4.89
N TYR A 19 0.08 9.10 -4.34
CA TYR A 19 0.54 7.94 -3.56
C TYR A 19 0.42 8.21 -2.05
N MET A 20 0.45 9.49 -1.67
CA MET A 20 0.11 9.90 -0.30
C MET A 20 -1.40 9.72 -0.06
N SER A 21 -2.18 9.78 -1.15
CA SER A 21 -3.61 9.45 -1.11
C SER A 21 -3.83 7.94 -1.19
N GLN A 22 -2.90 7.23 -1.83
CA GLN A 22 -2.89 5.75 -1.83
C GLN A 22 -2.69 5.21 -0.40
N VAL A 23 -1.71 5.77 0.32
CA VAL A 23 -1.43 5.38 1.69
C VAL A 23 -0.90 6.56 2.52
N TYR A 24 -1.46 6.72 3.72
CA TYR A 24 -1.10 7.84 4.61
C TYR A 24 -0.08 7.42 5.68
N GLY A 25 0.77 6.44 5.36
CA GLY A 25 1.67 5.86 6.35
C GLY A 25 3.10 6.36 6.29
N ASP A 26 4.05 5.44 6.52
CA ASP A 26 5.49 5.76 6.56
C ASP A 26 6.00 6.41 5.26
N PRO A 27 6.91 7.40 5.39
CA PRO A 27 7.46 8.17 4.25
C PRO A 27 7.97 7.29 3.09
N LEU A 28 8.66 6.20 3.43
CA LEU A 28 9.28 5.31 2.43
C LEU A 28 8.22 4.62 1.55
N ALA A 29 7.01 4.46 2.09
CA ALA A 29 5.92 3.80 1.38
C ALA A 29 5.56 4.51 0.05
N TYR A 30 5.02 5.72 0.15
CA TYR A 30 4.65 6.49 -1.06
C TYR A 30 5.89 7.08 -1.76
N LEU A 31 7.01 7.20 -1.04
CA LEU A 31 8.27 7.66 -1.65
C LEU A 31 8.78 6.66 -2.69
N GLN A 32 8.80 5.38 -2.32
CA GLN A 32 9.26 4.33 -3.24
C GLN A 32 8.19 4.05 -4.32
N GLU A 33 6.92 4.23 -3.98
CA GLU A 33 5.83 4.11 -4.96
C GLU A 33 5.88 5.28 -5.97
N THR A 34 6.35 6.44 -5.52
CA THR A 34 6.52 7.62 -6.41
C THR A 34 7.71 7.44 -7.35
N THR A 35 8.84 7.02 -6.80
CA THR A 35 10.12 6.97 -7.54
C THR A 35 10.29 5.64 -8.32
N LYS A 36 9.63 4.57 -7.87
CA LYS A 36 9.70 3.28 -8.55
C LYS A 36 8.33 2.79 -9.08
N PHE A 37 7.30 2.86 -8.23
CA PHE A 37 5.93 2.41 -8.57
C PHE A 37 5.80 0.87 -8.49
N VAL A 38 6.93 0.20 -8.20
CA VAL A 38 7.04 -1.26 -8.31
C VAL A 38 7.85 -1.84 -7.14
N THR A 39 8.01 -3.16 -7.10
CA THR A 39 8.77 -3.82 -6.03
C THR A 39 10.18 -3.23 -5.85
N GLU A 40 10.48 -2.78 -4.63
CA GLU A 40 11.81 -2.23 -4.29
C GLU A 40 12.25 -2.71 -2.90
N ARG A 41 13.54 -3.07 -2.74
CA ARG A 41 14.02 -3.66 -1.50
C ARG A 41 13.52 -2.86 -0.27
N GLU A 42 13.84 -1.57 -0.25
CA GLU A 42 13.51 -0.71 0.90
C GLU A 42 11.98 -0.57 1.07
N TYR A 43 11.26 -0.68 -0.04
CA TYR A 43 9.80 -0.57 -0.07
C TYR A 43 9.11 -1.71 0.70
N TYR A 44 9.74 -2.89 0.74
CA TYR A 44 9.19 -4.02 1.51
C TYR A 44 10.18 -4.59 2.55
N GLU A 45 11.38 -4.02 2.65
CA GLU A 45 12.36 -4.44 3.68
C GLU A 45 12.00 -3.91 5.08
N ASP A 46 11.73 -2.61 5.19
CA ASP A 46 11.29 -2.02 6.45
C ASP A 46 9.77 -2.14 6.64
N PHE A 47 9.11 -2.84 5.72
CA PHE A 47 7.65 -2.99 5.76
C PHE A 47 7.22 -4.46 5.86
N GLY A 48 5.93 -4.68 6.08
CA GLY A 48 5.39 -6.04 6.05
C GLY A 48 4.12 -6.20 6.87
N TYR A 49 4.03 -5.50 8.00
CA TYR A 49 2.84 -5.58 8.87
C TYR A 49 2.32 -4.18 9.25
N GLY A 50 1.00 -4.04 9.27
CA GLY A 50 0.38 -2.76 9.60
C GLY A 50 -0.74 -2.40 8.64
N GLU A 51 -1.35 -1.22 8.83
CA GLU A 51 -2.44 -0.75 7.95
C GLU A 51 -2.15 -1.04 6.47
N CYS A 52 -1.04 -0.50 5.98
CA CYS A 52 -0.51 -0.87 4.66
C CYS A 52 0.95 -1.29 4.79
N PHE A 53 1.20 -2.33 5.60
CA PHE A 53 2.57 -2.84 5.85
C PHE A 53 3.43 -1.83 6.64
N ASN A 54 2.82 -0.77 7.14
CA ASN A 54 3.57 0.35 7.74
C ASN A 54 3.49 0.35 9.28
N SER A 55 4.22 1.29 9.89
CA SER A 55 4.26 1.41 11.36
C SER A 55 3.65 2.74 11.83
N THR A 56 2.56 3.14 11.17
CA THR A 56 1.79 4.33 11.54
C THR A 56 0.38 3.99 12.06
N GLU A 57 -0.25 4.96 12.74
CA GLU A 57 -1.58 4.77 13.35
C GLU A 57 -2.73 4.67 12.33
N SER A 58 -3.56 3.64 12.48
CA SER A 58 -4.76 3.47 11.65
C SER A 58 -5.68 4.70 11.74
N GLU A 59 -6.12 5.22 10.59
CA GLU A 59 -7.11 6.31 10.58
C GLU A 59 -8.44 5.92 9.91
N VAL A 60 -8.39 5.12 8.85
CA VAL A 60 -9.61 4.68 8.15
C VAL A 60 -9.63 3.15 7.92
N GLN A 61 -8.91 2.42 8.77
CA GLN A 61 -8.88 0.93 8.78
C GLN A 61 -8.51 0.30 7.42
N CYS A 62 -7.37 0.71 6.85
CA CYS A 62 -6.91 0.15 5.57
C CYS A 62 -6.68 -1.36 5.69
N GLU A 63 -6.35 -1.84 6.90
CA GLU A 63 -6.14 -3.27 7.13
C GLU A 63 -7.21 -4.13 6.41
N LEU A 64 -8.47 -3.74 6.58
CA LEU A 64 -9.60 -4.45 5.97
C LEU A 64 -9.98 -3.75 4.65
N ILE A 65 -10.49 -2.53 4.77
CA ILE A 65 -10.88 -1.69 3.63
C ILE A 65 -11.18 -0.25 4.07
N THR A 66 -11.02 0.72 3.16
CA THR A 66 -11.16 2.14 3.49
C THR A 66 -12.48 2.72 2.97
N GLY A 67 -13.11 2.02 2.02
CA GLY A 67 -14.13 2.63 1.18
C GLY A 67 -13.59 3.19 -0.14
N GLU A 68 -12.28 3.47 -0.18
CA GLU A 68 -11.59 3.83 -1.42
C GLU A 68 -10.82 2.65 -2.05
N PHE A 69 -10.51 1.63 -1.25
CA PHE A 69 -9.78 0.45 -1.75
C PHE A 69 -10.71 -0.55 -2.49
N ASP A 70 -11.95 -0.13 -2.76
CA ASP A 70 -12.92 -0.97 -3.44
C ASP A 70 -12.48 -1.28 -4.90
N PRO A 71 -12.21 -2.57 -5.23
CA PRO A 71 -11.80 -3.00 -6.59
C PRO A 71 -12.78 -2.60 -7.73
N LYS A 72 -14.05 -2.35 -7.42
CA LYS A 72 -15.05 -2.04 -8.45
C LYS A 72 -14.80 -0.64 -9.05
N LEU A 73 -14.24 0.26 -8.26
CA LEU A 73 -14.07 1.67 -8.66
C LEU A 73 -12.62 1.97 -9.10
N LEU A 74 -11.66 1.18 -8.62
CA LEU A 74 -10.26 1.35 -9.03
C LEU A 74 -9.92 0.38 -10.19
N PRO A 75 -9.65 0.93 -11.40
CA PRO A 75 -9.11 0.14 -12.52
C PRO A 75 -7.67 -0.37 -12.28
N TYR A 76 -7.37 -1.57 -12.76
CA TYR A 76 -6.10 -2.21 -12.42
C TYR A 76 -5.24 -2.50 -13.66
N ASP A 77 -4.03 -1.96 -13.67
CA ASP A 77 -2.95 -2.45 -14.54
C ASP A 77 -2.25 -3.62 -13.84
N LYS A 78 -1.38 -4.34 -14.55
CA LYS A 78 -0.64 -5.47 -13.96
C LYS A 78 0.21 -5.02 -12.74
N ARG A 79 1.02 -3.99 -12.93
CA ARG A 79 1.91 -3.50 -11.87
C ARG A 79 1.12 -2.76 -10.78
N LEU A 80 0.18 -1.92 -11.20
CA LEU A 80 -0.75 -1.26 -10.27
C LEU A 80 -1.50 -2.28 -9.40
N ALA A 81 -2.01 -3.33 -10.04
CA ALA A 81 -2.79 -4.36 -9.34
C ALA A 81 -2.02 -4.98 -8.17
N TRP A 82 -0.87 -5.62 -8.45
CA TRP A 82 -0.10 -6.28 -7.39
C TRP A 82 0.30 -5.31 -6.28
N HIS A 83 1.00 -4.23 -6.65
CA HIS A 83 1.73 -3.41 -5.67
C HIS A 83 0.78 -2.59 -4.79
N PHE A 84 -0.24 -1.99 -5.39
CA PHE A 84 -1.27 -1.28 -4.62
C PHE A 84 -2.06 -2.22 -3.70
N LYS A 85 -2.66 -3.29 -4.27
CA LYS A 85 -3.48 -4.22 -3.49
C LYS A 85 -2.65 -4.96 -2.42
N GLU A 86 -1.47 -5.45 -2.82
CA GLU A 86 -0.61 -6.26 -1.94
C GLU A 86 -0.09 -5.46 -0.73
N PHE A 87 0.31 -4.22 -0.97
CA PHE A 87 0.86 -3.35 0.08
C PHE A 87 -0.24 -2.76 0.97
N CYS A 88 -1.29 -2.21 0.37
CA CYS A 88 -2.29 -1.43 1.10
C CYS A 88 -3.52 -2.27 1.50
N TYR A 89 -3.98 -3.15 0.61
CA TYR A 89 -5.27 -3.84 0.79
C TYR A 89 -5.09 -5.29 1.30
N LYS A 90 -3.87 -5.64 1.71
CA LYS A 90 -3.60 -6.97 2.25
C LYS A 90 -4.44 -7.27 3.50
N THR A 91 -5.42 -8.15 3.35
CA THR A 91 -6.21 -8.63 4.51
C THR A 91 -5.66 -9.95 5.09
N SER A 92 -4.79 -10.61 4.34
CA SER A 92 -4.20 -11.89 4.76
C SER A 92 -2.82 -11.68 5.40
N ALA A 93 -2.33 -12.71 6.10
CA ALA A 93 -1.02 -12.67 6.75
C ALA A 93 -0.34 -14.06 6.68
N HIS A 94 0.34 -14.32 5.57
CA HIS A 94 0.93 -15.63 5.30
C HIS A 94 2.46 -15.60 5.49
N GLY A 95 3.17 -16.63 5.01
CA GLY A 95 4.63 -16.71 5.16
C GLY A 95 5.38 -15.56 4.48
N ILE A 96 4.78 -14.98 3.43
CA ILE A 96 5.32 -13.75 2.80
C ILE A 96 4.41 -12.53 3.07
N PRO A 97 4.69 -11.77 4.16
CA PRO A 97 3.98 -10.51 4.44
C PRO A 97 4.49 -9.31 3.62
N MET A 98 5.53 -9.52 2.81
CA MET A 98 6.15 -8.44 2.03
C MET A 98 5.59 -8.38 0.60
N ILE A 99 5.98 -7.34 -0.14
CA ILE A 99 5.59 -7.17 -1.55
C ILE A 99 6.14 -8.28 -2.45
N GLY A 100 7.22 -8.94 -2.02
CA GLY A 100 7.84 -9.96 -2.85
C GLY A 100 8.62 -11.04 -2.08
N GLU A 101 9.92 -10.83 -1.95
CA GLU A 101 10.81 -11.83 -1.35
C GLU A 101 10.88 -11.77 0.19
N ALA A 102 10.22 -12.72 0.84
CA ALA A 102 10.27 -12.85 2.30
C ALA A 102 10.46 -14.31 2.71
N PRO A 103 11.71 -14.82 2.67
CA PRO A 103 12.04 -16.19 3.14
C PRO A 103 11.92 -16.37 4.66
N LEU A 104 10.69 -16.50 5.16
CA LEU A 104 10.42 -16.51 6.61
C LEU A 104 10.95 -15.22 7.29
N GLU A 105 10.86 -14.10 6.57
CA GLU A 105 11.25 -12.79 7.09
C GLU A 105 10.03 -11.94 7.48
N HIS A 106 9.60 -12.08 8.72
CA HIS A 106 8.41 -11.37 9.21
C HIS A 106 8.82 -10.09 9.95
N HIS A 107 8.30 -8.95 9.50
CA HIS A 107 8.57 -7.66 10.17
C HIS A 107 7.94 -7.62 11.57
N HIS A 108 8.67 -7.03 12.53
CA HIS A 108 8.17 -6.84 13.90
C HIS A 108 6.76 -6.20 13.95
N HIS A 109 5.91 -6.78 14.78
CA HIS A 109 4.52 -6.34 14.93
C HIS A 109 3.94 -6.87 16.26
N HIS A 110 2.77 -6.39 16.65
CA HIS A 110 2.13 -6.84 17.89
C HIS A 110 0.68 -7.26 17.66
N HIS A 111 0.22 -8.20 18.47
CA HIS A 111 -1.16 -8.72 18.37
C HIS A 111 -1.99 -8.25 19.59
N MET A 1 -13.11 12.53 -1.03
CA MET A 1 -12.09 11.45 -0.96
C MET A 1 -11.97 10.69 -2.30
N SER A 2 -13.00 10.80 -3.13
CA SER A 2 -13.06 10.09 -4.43
C SER A 2 -11.90 10.48 -5.37
N TRP A 3 -11.33 11.67 -5.18
CA TRP A 3 -10.13 12.07 -5.93
C TRP A 3 -8.97 11.07 -5.77
N MET A 4 -8.95 10.35 -4.65
CA MET A 4 -7.85 9.40 -4.38
C MET A 4 -7.81 8.32 -5.48
N GLN A 5 -8.97 7.71 -5.74
CA GLN A 5 -9.11 6.73 -6.83
C GLN A 5 -8.94 7.40 -8.21
N ASN A 6 -9.46 8.61 -8.33
CA ASN A 6 -9.40 9.38 -9.60
C ASN A 6 -7.95 9.63 -10.05
N LEU A 7 -7.01 9.62 -9.12
CA LEU A 7 -5.59 9.74 -9.45
C LEU A 7 -4.93 8.36 -9.58
N LYS A 8 -4.97 7.58 -8.51
CA LYS A 8 -4.20 6.33 -8.39
C LYS A 8 -4.64 5.23 -9.40
N ASN A 9 -5.79 5.40 -10.07
CA ASN A 9 -6.25 4.42 -11.07
C ASN A 9 -5.42 4.48 -12.36
N TYR A 10 -4.63 5.54 -12.50
CA TYR A 10 -3.73 5.70 -13.65
C TYR A 10 -2.58 6.65 -13.35
N GLN A 11 -1.44 6.41 -14.01
CA GLN A 11 -0.26 7.26 -13.84
C GLN A 11 -0.11 8.22 -15.02
N HIS A 12 -0.86 9.33 -14.99
CA HIS A 12 -0.71 10.38 -16.02
C HIS A 12 -0.08 11.67 -15.47
N LEU A 13 0.27 11.70 -14.18
CA LEU A 13 0.83 12.91 -13.59
C LEU A 13 1.71 12.59 -12.37
N ARG A 14 2.59 13.51 -11.98
CA ARG A 14 3.54 13.26 -10.88
C ARG A 14 3.02 13.76 -9.52
N ASP A 15 1.70 13.93 -9.37
CA ASP A 15 1.15 14.45 -8.11
C ASP A 15 1.39 13.51 -6.92
N PRO A 16 2.16 13.95 -5.90
CA PRO A 16 2.46 13.14 -4.71
C PRO A 16 1.19 12.72 -3.95
N SER A 17 0.11 13.49 -4.13
CA SER A 17 -1.13 13.32 -3.34
C SER A 17 -1.65 11.88 -3.40
N GLU A 18 -1.57 11.26 -4.58
CA GLU A 18 -2.13 9.90 -4.77
C GLU A 18 -1.35 8.87 -3.93
N TYR A 19 -0.11 9.20 -3.58
CA TYR A 19 0.77 8.29 -2.83
C TYR A 19 0.68 8.57 -1.32
N MET A 20 0.48 9.83 -0.96
CA MET A 20 0.26 10.20 0.44
C MET A 20 -1.10 9.68 0.93
N SER A 21 -2.06 9.61 0.00
CA SER A 21 -3.38 9.04 0.28
C SER A 21 -3.35 7.51 0.15
N GLN A 22 -2.45 6.99 -0.70
CA GLN A 22 -2.19 5.54 -0.76
C GLN A 22 -1.70 5.01 0.60
N VAL A 23 -0.59 5.55 1.08
CA VAL A 23 -0.07 5.19 2.40
C VAL A 23 0.30 6.43 3.22
N TYR A 24 -0.46 6.66 4.29
CA TYR A 24 -0.19 7.78 5.21
C TYR A 24 0.74 7.37 6.37
N GLY A 25 1.30 6.17 6.28
CA GLY A 25 2.27 5.71 7.29
C GLY A 25 3.73 6.03 6.96
N ASP A 26 4.61 5.07 7.26
CA ASP A 26 6.06 5.22 7.07
C ASP A 26 6.42 5.96 5.76
N PRO A 27 7.30 7.00 5.85
CA PRO A 27 7.74 7.80 4.69
C PRO A 27 8.25 6.96 3.51
N LEU A 28 8.96 5.87 3.81
CA LEU A 28 9.65 5.05 2.79
C LEU A 28 8.66 4.44 1.79
N ALA A 29 7.44 4.14 2.26
CA ALA A 29 6.42 3.50 1.43
C ALA A 29 6.02 4.36 0.21
N TYR A 30 5.38 5.49 0.47
CA TYR A 30 4.93 6.37 -0.63
C TYR A 30 6.09 7.15 -1.27
N LEU A 31 7.21 7.26 -0.57
CA LEU A 31 8.44 7.84 -1.14
C LEU A 31 8.95 6.99 -2.32
N GLN A 32 9.13 5.69 -2.08
CA GLN A 32 9.61 4.78 -3.12
C GLN A 32 8.58 4.62 -4.23
N GLU A 33 7.29 4.63 -3.87
CA GLU A 33 6.22 4.53 -4.87
C GLU A 33 6.16 5.79 -5.76
N THR A 34 6.40 6.96 -5.15
CA THR A 34 6.42 8.23 -5.90
C THR A 34 7.58 8.27 -6.91
N THR A 35 8.75 7.79 -6.49
CA THR A 35 9.98 7.91 -7.29
C THR A 35 10.17 6.71 -8.24
N LYS A 36 9.59 5.56 -7.90
CA LYS A 36 9.74 4.34 -8.71
C LYS A 36 8.40 3.80 -9.26
N PHE A 37 7.36 3.76 -8.40
CA PHE A 37 6.02 3.27 -8.76
C PHE A 37 6.02 1.74 -8.98
N VAL A 38 7.05 1.07 -8.44
CA VAL A 38 7.26 -0.38 -8.64
C VAL A 38 7.93 -1.01 -7.40
N THR A 39 8.08 -2.33 -7.41
CA THR A 39 8.67 -3.04 -6.26
C THR A 39 10.14 -2.64 -6.00
N GLU A 40 10.43 -2.30 -4.74
CA GLU A 40 11.80 -2.00 -4.30
C GLU A 40 12.19 -2.85 -3.07
N ARG A 41 13.45 -3.25 -2.97
CA ARG A 41 13.92 -4.03 -1.81
C ARG A 41 13.45 -3.37 -0.50
N GLU A 42 13.77 -2.09 -0.34
CA GLU A 42 13.47 -1.37 0.91
C GLU A 42 11.96 -1.25 1.14
N TYR A 43 11.21 -1.16 0.04
CA TYR A 43 9.74 -1.04 0.07
C TYR A 43 9.09 -2.23 0.81
N TYR A 44 9.68 -3.43 0.70
CA TYR A 44 9.14 -4.61 1.41
C TYR A 44 10.17 -5.28 2.36
N GLU A 45 11.38 -4.73 2.44
CA GLU A 45 12.41 -5.23 3.38
C GLU A 45 12.08 -4.85 4.85
N ASP A 46 11.89 -3.57 5.12
CA ASP A 46 11.49 -3.12 6.46
C ASP A 46 9.96 -3.18 6.65
N PHE A 47 9.24 -3.48 5.58
CA PHE A 47 7.78 -3.55 5.61
C PHE A 47 7.26 -5.00 5.60
N GLY A 48 5.96 -5.16 5.81
CA GLY A 48 5.34 -6.48 5.72
C GLY A 48 4.06 -6.61 6.53
N TYR A 49 4.01 -5.95 7.68
CA TYR A 49 2.83 -6.02 8.57
C TYR A 49 2.34 -4.63 8.98
N GLY A 50 1.02 -4.47 9.03
CA GLY A 50 0.42 -3.20 9.47
C GLY A 50 -0.60 -2.67 8.47
N GLU A 51 -1.11 -1.46 8.72
CA GLU A 51 -2.14 -0.85 7.85
C GLU A 51 -1.83 -1.07 6.37
N CYS A 52 -0.68 -0.57 5.93
CA CYS A 52 -0.17 -0.84 4.59
C CYS A 52 1.23 -1.44 4.67
N PHE A 53 1.36 -2.51 5.46
CA PHE A 53 2.67 -3.14 5.72
C PHE A 53 3.62 -2.23 6.54
N ASN A 54 3.10 -1.13 7.06
CA ASN A 54 3.92 -0.11 7.72
C ASN A 54 3.94 -0.28 9.25
N SER A 55 4.79 0.51 9.92
CA SER A 55 4.94 0.45 11.39
C SER A 55 4.45 1.74 12.05
N THR A 56 3.37 2.30 11.51
CA THR A 56 2.72 3.49 12.06
C THR A 56 1.30 3.20 12.58
N GLU A 57 0.75 4.13 13.37
CA GLU A 57 -0.57 3.97 14.00
C GLU A 57 -1.74 4.01 12.98
N SER A 58 -2.60 3.00 13.03
CA SER A 58 -3.81 2.96 12.22
C SER A 58 -4.67 4.22 12.42
N GLU A 59 -5.12 4.84 11.33
CA GLU A 59 -6.04 6.00 11.42
C GLU A 59 -7.40 5.76 10.75
N VAL A 60 -7.41 5.14 9.57
CA VAL A 60 -8.66 4.90 8.83
C VAL A 60 -8.85 3.41 8.47
N GLN A 61 -8.17 2.53 9.22
CA GLN A 61 -8.31 1.06 9.12
C GLN A 61 -8.08 0.51 7.70
N CYS A 62 -6.96 0.88 7.08
CA CYS A 62 -6.60 0.32 5.77
C CYS A 62 -6.46 -1.20 5.82
N GLU A 63 -6.06 -1.73 6.99
CA GLU A 63 -5.97 -3.19 7.18
C GLU A 63 -7.27 -3.90 6.72
N LEU A 64 -8.41 -3.29 7.02
CA LEU A 64 -9.71 -3.85 6.67
C LEU A 64 -10.19 -3.22 5.36
N ILE A 65 -10.50 -1.91 5.41
CA ILE A 65 -10.97 -1.15 4.25
C ILE A 65 -11.06 0.36 4.59
N THR A 66 -10.95 1.21 3.57
CA THR A 66 -11.01 2.67 3.76
C THR A 66 -12.28 3.28 3.14
N GLY A 67 -12.84 2.60 2.14
CA GLY A 67 -13.83 3.22 1.26
C GLY A 67 -13.27 3.73 -0.07
N GLU A 68 -11.97 4.01 -0.09
CA GLU A 68 -11.22 4.24 -1.34
C GLU A 68 -10.42 3.01 -1.81
N PHE A 69 -10.24 2.03 -0.94
CA PHE A 69 -9.71 0.71 -1.33
C PHE A 69 -10.82 -0.26 -1.79
N ASP A 70 -12.06 0.22 -1.79
CA ASP A 70 -13.23 -0.63 -2.06
C ASP A 70 -13.24 -1.13 -3.54
N PRO A 71 -13.16 -2.46 -3.76
CA PRO A 71 -13.25 -3.07 -5.11
C PRO A 71 -14.45 -2.60 -5.98
N LYS A 72 -15.53 -2.14 -5.36
CA LYS A 72 -16.71 -1.68 -6.12
C LYS A 72 -16.34 -0.54 -7.09
N LEU A 73 -15.58 0.44 -6.61
CA LEU A 73 -15.24 1.63 -7.41
C LEU A 73 -13.76 1.62 -7.83
N LEU A 74 -12.93 0.85 -7.14
CA LEU A 74 -11.50 0.73 -7.48
C LEU A 74 -11.25 -0.54 -8.31
N PRO A 75 -10.96 -0.39 -9.62
CA PRO A 75 -10.48 -1.51 -10.46
C PRO A 75 -9.02 -1.91 -10.16
N TYR A 76 -8.67 -3.16 -10.46
CA TYR A 76 -7.33 -3.66 -10.15
C TYR A 76 -6.60 -4.20 -11.38
N ASP A 77 -5.61 -3.44 -11.85
CA ASP A 77 -4.74 -3.88 -12.95
C ASP A 77 -3.67 -4.83 -12.40
N LYS A 78 -2.91 -5.49 -13.27
CA LYS A 78 -1.86 -6.42 -12.84
C LYS A 78 -0.84 -5.74 -11.89
N ARG A 79 -0.34 -4.57 -12.31
CA ARG A 79 0.68 -3.85 -11.55
C ARG A 79 0.08 -3.06 -10.39
N LEU A 80 -1.09 -2.47 -10.63
CA LEU A 80 -1.85 -1.78 -9.58
C LEU A 80 -2.18 -2.72 -8.41
N ALA A 81 -2.78 -3.87 -8.73
CA ALA A 81 -3.06 -4.91 -7.73
C ALA A 81 -1.80 -5.31 -6.95
N TRP A 82 -0.75 -5.74 -7.67
CA TRP A 82 0.45 -6.24 -6.99
C TRP A 82 0.99 -5.23 -5.97
N HIS A 83 1.36 -4.04 -6.43
CA HIS A 83 1.91 -3.01 -5.55
C HIS A 83 0.82 -2.36 -4.68
N PHE A 84 -0.05 -1.58 -5.29
CA PHE A 84 -1.02 -0.77 -4.52
C PHE A 84 -1.93 -1.65 -3.63
N LYS A 85 -2.56 -2.67 -4.22
CA LYS A 85 -3.58 -3.45 -3.50
C LYS A 85 -2.95 -4.33 -2.39
N GLU A 86 -1.98 -5.16 -2.77
CA GLU A 86 -1.37 -6.13 -1.85
C GLU A 86 -0.63 -5.45 -0.69
N PHE A 87 -0.11 -4.26 -0.94
CA PHE A 87 0.60 -3.47 0.08
C PHE A 87 -0.39 -2.82 1.07
N CYS A 88 -1.45 -2.21 0.54
CA CYS A 88 -2.39 -1.43 1.37
C CYS A 88 -3.65 -2.22 1.77
N TYR A 89 -4.33 -2.80 0.79
CA TYR A 89 -5.69 -3.35 1.01
C TYR A 89 -5.68 -4.89 1.20
N LYS A 90 -4.48 -5.46 1.34
CA LYS A 90 -4.36 -6.89 1.66
C LYS A 90 -4.78 -7.19 3.11
N THR A 91 -5.71 -8.13 3.27
CA THR A 91 -6.24 -8.46 4.60
C THR A 91 -5.63 -9.74 5.19
N SER A 92 -5.01 -10.55 4.34
CA SER A 92 -4.41 -11.83 4.77
C SER A 92 -2.96 -11.64 5.23
N ALA A 93 -2.48 -12.60 6.02
CA ALA A 93 -1.11 -12.58 6.55
C ALA A 93 -0.56 -14.01 6.66
N HIS A 94 0.09 -14.47 5.59
CA HIS A 94 0.53 -15.87 5.47
C HIS A 94 2.06 -15.98 5.67
N GLY A 95 2.64 -17.13 5.30
CA GLY A 95 4.09 -17.34 5.45
C GLY A 95 4.95 -16.41 4.57
N ILE A 96 4.41 -15.99 3.42
CA ILE A 96 5.02 -14.92 2.63
C ILE A 96 4.01 -13.76 2.35
N PRO A 97 3.85 -12.82 3.30
CA PRO A 97 2.84 -11.76 3.21
C PRO A 97 3.30 -10.53 2.39
N MET A 98 4.61 -10.38 2.20
CA MET A 98 5.20 -9.15 1.64
C MET A 98 5.07 -9.10 0.11
N ILE A 99 5.58 -8.03 -0.49
CA ILE A 99 5.49 -7.80 -1.94
C ILE A 99 6.21 -8.91 -2.74
N GLY A 100 7.18 -9.57 -2.12
CA GLY A 100 7.93 -10.61 -2.83
C GLY A 100 8.55 -11.67 -1.92
N GLU A 101 9.82 -11.48 -1.56
CA GLU A 101 10.57 -12.46 -0.76
C GLU A 101 10.45 -12.25 0.75
N ALA A 102 9.63 -13.07 1.40
CA ALA A 102 9.45 -12.98 2.85
C ALA A 102 9.25 -14.39 3.44
N PRO A 103 10.35 -15.17 3.56
CA PRO A 103 10.33 -16.53 4.14
C PRO A 103 10.09 -16.54 5.66
N LEU A 104 8.83 -16.39 6.09
CA LEU A 104 8.48 -16.30 7.52
C LEU A 104 9.21 -15.11 8.19
N GLU A 105 9.39 -14.03 7.44
CA GLU A 105 10.03 -12.82 7.98
C GLU A 105 9.01 -11.92 8.70
N HIS A 106 9.13 -11.85 10.01
CA HIS A 106 8.17 -11.11 10.84
C HIS A 106 8.80 -9.81 11.35
N HIS A 107 9.03 -8.87 10.45
CA HIS A 107 9.68 -7.59 10.81
C HIS A 107 8.86 -6.82 11.85
N HIS A 108 9.56 -6.21 12.81
CA HIS A 108 8.93 -5.32 13.80
C HIS A 108 8.02 -4.25 13.17
N HIS A 109 6.84 -4.07 13.75
CA HIS A 109 5.79 -3.22 13.20
C HIS A 109 4.83 -2.77 14.31
N HIS A 110 3.92 -1.86 14.00
CA HIS A 110 2.92 -1.40 15.00
C HIS A 110 1.53 -1.33 14.38
N HIS A 111 0.52 -1.56 15.21
CA HIS A 111 -0.88 -1.56 14.76
C HIS A 111 -1.62 -0.32 15.33
N MET A 1 -13.31 13.90 0.07
CA MET A 1 -12.37 12.78 0.40
C MET A 1 -12.24 11.79 -0.79
N SER A 2 -13.28 11.69 -1.60
CA SER A 2 -13.31 10.75 -2.74
C SER A 2 -12.27 11.07 -3.82
N TRP A 3 -11.81 12.33 -3.86
CA TRP A 3 -10.73 12.72 -4.78
C TRP A 3 -9.45 11.89 -4.55
N MET A 4 -9.25 11.38 -3.33
CA MET A 4 -8.09 10.54 -3.03
C MET A 4 -8.18 9.23 -3.84
N GLN A 5 -9.33 8.55 -3.75
CA GLN A 5 -9.63 7.40 -4.60
C GLN A 5 -9.38 7.73 -6.09
N ASN A 6 -9.93 8.85 -6.55
CA ASN A 6 -9.83 9.28 -7.95
C ASN A 6 -8.38 9.36 -8.45
N LEU A 7 -7.47 9.75 -7.56
CA LEU A 7 -6.05 9.86 -7.93
C LEU A 7 -5.39 8.48 -8.02
N LYS A 8 -5.45 7.73 -6.91
CA LYS A 8 -4.84 6.39 -6.80
C LYS A 8 -5.55 5.30 -7.67
N ASN A 9 -6.72 5.61 -8.24
CA ASN A 9 -7.42 4.66 -9.11
C ASN A 9 -6.53 4.16 -10.26
N TYR A 10 -5.71 5.06 -10.80
CA TYR A 10 -4.91 4.76 -11.98
C TYR A 10 -3.70 5.70 -12.10
N GLN A 11 -2.57 5.14 -12.51
CA GLN A 11 -1.36 5.93 -12.75
C GLN A 11 -1.40 6.60 -14.13
N HIS A 12 -1.99 7.79 -14.21
CA HIS A 12 -1.97 8.57 -15.46
C HIS A 12 -1.21 9.90 -15.33
N LEU A 13 -0.99 10.37 -14.10
CA LEU A 13 -0.19 11.58 -13.91
C LEU A 13 1.00 11.33 -12.95
N ARG A 14 2.06 12.12 -13.07
CA ARG A 14 3.22 12.02 -12.17
C ARG A 14 2.96 12.64 -10.78
N ASP A 15 1.71 13.01 -10.48
CA ASP A 15 1.42 13.68 -9.21
C ASP A 15 1.68 12.78 -7.98
N PRO A 16 2.62 13.20 -7.09
CA PRO A 16 2.89 12.44 -5.84
C PRO A 16 1.64 12.22 -4.99
N SER A 17 0.63 13.06 -5.19
CA SER A 17 -0.63 12.98 -4.43
C SER A 17 -1.37 11.65 -4.67
N GLU A 18 -1.11 11.02 -5.82
CA GLU A 18 -1.70 9.71 -6.13
C GLU A 18 -1.20 8.64 -5.14
N TYR A 19 0.01 8.84 -4.61
CA TYR A 19 0.63 7.87 -3.70
C TYR A 19 0.40 8.25 -2.23
N MET A 20 0.28 9.55 -1.97
CA MET A 20 -0.13 10.03 -0.65
C MET A 20 -1.61 9.71 -0.39
N SER A 21 -2.37 9.60 -1.48
CA SER A 21 -3.75 9.09 -1.44
C SER A 21 -3.74 7.56 -1.31
N GLN A 22 -2.83 6.89 -2.02
CA GLN A 22 -2.65 5.43 -1.91
C GLN A 22 -2.58 4.99 -0.44
N VAL A 23 -1.70 5.63 0.33
CA VAL A 23 -1.57 5.33 1.76
C VAL A 23 -1.18 6.57 2.56
N TYR A 24 -1.85 6.77 3.69
CA TYR A 24 -1.62 7.92 4.57
C TYR A 24 -0.65 7.58 5.71
N GLY A 25 0.27 6.63 5.47
CA GLY A 25 1.16 6.16 6.53
C GLY A 25 2.59 6.68 6.45
N ASP A 26 3.56 5.80 6.75
CA ASP A 26 4.98 6.15 6.78
C ASP A 26 5.47 6.76 5.45
N PRO A 27 6.29 7.84 5.53
CA PRO A 27 6.86 8.53 4.36
C PRO A 27 7.53 7.59 3.35
N LEU A 28 8.21 6.54 3.86
CA LEU A 28 8.95 5.59 3.02
C LEU A 28 8.02 4.81 2.08
N ALA A 29 6.78 4.59 2.52
CA ALA A 29 5.80 3.81 1.75
C ALA A 29 5.51 4.42 0.37
N TYR A 30 4.90 5.61 0.36
CA TYR A 30 4.57 6.29 -0.91
C TYR A 30 5.81 6.89 -1.58
N LEU A 31 6.88 7.12 -0.82
CA LEU A 31 8.17 7.51 -1.39
C LEU A 31 8.71 6.43 -2.35
N GLN A 32 8.75 5.18 -1.86
CA GLN A 32 9.23 4.06 -2.66
C GLN A 32 8.33 3.82 -3.88
N GLU A 33 7.02 3.94 -3.69
CA GLU A 33 6.05 3.74 -4.79
C GLU A 33 6.15 4.90 -5.81
N THR A 34 6.38 6.11 -5.33
CA THR A 34 6.53 7.29 -6.20
C THR A 34 7.76 7.18 -7.10
N THR A 35 8.88 6.74 -6.52
CA THR A 35 10.16 6.69 -7.23
C THR A 35 10.37 5.35 -7.98
N LYS A 36 9.71 4.29 -7.52
CA LYS A 36 9.84 2.97 -8.16
C LYS A 36 8.51 2.47 -8.78
N PHE A 37 7.45 2.42 -7.97
CA PHE A 37 6.11 1.96 -8.41
C PHE A 37 6.00 0.41 -8.35
N VAL A 38 7.13 -0.25 -8.08
CA VAL A 38 7.22 -1.72 -8.12
C VAL A 38 8.02 -2.25 -6.90
N THR A 39 8.02 -3.58 -6.73
CA THR A 39 8.75 -4.19 -5.61
C THR A 39 10.23 -3.76 -5.55
N GLU A 40 10.57 -2.93 -4.56
CA GLU A 40 11.96 -2.51 -4.31
C GLU A 40 12.46 -3.05 -2.96
N ARG A 41 13.75 -3.39 -2.88
CA ARG A 41 14.34 -3.88 -1.63
C ARG A 41 13.91 -3.01 -0.44
N GLU A 42 14.11 -1.70 -0.57
CA GLU A 42 13.77 -0.75 0.51
C GLU A 42 12.26 -0.73 0.79
N TYR A 43 11.47 -0.99 -0.26
CA TYR A 43 10.01 -0.96 -0.19
C TYR A 43 9.44 -2.11 0.64
N TYR A 44 10.16 -3.24 0.70
CA TYR A 44 9.71 -4.38 1.52
C TYR A 44 10.74 -4.85 2.58
N GLU A 45 11.89 -4.16 2.66
CA GLU A 45 12.93 -4.52 3.64
C GLU A 45 12.40 -4.57 5.08
N ASP A 46 11.69 -3.52 5.51
CA ASP A 46 11.13 -3.48 6.87
C ASP A 46 9.60 -3.60 6.85
N PHE A 47 9.01 -3.52 5.67
CA PHE A 47 7.55 -3.49 5.53
C PHE A 47 6.92 -4.90 5.61
N GLY A 48 5.63 -4.95 5.92
CA GLY A 48 4.93 -6.22 5.99
C GLY A 48 3.71 -6.21 6.90
N TYR A 49 3.79 -5.45 8.00
CA TYR A 49 2.73 -5.44 9.01
C TYR A 49 2.19 -4.03 9.27
N GLY A 50 0.88 -3.91 9.43
CA GLY A 50 0.26 -2.62 9.72
C GLY A 50 -0.86 -2.29 8.73
N GLU A 51 -1.51 -1.14 8.92
CA GLU A 51 -2.60 -0.69 8.02
C GLU A 51 -2.27 -0.98 6.54
N CYS A 52 -1.18 -0.41 6.07
CA CYS A 52 -0.60 -0.78 4.78
C CYS A 52 0.90 -1.04 4.94
N PHE A 53 1.24 -2.01 5.79
CA PHE A 53 2.65 -2.38 6.07
C PHE A 53 3.40 -1.27 6.82
N ASN A 54 2.68 -0.27 7.33
CA ASN A 54 3.30 0.90 7.97
C ASN A 54 3.22 0.84 9.50
N SER A 55 3.89 1.79 10.16
CA SER A 55 3.87 1.89 11.64
C SER A 55 3.18 3.18 12.10
N THR A 56 2.11 3.54 11.41
CA THR A 56 1.28 4.71 11.75
C THR A 56 -0.11 4.31 12.24
N GLU A 57 -0.81 5.26 12.87
CA GLU A 57 -2.16 5.04 13.43
C GLU A 57 -3.25 4.85 12.36
N SER A 58 -4.03 3.78 12.49
CA SER A 58 -5.19 3.53 11.63
C SER A 58 -6.19 4.70 11.69
N GLU A 59 -6.62 5.20 10.52
CA GLU A 59 -7.66 6.23 10.47
C GLU A 59 -8.96 5.76 9.78
N VAL A 60 -8.83 4.96 8.72
CA VAL A 60 -10.00 4.46 7.98
C VAL A 60 -9.92 2.93 7.72
N GLN A 61 -9.17 2.23 8.58
CA GLN A 61 -9.09 0.75 8.60
C GLN A 61 -8.65 0.15 7.25
N CYS A 62 -7.50 0.58 6.72
CA CYS A 62 -6.94 -0.01 5.50
C CYS A 62 -6.65 -1.50 5.67
N GLU A 63 -6.43 -1.92 6.92
CA GLU A 63 -6.21 -3.35 7.23
C GLU A 63 -7.27 -4.25 6.55
N LEU A 64 -8.49 -3.73 6.44
CA LEU A 64 -9.61 -4.46 5.85
C LEU A 64 -10.05 -3.76 4.55
N ILE A 65 -10.71 -2.62 4.70
CA ILE A 65 -11.20 -1.80 3.58
C ILE A 65 -11.49 -0.36 4.03
N THR A 66 -11.18 0.60 3.17
CA THR A 66 -11.30 2.04 3.52
C THR A 66 -12.62 2.65 3.01
N GLY A 67 -13.24 1.99 2.03
CA GLY A 67 -14.29 2.62 1.24
C GLY A 67 -13.80 3.24 -0.07
N GLU A 68 -12.48 3.42 -0.20
CA GLU A 68 -11.86 3.85 -1.45
C GLU A 68 -11.17 2.71 -2.21
N PHE A 69 -10.93 1.58 -1.53
CA PHE A 69 -10.28 0.42 -2.16
C PHE A 69 -11.28 -0.52 -2.86
N ASP A 70 -12.49 -0.01 -3.14
CA ASP A 70 -13.56 -0.81 -3.75
C ASP A 70 -13.18 -1.28 -5.17
N PRO A 71 -13.06 -2.61 -5.40
CA PRO A 71 -12.75 -3.19 -6.73
C PRO A 71 -13.69 -2.72 -7.89
N LYS A 72 -14.92 -2.33 -7.58
CA LYS A 72 -15.86 -1.87 -8.62
C LYS A 72 -15.45 -0.49 -9.17
N LEU A 73 -14.79 0.32 -8.33
CA LEU A 73 -14.45 1.69 -8.70
C LEU A 73 -12.95 1.84 -9.04
N LEU A 74 -12.12 0.91 -8.55
CA LEU A 74 -10.68 0.96 -8.78
C LEU A 74 -10.28 0.01 -9.92
N PRO A 75 -9.86 0.55 -11.09
CA PRO A 75 -9.40 -0.25 -12.24
C PRO A 75 -8.05 -0.94 -11.99
N TYR A 76 -7.92 -2.18 -12.47
CA TYR A 76 -6.75 -2.99 -12.12
C TYR A 76 -5.85 -3.27 -13.34
N ASP A 77 -4.73 -2.57 -13.42
CA ASP A 77 -3.68 -2.87 -14.40
C ASP A 77 -2.71 -3.89 -13.78
N LYS A 78 -1.80 -4.44 -14.59
CA LYS A 78 -0.93 -5.53 -14.13
C LYS A 78 -0.09 -5.12 -12.90
N ARG A 79 0.80 -4.15 -13.09
CA ARG A 79 1.73 -3.73 -12.03
C ARG A 79 1.03 -2.86 -10.99
N LEU A 80 0.12 -1.99 -11.44
CA LEU A 80 -0.71 -1.18 -10.55
C LEU A 80 -1.46 -2.05 -9.54
N ALA A 81 -2.25 -3.00 -10.06
CA ALA A 81 -3.05 -3.89 -9.21
C ALA A 81 -2.20 -4.68 -8.22
N TRP A 82 -1.10 -5.29 -8.71
CA TRP A 82 -0.27 -6.14 -7.85
C TRP A 82 0.23 -5.38 -6.61
N HIS A 83 0.98 -4.30 -6.83
CA HIS A 83 1.71 -3.63 -5.73
C HIS A 83 0.78 -2.79 -4.86
N PHE A 84 -0.17 -2.08 -5.48
CA PHE A 84 -1.09 -1.22 -4.72
C PHE A 84 -2.06 -2.04 -3.85
N LYS A 85 -2.67 -3.08 -4.41
CA LYS A 85 -3.61 -3.93 -3.66
C LYS A 85 -2.90 -4.72 -2.54
N GLU A 86 -1.79 -5.37 -2.88
CA GLU A 86 -1.05 -6.23 -1.94
C GLU A 86 -0.46 -5.41 -0.77
N PHE A 87 -0.05 -4.18 -1.04
CA PHE A 87 0.52 -3.31 -0.01
C PHE A 87 -0.56 -2.76 0.94
N CYS A 88 -1.68 -2.28 0.37
CA CYS A 88 -2.72 -1.62 1.16
C CYS A 88 -3.93 -2.53 1.48
N TYR A 89 -4.53 -3.11 0.44
CA TYR A 89 -5.82 -3.83 0.60
C TYR A 89 -5.63 -5.22 1.23
N LYS A 90 -4.51 -5.86 0.96
CA LYS A 90 -4.21 -7.18 1.53
C LYS A 90 -4.49 -7.22 3.04
N THR A 91 -5.40 -8.09 3.46
CA THR A 91 -5.84 -8.13 4.87
C THR A 91 -5.04 -9.14 5.71
N SER A 92 -4.30 -10.02 5.03
CA SER A 92 -3.53 -11.08 5.71
C SER A 92 -2.19 -10.56 6.22
N ALA A 93 -1.74 -11.10 7.35
CA ALA A 93 -0.43 -10.77 7.92
C ALA A 93 0.20 -11.99 8.59
N HIS A 94 0.68 -12.92 7.76
CA HIS A 94 1.21 -14.21 8.24
C HIS A 94 2.71 -14.33 7.93
N GLY A 95 3.22 -15.57 7.82
CA GLY A 95 4.60 -15.80 7.36
C GLY A 95 4.91 -15.18 6.00
N ILE A 96 3.88 -14.98 5.17
CA ILE A 96 4.00 -14.18 3.93
C ILE A 96 3.07 -12.95 3.97
N PRO A 97 3.49 -11.85 4.65
CA PRO A 97 2.64 -10.67 4.84
C PRO A 97 2.88 -9.54 3.83
N MET A 98 3.90 -9.71 2.97
CA MET A 98 4.38 -8.63 2.09
C MET A 98 3.73 -8.67 0.70
N ILE A 99 4.20 -7.80 -0.20
CA ILE A 99 3.61 -7.65 -1.54
C ILE A 99 3.77 -8.92 -2.38
N GLY A 100 4.80 -9.72 -2.12
CA GLY A 100 5.03 -10.93 -2.90
C GLY A 100 5.82 -12.02 -2.17
N GLU A 101 7.13 -12.05 -2.38
CA GLU A 101 7.99 -13.10 -1.84
C GLU A 101 8.52 -12.81 -0.43
N ALA A 102 7.91 -13.45 0.56
CA ALA A 102 8.30 -13.27 1.96
C ALA A 102 8.64 -14.63 2.60
N PRO A 103 9.92 -15.01 2.63
CA PRO A 103 10.38 -16.27 3.27
C PRO A 103 10.26 -16.27 4.80
N LEU A 104 9.03 -16.43 5.31
CA LEU A 104 8.76 -16.39 6.76
C LEU A 104 9.28 -15.08 7.39
N GLU A 105 9.10 -13.96 6.67
CA GLU A 105 9.61 -12.66 7.10
C GLU A 105 8.66 -12.00 8.12
N HIS A 106 8.88 -12.27 9.39
CA HIS A 106 8.10 -11.65 10.46
C HIS A 106 8.75 -10.33 10.91
N HIS A 107 8.61 -9.29 10.09
CA HIS A 107 9.23 -7.99 10.38
C HIS A 107 8.57 -7.30 11.57
N HIS A 108 9.35 -6.50 12.31
CA HIS A 108 8.90 -5.87 13.56
C HIS A 108 7.44 -5.39 13.50
N HIS A 109 6.64 -5.85 14.45
CA HIS A 109 5.22 -5.49 14.55
C HIS A 109 4.73 -5.72 16.00
N HIS A 110 3.55 -5.20 16.33
CA HIS A 110 3.00 -5.34 17.67
C HIS A 110 1.57 -5.86 17.65
N HIS A 111 1.20 -6.59 18.70
CA HIS A 111 -0.14 -7.17 18.82
C HIS A 111 -0.94 -6.47 19.94
N MET A 1 -13.54 12.38 0.50
CA MET A 1 -12.65 11.18 0.55
C MET A 1 -12.41 10.59 -0.85
N SER A 2 -13.37 10.78 -1.75
CA SER A 2 -13.33 10.19 -3.11
C SER A 2 -12.11 10.66 -3.92
N TRP A 3 -11.53 11.80 -3.55
CA TRP A 3 -10.30 12.29 -4.20
C TRP A 3 -9.18 11.25 -4.18
N MET A 4 -9.15 10.39 -3.16
CA MET A 4 -8.08 9.40 -3.03
C MET A 4 -8.08 8.46 -4.24
N GLN A 5 -9.25 7.88 -4.53
CA GLN A 5 -9.46 7.09 -5.75
C GLN A 5 -9.16 7.93 -7.00
N ASN A 6 -9.72 9.14 -7.03
CA ASN A 6 -9.62 10.04 -8.20
C ASN A 6 -8.16 10.25 -8.66
N LEU A 7 -7.23 10.12 -7.72
CA LEU A 7 -5.80 10.22 -8.05
C LEU A 7 -5.19 8.84 -8.33
N LYS A 8 -5.26 7.95 -7.33
CA LYS A 8 -4.55 6.66 -7.35
C LYS A 8 -5.12 5.65 -8.38
N ASN A 9 -6.30 5.94 -8.97
CA ASN A 9 -6.94 5.00 -9.92
C ASN A 9 -6.08 4.81 -11.18
N TYR A 10 -5.27 5.81 -11.51
CA TYR A 10 -4.51 5.81 -12.76
C TYR A 10 -3.19 6.59 -12.61
N GLN A 11 -2.24 6.30 -13.51
CA GLN A 11 -0.98 7.04 -13.55
C GLN A 11 -0.93 7.97 -14.77
N HIS A 12 -1.39 9.21 -14.61
CA HIS A 12 -1.28 10.22 -15.66
C HIS A 12 -0.21 11.29 -15.36
N LEU A 13 -0.15 11.78 -14.12
CA LEU A 13 0.82 12.82 -13.76
C LEU A 13 1.81 12.32 -12.71
N ARG A 14 2.97 12.97 -12.61
CA ARG A 14 3.99 12.60 -11.60
C ARG A 14 3.67 13.14 -10.20
N ASP A 15 2.45 13.67 -10.00
CA ASP A 15 2.09 14.25 -8.69
C ASP A 15 2.15 13.22 -7.55
N PRO A 16 3.01 13.45 -6.52
CA PRO A 16 3.14 12.54 -5.37
C PRO A 16 1.79 12.29 -4.67
N SER A 17 0.85 13.23 -4.84
CA SER A 17 -0.49 13.14 -4.22
C SER A 17 -1.18 11.80 -4.53
N GLU A 18 -0.93 11.27 -5.73
CA GLU A 18 -1.50 9.97 -6.13
C GLU A 18 -1.00 8.85 -5.19
N TYR A 19 0.22 9.00 -4.69
CA TYR A 19 0.85 7.98 -3.83
C TYR A 19 0.65 8.32 -2.35
N MET A 20 0.40 9.59 -2.06
CA MET A 20 0.01 10.00 -0.70
C MET A 20 -1.44 9.57 -0.43
N SER A 21 -2.23 9.45 -1.49
CA SER A 21 -3.59 8.89 -1.41
C SER A 21 -3.54 7.37 -1.36
N GLN A 22 -2.52 6.77 -1.98
CA GLN A 22 -2.23 5.34 -1.83
C GLN A 22 -1.94 4.99 -0.36
N VAL A 23 -0.90 5.61 0.19
CA VAL A 23 -0.53 5.40 1.59
C VAL A 23 -0.37 6.72 2.36
N TYR A 24 -1.28 6.95 3.31
CA TYR A 24 -1.28 8.17 4.11
C TYR A 24 -0.20 8.14 5.21
N GLY A 25 0.42 6.98 5.42
CA GLY A 25 1.38 6.81 6.51
C GLY A 25 2.85 7.05 6.13
N ASP A 26 3.73 6.21 6.65
CA ASP A 26 5.17 6.37 6.50
C ASP A 26 5.60 6.84 5.10
N PRO A 27 6.35 7.96 5.04
CA PRO A 27 6.82 8.56 3.76
C PRO A 27 7.58 7.59 2.85
N LEU A 28 8.47 6.78 3.44
CA LEU A 28 9.41 5.94 2.68
C LEU A 28 8.66 4.98 1.74
N ALA A 29 7.57 4.40 2.22
CA ALA A 29 6.81 3.41 1.45
C ALA A 29 6.34 3.97 0.09
N TYR A 30 5.45 4.96 0.11
CA TYR A 30 4.90 5.53 -1.13
C TYR A 30 5.92 6.45 -1.83
N LEU A 31 6.99 6.83 -1.14
CA LEU A 31 8.13 7.51 -1.77
C LEU A 31 8.83 6.59 -2.78
N GLN A 32 9.11 5.36 -2.37
CA GLN A 32 9.69 4.36 -3.27
C GLN A 32 8.72 4.01 -4.41
N GLU A 33 7.42 3.98 -4.10
CA GLU A 33 6.40 3.79 -5.14
C GLU A 33 6.32 5.00 -6.08
N THR A 34 6.53 6.20 -5.55
CA THR A 34 6.53 7.44 -6.36
C THR A 34 7.66 7.42 -7.41
N THR A 35 8.83 6.94 -7.00
CA THR A 35 10.03 6.99 -7.84
C THR A 35 10.17 5.75 -8.75
N LYS A 36 9.58 4.63 -8.33
CA LYS A 36 9.74 3.36 -9.05
C LYS A 36 8.40 2.75 -9.52
N PHE A 37 7.33 2.97 -8.74
CA PHE A 37 5.98 2.43 -9.04
C PHE A 37 5.92 0.90 -8.88
N VAL A 38 6.91 0.34 -8.16
CA VAL A 38 7.03 -1.11 -7.93
C VAL A 38 7.60 -1.40 -6.54
N THR A 39 7.69 -2.69 -6.18
CA THR A 39 8.20 -3.08 -4.86
C THR A 39 9.75 -3.06 -4.79
N GLU A 40 10.29 -2.26 -3.88
CA GLU A 40 11.74 -2.15 -3.67
C GLU A 40 12.16 -2.77 -2.32
N ARG A 41 13.44 -3.11 -2.17
CA ARG A 41 13.94 -3.65 -0.90
C ARG A 41 13.44 -2.81 0.28
N GLU A 42 13.66 -1.49 0.22
CA GLU A 42 13.27 -0.59 1.31
C GLU A 42 11.74 -0.55 1.49
N TYR A 43 11.01 -0.76 0.40
CA TYR A 43 9.55 -0.78 0.41
C TYR A 43 8.99 -1.88 1.34
N TYR A 44 9.71 -3.00 1.49
CA TYR A 44 9.27 -4.06 2.41
C TYR A 44 10.34 -4.45 3.46
N GLU A 45 11.50 -3.79 3.43
CA GLU A 45 12.57 -4.06 4.42
C GLU A 45 12.21 -3.56 5.83
N ASP A 46 11.77 -2.30 5.93
CA ASP A 46 11.32 -1.76 7.22
C ASP A 46 9.80 -1.88 7.40
N PHE A 47 9.15 -2.57 6.47
CA PHE A 47 7.69 -2.69 6.48
C PHE A 47 7.22 -4.16 6.53
N GLY A 48 5.91 -4.35 6.61
CA GLY A 48 5.35 -5.70 6.51
C GLY A 48 3.99 -5.85 7.19
N TYR A 49 3.79 -5.15 8.30
CA TYR A 49 2.56 -5.28 9.09
C TYR A 49 1.95 -3.90 9.42
N GLY A 50 0.63 -3.83 9.40
CA GLY A 50 -0.07 -2.58 9.73
C GLY A 50 -1.03 -2.16 8.63
N GLU A 51 -1.69 -1.00 8.80
CA GLU A 51 -2.68 -0.50 7.83
C GLU A 51 -2.22 -0.72 6.38
N CYS A 52 -1.08 -0.12 6.04
CA CYS A 52 -0.44 -0.38 4.75
C CYS A 52 1.00 -0.85 4.99
N PHE A 53 1.17 -1.82 5.90
CA PHE A 53 2.49 -2.35 6.27
C PHE A 53 3.36 -1.31 7.02
N ASN A 54 2.74 -0.18 7.40
CA ASN A 54 3.49 0.94 7.97
C ASN A 54 3.54 0.90 9.51
N SER A 55 4.20 1.90 10.12
CA SER A 55 4.28 2.02 11.57
C SER A 55 3.55 3.29 12.06
N THR A 56 2.46 3.62 11.39
CA THR A 56 1.63 4.79 11.73
C THR A 56 0.24 4.39 12.24
N GLU A 57 -0.43 5.33 12.92
CA GLU A 57 -1.76 5.10 13.51
C GLU A 57 -2.88 4.90 12.46
N SER A 58 -3.67 3.85 12.63
CA SER A 58 -4.86 3.60 11.80
C SER A 58 -5.79 4.83 11.79
N GLU A 59 -6.08 5.37 10.60
CA GLU A 59 -7.02 6.49 10.49
C GLU A 59 -8.27 6.17 9.63
N VAL A 60 -8.10 5.33 8.61
CA VAL A 60 -9.20 5.05 7.66
C VAL A 60 -9.48 3.53 7.51
N GLN A 61 -8.88 2.74 8.41
CA GLN A 61 -9.07 1.28 8.48
C GLN A 61 -8.68 0.54 7.19
N CYS A 62 -7.48 0.80 6.67
CA CYS A 62 -6.98 0.10 5.47
C CYS A 62 -6.82 -1.40 5.74
N GLU A 63 -6.60 -1.77 7.02
CA GLU A 63 -6.41 -3.18 7.39
C GLU A 63 -7.68 -4.02 7.11
N LEU A 64 -8.78 -3.34 6.85
CA LEU A 64 -10.04 -3.98 6.47
C LEU A 64 -10.52 -3.41 5.12
N ILE A 65 -11.05 -2.17 5.18
CA ILE A 65 -11.51 -1.43 3.99
C ILE A 65 -11.68 0.05 4.32
N THR A 66 -11.44 0.92 3.32
CA THR A 66 -11.49 2.37 3.51
C THR A 66 -12.75 3.00 2.88
N GLY A 67 -13.35 2.30 1.92
CA GLY A 67 -14.29 2.92 1.00
C GLY A 67 -13.65 3.45 -0.29
N GLU A 68 -12.34 3.68 -0.25
CA GLU A 68 -11.56 4.00 -1.45
C GLU A 68 -10.87 2.78 -2.08
N PHE A 69 -10.72 1.70 -1.30
CA PHE A 69 -10.12 0.46 -1.82
C PHE A 69 -11.17 -0.51 -2.40
N ASP A 70 -12.36 0.01 -2.69
CA ASP A 70 -13.46 -0.81 -3.23
C ASP A 70 -13.14 -1.29 -4.67
N PRO A 71 -13.01 -2.62 -4.89
CA PRO A 71 -12.74 -3.21 -6.22
C PRO A 71 -13.73 -2.80 -7.34
N LYS A 72 -14.95 -2.39 -6.99
CA LYS A 72 -15.93 -1.97 -8.01
C LYS A 72 -15.55 -0.60 -8.60
N LEU A 73 -14.88 0.24 -7.80
CA LEU A 73 -14.54 1.61 -8.22
C LEU A 73 -13.06 1.75 -8.60
N LEU A 74 -12.21 0.85 -8.09
CA LEU A 74 -10.78 0.87 -8.39
C LEU A 74 -10.47 -0.05 -9.59
N PRO A 75 -10.04 0.53 -10.73
CA PRO A 75 -9.51 -0.24 -11.87
C PRO A 75 -8.19 -0.96 -11.56
N TYR A 76 -7.96 -2.11 -12.19
CA TYR A 76 -6.80 -2.94 -11.88
C TYR A 76 -5.89 -3.19 -13.08
N ASP A 77 -4.76 -2.48 -13.13
CA ASP A 77 -3.69 -2.77 -14.08
C ASP A 77 -2.73 -3.81 -13.49
N LYS A 78 -1.81 -4.33 -14.28
CA LYS A 78 -0.86 -5.36 -13.80
C LYS A 78 -0.06 -4.87 -12.57
N ARG A 79 0.67 -3.77 -12.76
CA ARG A 79 1.51 -3.21 -11.70
C ARG A 79 0.68 -2.52 -10.60
N LEU A 80 -0.34 -1.78 -11.02
CA LEU A 80 -1.27 -1.13 -10.09
C LEU A 80 -1.89 -2.16 -9.13
N ALA A 81 -2.57 -3.16 -9.68
CA ALA A 81 -3.25 -4.18 -8.89
C ALA A 81 -2.29 -4.87 -7.90
N TRP A 82 -1.20 -5.47 -8.42
CA TRP A 82 -0.31 -6.27 -7.57
C TRP A 82 0.26 -5.44 -6.40
N HIS A 83 0.96 -4.36 -6.72
CA HIS A 83 1.73 -3.63 -5.70
C HIS A 83 0.82 -2.80 -4.78
N PHE A 84 -0.08 -2.01 -5.36
CA PHE A 84 -0.96 -1.15 -4.57
C PHE A 84 -1.92 -1.96 -3.67
N LYS A 85 -2.60 -2.96 -4.23
CA LYS A 85 -3.59 -3.74 -3.47
C LYS A 85 -2.94 -4.56 -2.34
N GLU A 86 -1.85 -5.25 -2.67
CA GLU A 86 -1.17 -6.15 -1.71
C GLU A 86 -0.55 -5.38 -0.53
N PHE A 87 -0.11 -4.14 -0.79
CA PHE A 87 0.48 -3.29 0.26
C PHE A 87 -0.60 -2.63 1.13
N CYS A 88 -1.64 -2.09 0.49
CA CYS A 88 -2.63 -1.24 1.19
C CYS A 88 -3.86 -2.02 1.66
N TYR A 89 -4.42 -2.87 0.80
CA TYR A 89 -5.75 -3.48 1.04
C TYR A 89 -5.64 -4.94 1.53
N LYS A 90 -4.42 -5.40 1.81
CA LYS A 90 -4.22 -6.71 2.43
C LYS A 90 -4.91 -6.81 3.80
N THR A 91 -5.97 -7.61 3.87
CA THR A 91 -6.69 -7.83 5.14
C THR A 91 -6.05 -8.95 5.98
N SER A 92 -5.18 -9.75 5.37
CA SER A 92 -4.46 -10.82 6.06
C SER A 92 -3.11 -10.33 6.58
N ALA A 93 -2.69 -10.86 7.74
CA ALA A 93 -1.39 -10.53 8.34
C ALA A 93 -0.76 -11.79 8.97
N HIS A 94 -0.40 -12.75 8.13
CA HIS A 94 0.23 -14.00 8.57
C HIS A 94 1.76 -13.99 8.28
N GLY A 95 2.40 -15.18 8.35
CA GLY A 95 3.85 -15.26 8.17
C GLY A 95 4.37 -14.58 6.91
N ILE A 96 3.59 -14.63 5.82
CA ILE A 96 3.96 -13.96 4.56
C ILE A 96 2.84 -13.01 4.07
N PRO A 97 2.75 -11.78 4.62
CA PRO A 97 1.73 -10.81 4.25
C PRO A 97 2.16 -9.84 3.12
N MET A 98 3.45 -9.89 2.74
CA MET A 98 4.05 -8.85 1.91
C MET A 98 3.71 -9.02 0.42
N ILE A 99 4.24 -8.13 -0.42
CA ILE A 99 4.01 -8.15 -1.87
C ILE A 99 4.38 -9.52 -2.50
N GLY A 100 5.35 -10.21 -1.90
CA GLY A 100 5.76 -11.50 -2.45
C GLY A 100 6.41 -12.45 -1.42
N GLU A 101 7.73 -12.43 -1.36
CA GLU A 101 8.48 -13.29 -0.42
C GLU A 101 8.83 -12.59 0.91
N ALA A 102 8.24 -13.08 1.99
CA ALA A 102 8.49 -12.54 3.33
C ALA A 102 8.96 -13.67 4.28
N PRO A 103 10.28 -13.84 4.43
CA PRO A 103 10.86 -14.91 5.28
C PRO A 103 10.77 -14.60 6.79
N LEU A 104 9.54 -14.58 7.32
CA LEU A 104 9.31 -14.34 8.76
C LEU A 104 9.97 -13.01 9.23
N GLU A 105 9.80 -11.97 8.41
CA GLU A 105 10.33 -10.64 8.74
C GLU A 105 9.30 -9.80 9.52
N HIS A 106 9.21 -10.05 10.81
CA HIS A 106 8.19 -9.42 11.66
C HIS A 106 8.70 -8.07 12.18
N HIS A 107 8.84 -7.09 11.28
CA HIS A 107 9.41 -5.79 11.62
C HIS A 107 8.50 -5.01 12.58
N HIS A 108 9.11 -4.26 13.51
CA HIS A 108 8.39 -3.36 14.41
C HIS A 108 7.42 -2.41 13.66
N HIS A 109 6.22 -2.27 14.20
CA HIS A 109 5.13 -1.53 13.55
C HIS A 109 4.10 -1.09 14.61
N HIS A 110 3.13 -0.28 14.20
CA HIS A 110 2.06 0.15 15.12
C HIS A 110 0.69 0.06 14.46
N HIS A 111 -0.33 -0.19 15.28
CA HIS A 111 -1.70 -0.33 14.79
C HIS A 111 -2.56 0.87 15.27
N MET A 1 -13.91 12.57 -0.11
CA MET A 1 -12.79 11.62 0.11
C MET A 1 -12.48 10.80 -1.16
N SER A 2 -13.44 10.74 -2.08
CA SER A 2 -13.31 9.95 -3.32
C SER A 2 -12.15 10.43 -4.22
N TRP A 3 -11.70 11.66 -4.02
CA TRP A 3 -10.53 12.18 -4.75
C TRP A 3 -9.29 11.28 -4.55
N MET A 4 -9.22 10.56 -3.44
CA MET A 4 -8.06 9.70 -3.17
C MET A 4 -7.99 8.58 -4.23
N GLN A 5 -9.11 7.88 -4.42
CA GLN A 5 -9.25 6.91 -5.52
C GLN A 5 -8.93 7.56 -6.87
N ASN A 6 -9.47 8.77 -7.08
CA ASN A 6 -9.34 9.49 -8.36
C ASN A 6 -7.86 9.77 -8.71
N LEU A 7 -7.00 9.86 -7.70
CA LEU A 7 -5.57 10.08 -7.93
C LEU A 7 -4.78 8.75 -7.92
N LYS A 8 -4.91 8.01 -6.82
CA LYS A 8 -4.07 6.85 -6.54
C LYS A 8 -4.37 5.62 -7.46
N ASN A 9 -5.59 5.54 -8.01
CA ASN A 9 -6.02 4.32 -8.74
C ASN A 9 -5.53 4.32 -10.19
N TYR A 10 -4.88 5.41 -10.59
CA TYR A 10 -4.37 5.55 -11.96
C TYR A 10 -3.27 6.61 -12.05
N GLN A 11 -2.23 6.31 -12.82
CA GLN A 11 -1.16 7.27 -13.08
C GLN A 11 -1.52 8.21 -14.23
N HIS A 12 -2.06 9.39 -13.92
CA HIS A 12 -2.40 10.37 -14.95
C HIS A 12 -1.71 11.72 -14.74
N LEU A 13 -1.24 12.01 -13.53
CA LEU A 13 -0.47 13.23 -13.29
C LEU A 13 0.86 12.91 -12.57
N ARG A 14 1.86 13.78 -12.73
CA ARG A 14 3.11 13.67 -11.96
C ARG A 14 2.96 14.15 -10.50
N ASP A 15 1.74 14.39 -10.04
CA ASP A 15 1.52 14.88 -8.67
C ASP A 15 1.77 13.78 -7.61
N PRO A 16 2.73 13.99 -6.69
CA PRO A 16 3.03 13.03 -5.61
C PRO A 16 1.79 12.67 -4.78
N SER A 17 0.78 13.56 -4.80
CA SER A 17 -0.47 13.34 -4.06
C SER A 17 -1.11 11.98 -4.41
N GLU A 18 -0.91 11.53 -5.64
CA GLU A 18 -1.41 10.21 -6.07
C GLU A 18 -0.88 9.10 -5.13
N TYR A 19 0.40 9.20 -4.77
CA TYR A 19 1.05 8.19 -3.93
C TYR A 19 0.90 8.52 -2.44
N MET A 20 0.85 9.80 -2.12
CA MET A 20 0.64 10.26 -0.74
C MET A 20 -0.78 9.89 -0.28
N SER A 21 -1.69 9.78 -1.24
CA SER A 21 -3.07 9.32 -0.97
C SER A 21 -3.15 7.80 -0.97
N GLN A 22 -2.23 7.15 -1.71
CA GLN A 22 -2.10 5.68 -1.67
C GLN A 22 -1.82 5.18 -0.24
N VAL A 23 -0.71 5.65 0.34
CA VAL A 23 -0.32 5.22 1.69
C VAL A 23 -0.45 6.37 2.70
N TYR A 24 -1.32 6.15 3.70
CA TYR A 24 -1.54 7.13 4.77
C TYR A 24 -0.30 7.28 5.67
N GLY A 25 0.42 6.19 5.90
CA GLY A 25 1.47 6.17 6.93
C GLY A 25 2.87 6.49 6.42
N ASP A 26 3.85 5.70 6.86
CA ASP A 26 5.28 6.00 6.66
C ASP A 26 5.58 6.56 5.25
N PRO A 27 6.24 7.74 5.19
CA PRO A 27 6.62 8.40 3.92
C PRO A 27 7.42 7.51 2.96
N LEU A 28 8.32 6.70 3.51
CA LEU A 28 9.21 5.83 2.71
C LEU A 28 8.42 4.93 1.75
N ALA A 29 7.29 4.41 2.23
CA ALA A 29 6.47 3.47 1.45
C ALA A 29 6.06 4.06 0.08
N TYR A 30 5.23 5.10 0.09
CA TYR A 30 4.74 5.70 -1.17
C TYR A 30 5.83 6.55 -1.85
N LEU A 31 6.88 6.91 -1.11
CA LEU A 31 8.05 7.56 -1.71
C LEU A 31 8.77 6.62 -2.69
N GLN A 32 8.98 5.37 -2.27
CA GLN A 32 9.57 4.35 -3.14
C GLN A 32 8.62 4.00 -4.30
N GLU A 33 7.32 4.00 -4.03
CA GLU A 33 6.32 3.83 -5.09
C GLU A 33 6.33 5.02 -6.07
N THR A 34 6.56 6.23 -5.56
CA THR A 34 6.65 7.43 -6.40
C THR A 34 7.84 7.35 -7.36
N THR A 35 8.96 6.82 -6.87
CA THR A 35 10.21 6.77 -7.65
C THR A 35 10.31 5.49 -8.52
N LYS A 36 9.62 4.42 -8.11
CA LYS A 36 9.70 3.14 -8.82
C LYS A 36 8.33 2.64 -9.34
N PHE A 37 7.30 2.73 -8.49
CA PHE A 37 5.93 2.26 -8.82
C PHE A 37 5.82 0.71 -8.66
N VAL A 38 6.94 0.08 -8.32
CA VAL A 38 7.07 -1.38 -8.33
C VAL A 38 7.86 -1.89 -7.11
N THR A 39 7.89 -3.20 -6.91
CA THR A 39 8.59 -3.78 -5.75
C THR A 39 10.05 -3.30 -5.63
N GLU A 40 10.32 -2.48 -4.62
CA GLU A 40 11.68 -2.05 -4.27
C GLU A 40 12.12 -2.61 -2.92
N ARG A 41 13.41 -2.93 -2.76
CA ARG A 41 13.91 -3.51 -1.51
C ARG A 41 13.37 -2.74 -0.29
N GLU A 42 13.61 -1.43 -0.26
CA GLU A 42 13.23 -0.60 0.89
C GLU A 42 11.69 -0.55 1.04
N TYR A 43 10.99 -0.74 -0.07
CA TYR A 43 9.52 -0.71 -0.11
C TYR A 43 8.90 -1.88 0.69
N TYR A 44 9.61 -3.01 0.77
CA TYR A 44 9.12 -4.17 1.55
C TYR A 44 10.12 -4.67 2.61
N GLU A 45 11.29 -4.04 2.71
CA GLU A 45 12.32 -4.44 3.69
C GLU A 45 11.92 -4.10 5.14
N ASP A 46 11.70 -2.82 5.42
CA ASP A 46 11.30 -2.39 6.77
C ASP A 46 9.76 -2.50 6.97
N PHE A 47 9.08 -3.04 5.97
CA PHE A 47 7.61 -3.10 5.97
C PHE A 47 7.08 -4.54 6.06
N GLY A 48 5.80 -4.68 6.34
CA GLY A 48 5.17 -6.01 6.36
C GLY A 48 3.90 -6.07 7.19
N TYR A 49 3.86 -5.32 8.29
CA TYR A 49 2.68 -5.27 9.16
C TYR A 49 2.28 -3.82 9.52
N GLY A 50 0.98 -3.53 9.42
CA GLY A 50 0.48 -2.20 9.74
C GLY A 50 -0.62 -1.75 8.78
N GLU A 51 -1.11 -0.52 8.95
CA GLU A 51 -2.15 0.03 8.06
C GLU A 51 -1.88 -0.30 6.59
N CYS A 52 -0.74 0.15 6.09
CA CYS A 52 -0.21 -0.31 4.80
C CYS A 52 1.19 -0.90 5.00
N PHE A 53 1.28 -1.97 5.79
CA PHE A 53 2.56 -2.63 6.09
C PHE A 53 3.52 -1.72 6.90
N ASN A 54 3.01 -0.59 7.38
CA ASN A 54 3.86 0.48 7.91
C ASN A 54 3.89 0.51 9.45
N SER A 55 4.67 1.43 10.01
CA SER A 55 4.77 1.60 11.47
C SER A 55 4.17 2.94 11.92
N THR A 56 3.11 3.36 11.24
CA THR A 56 2.36 4.58 11.57
C THR A 56 1.04 4.28 12.31
N GLU A 57 0.76 5.05 13.36
CA GLU A 57 -0.47 4.90 14.15
C GLU A 57 -1.75 4.77 13.30
N SER A 58 -2.37 3.59 13.35
CA SER A 58 -3.61 3.32 12.61
C SER A 58 -4.67 4.39 12.90
N GLU A 59 -4.99 5.23 11.91
CA GLU A 59 -6.05 6.24 12.08
C GLU A 59 -7.08 6.24 10.93
N VAL A 60 -6.85 5.43 9.90
CA VAL A 60 -7.73 5.42 8.72
C VAL A 60 -8.24 4.01 8.37
N GLN A 61 -7.69 2.99 9.06
CA GLN A 61 -8.11 1.59 8.96
C GLN A 61 -7.82 0.95 7.58
N CYS A 62 -6.70 1.32 6.95
CA CYS A 62 -6.22 0.61 5.77
C CYS A 62 -5.94 -0.86 6.07
N GLU A 63 -5.62 -1.17 7.33
CA GLU A 63 -5.41 -2.56 7.76
C GLU A 63 -6.66 -3.43 7.47
N LEU A 64 -7.80 -2.78 7.29
CA LEU A 64 -9.04 -3.45 6.94
C LEU A 64 -9.59 -2.85 5.62
N ILE A 65 -10.21 -1.68 5.74
CA ILE A 65 -10.76 -0.95 4.59
C ILE A 65 -10.99 0.54 4.94
N THR A 66 -10.69 1.43 3.99
CA THR A 66 -10.83 2.88 4.21
C THR A 66 -12.13 3.43 3.60
N GLY A 67 -12.71 2.69 2.66
CA GLY A 67 -13.72 3.25 1.76
C GLY A 67 -13.17 3.69 0.40
N GLU A 68 -11.86 3.92 0.33
CA GLU A 68 -11.18 4.16 -0.95
C GLU A 68 -10.52 2.89 -1.53
N PHE A 69 -10.42 1.83 -0.73
CA PHE A 69 -9.85 0.55 -1.20
C PHE A 69 -10.92 -0.44 -1.69
N ASP A 70 -12.03 0.09 -2.20
CA ASP A 70 -13.16 -0.74 -2.65
C ASP A 70 -12.79 -1.56 -3.92
N PRO A 71 -12.75 -2.91 -3.80
CA PRO A 71 -12.47 -3.82 -4.94
C PRO A 71 -13.37 -3.61 -6.19
N LYS A 72 -14.59 -3.11 -6.02
CA LYS A 72 -15.48 -2.87 -7.17
C LYS A 72 -15.08 -1.59 -7.93
N LEU A 73 -14.46 -0.63 -7.21
CA LEU A 73 -14.04 0.64 -7.82
C LEU A 73 -12.54 0.66 -8.14
N LEU A 74 -11.82 -0.38 -7.71
CA LEU A 74 -10.38 -0.46 -7.95
C LEU A 74 -10.09 -1.18 -9.28
N PRO A 75 -9.54 -0.46 -10.29
CA PRO A 75 -9.05 -1.08 -11.54
C PRO A 75 -7.83 -1.99 -11.33
N TYR A 76 -7.69 -3.01 -12.18
CA TYR A 76 -6.65 -4.03 -11.97
C TYR A 76 -5.69 -4.13 -13.17
N ASP A 77 -4.62 -3.35 -13.14
CA ASP A 77 -3.47 -3.56 -14.02
C ASP A 77 -2.47 -4.50 -13.34
N LYS A 78 -1.46 -4.97 -14.07
CA LYS A 78 -0.46 -5.89 -13.49
C LYS A 78 0.29 -5.24 -12.30
N ARG A 79 0.99 -4.14 -12.58
CA ARG A 79 1.77 -3.44 -11.54
C ARG A 79 0.86 -2.76 -10.51
N LEU A 80 -0.23 -2.14 -11.00
CA LEU A 80 -1.19 -1.46 -10.12
C LEU A 80 -1.81 -2.43 -9.09
N ALA A 81 -2.47 -3.48 -9.59
CA ALA A 81 -3.15 -4.44 -8.73
C ALA A 81 -2.21 -5.08 -7.71
N TRP A 82 -1.09 -5.64 -8.19
CA TRP A 82 -0.17 -6.35 -7.29
C TRP A 82 0.33 -5.44 -6.16
N HIS A 83 0.99 -4.34 -6.50
CA HIS A 83 1.70 -3.52 -5.51
C HIS A 83 0.73 -2.71 -4.65
N PHE A 84 -0.17 -1.96 -5.28
CA PHE A 84 -1.10 -1.10 -4.55
C PHE A 84 -2.04 -1.91 -3.62
N LYS A 85 -2.66 -2.97 -4.15
CA LYS A 85 -3.65 -3.74 -3.37
C LYS A 85 -2.98 -4.55 -2.24
N GLU A 86 -1.93 -5.28 -2.56
CA GLU A 86 -1.26 -6.18 -1.61
C GLU A 86 -0.61 -5.40 -0.45
N PHE A 87 -0.03 -4.24 -0.75
CA PHE A 87 0.65 -3.42 0.25
C PHE A 87 -0.35 -2.71 1.18
N CYS A 88 -1.40 -2.11 0.59
CA CYS A 88 -2.32 -1.25 1.36
C CYS A 88 -3.57 -1.99 1.84
N TYR A 89 -4.27 -2.67 0.93
CA TYR A 89 -5.63 -3.19 1.21
C TYR A 89 -5.60 -4.61 1.80
N LYS A 90 -4.70 -5.45 1.30
CA LYS A 90 -4.66 -6.86 1.71
C LYS A 90 -4.69 -7.02 3.24
N THR A 91 -5.75 -7.61 3.76
CA THR A 91 -5.94 -7.71 5.21
C THR A 91 -5.33 -9.00 5.80
N SER A 92 -4.89 -9.90 4.92
CA SER A 92 -4.38 -11.21 5.34
C SER A 92 -2.98 -11.10 5.96
N ALA A 93 -2.59 -12.12 6.73
CA ALA A 93 -1.30 -12.14 7.42
C ALA A 93 -0.74 -13.57 7.47
N HIS A 94 -0.08 -13.97 6.38
CA HIS A 94 0.45 -15.34 6.23
C HIS A 94 1.98 -15.35 6.41
N GLY A 95 2.64 -16.45 6.00
CA GLY A 95 4.10 -16.55 6.07
C GLY A 95 4.84 -15.51 5.21
N ILE A 96 4.15 -14.96 4.22
CA ILE A 96 4.69 -13.84 3.42
C ILE A 96 3.90 -12.52 3.66
N PRO A 97 4.29 -11.71 4.67
CA PRO A 97 3.65 -10.44 4.96
C PRO A 97 4.11 -9.28 4.04
N MET A 98 5.15 -9.52 3.22
CA MET A 98 5.72 -8.50 2.36
C MET A 98 5.08 -8.47 0.96
N ILE A 99 5.54 -7.56 0.11
CA ILE A 99 5.04 -7.43 -1.27
C ILE A 99 5.37 -8.66 -2.13
N GLY A 100 6.42 -9.40 -1.77
CA GLY A 100 6.87 -10.51 -2.59
C GLY A 100 7.64 -11.60 -1.84
N GLU A 101 8.96 -11.49 -1.84
CA GLU A 101 9.83 -12.50 -1.22
C GLU A 101 10.07 -12.26 0.29
N ALA A 102 9.41 -13.07 1.11
CA ALA A 102 9.56 -12.98 2.57
C ALA A 102 9.67 -14.38 3.18
N PRO A 103 10.90 -14.94 3.24
CA PRO A 103 11.16 -16.25 3.90
C PRO A 103 10.96 -16.22 5.43
N LEU A 104 9.70 -16.20 5.88
CA LEU A 104 9.38 -16.05 7.32
C LEU A 104 10.03 -14.77 7.90
N GLU A 105 10.11 -13.72 7.08
CA GLU A 105 10.60 -12.41 7.53
C GLU A 105 9.44 -11.49 7.94
N HIS A 106 9.04 -11.57 9.20
CA HIS A 106 7.85 -10.86 9.68
C HIS A 106 8.23 -9.49 10.24
N HIS A 107 7.66 -8.44 9.67
CA HIS A 107 7.83 -7.08 10.21
C HIS A 107 7.31 -6.97 11.65
N HIS A 108 8.17 -6.50 12.56
CA HIS A 108 7.83 -6.39 13.99
C HIS A 108 6.50 -5.66 14.24
N HIS A 109 5.64 -6.28 15.06
CA HIS A 109 4.30 -5.78 15.34
C HIS A 109 3.80 -6.34 16.68
N HIS A 110 2.70 -5.80 17.20
CA HIS A 110 2.15 -6.26 18.47
C HIS A 110 0.65 -6.56 18.35
N HIS A 111 0.19 -7.52 19.14
CA HIS A 111 -1.22 -7.94 19.13
C HIS A 111 -1.92 -7.49 20.44
N MET A 1 -13.64 11.74 0.32
CA MET A 1 -12.45 10.83 0.26
C MET A 1 -12.22 10.29 -1.17
N SER A 2 -13.28 10.31 -1.99
CA SER A 2 -13.25 9.73 -3.34
C SER A 2 -12.06 10.24 -4.19
N TRP A 3 -11.61 11.46 -3.92
CA TRP A 3 -10.43 12.01 -4.61
C TRP A 3 -9.20 11.09 -4.49
N MET A 4 -9.14 10.29 -3.42
CA MET A 4 -7.99 9.40 -3.22
C MET A 4 -7.95 8.34 -4.34
N GLN A 5 -9.07 7.66 -4.56
CA GLN A 5 -9.23 6.75 -5.70
C GLN A 5 -8.96 7.47 -7.02
N ASN A 6 -9.52 8.67 -7.16
CA ASN A 6 -9.43 9.48 -8.40
C ASN A 6 -7.97 9.74 -8.81
N LEU A 7 -7.08 9.82 -7.84
CA LEU A 7 -5.65 10.00 -8.12
C LEU A 7 -5.00 8.66 -8.52
N LYS A 8 -5.19 7.64 -7.68
CA LYS A 8 -4.54 6.33 -7.85
C LYS A 8 -5.16 5.47 -8.98
N ASN A 9 -6.30 5.88 -9.54
CA ASN A 9 -6.96 5.11 -10.62
C ASN A 9 -6.10 5.06 -11.89
N TYR A 10 -5.23 6.05 -12.06
CA TYR A 10 -4.38 6.16 -13.25
C TYR A 10 -3.04 6.84 -12.94
N GLN A 11 -2.06 6.60 -13.80
CA GLN A 11 -0.77 7.28 -13.70
C GLN A 11 -0.60 8.30 -14.84
N HIS A 12 -1.03 9.54 -14.60
CA HIS A 12 -0.83 10.61 -15.60
C HIS A 12 0.24 11.62 -15.17
N LEU A 13 0.26 12.03 -13.91
CA LEU A 13 1.24 13.02 -13.45
C LEU A 13 2.20 12.41 -12.41
N ARG A 14 3.40 12.99 -12.29
CA ARG A 14 4.37 12.53 -11.28
C ARG A 14 4.08 13.05 -9.87
N ASP A 15 2.91 13.66 -9.65
CA ASP A 15 2.59 14.25 -8.35
C ASP A 15 2.60 13.21 -7.20
N PRO A 16 3.48 13.39 -6.19
CA PRO A 16 3.56 12.49 -5.02
C PRO A 16 2.20 12.35 -4.32
N SER A 17 1.34 13.35 -4.47
CA SER A 17 0.01 13.35 -3.84
C SER A 17 -0.80 12.10 -4.20
N GLU A 18 -0.60 11.57 -5.41
CA GLU A 18 -1.29 10.35 -5.85
C GLU A 18 -0.93 9.16 -4.93
N TYR A 19 0.29 9.19 -4.39
CA TYR A 19 0.81 8.08 -3.57
C TYR A 19 0.64 8.38 -2.07
N MET A 20 0.55 9.66 -1.72
CA MET A 20 0.19 10.06 -0.36
C MET A 20 -1.31 9.80 -0.11
N SER A 21 -2.07 9.75 -1.20
CA SER A 21 -3.48 9.35 -1.15
C SER A 21 -3.61 7.82 -1.21
N GLN A 22 -2.66 7.16 -1.89
CA GLN A 22 -2.53 5.70 -1.81
C GLN A 22 -2.40 5.21 -0.36
N VAL A 23 -1.45 5.79 0.37
CA VAL A 23 -1.25 5.44 1.78
C VAL A 23 -0.71 6.64 2.58
N TYR A 24 -1.29 6.86 3.76
CA TYR A 24 -0.90 7.97 4.63
C TYR A 24 0.10 7.52 5.72
N GLY A 25 0.92 6.51 5.41
CA GLY A 25 1.82 5.95 6.40
C GLY A 25 3.26 6.44 6.32
N ASP A 26 4.20 5.55 6.65
CA ASP A 26 5.64 5.87 6.65
C ASP A 26 6.13 6.47 5.32
N PRO A 27 7.04 7.47 5.39
CA PRO A 27 7.56 8.19 4.21
C PRO A 27 8.07 7.26 3.09
N LEU A 28 8.75 6.18 3.46
CA LEU A 28 9.39 5.26 2.51
C LEU A 28 8.35 4.57 1.60
N ALA A 29 7.13 4.38 2.13
CA ALA A 29 6.07 3.70 1.40
C ALA A 29 5.72 4.42 0.07
N TYR A 30 5.17 5.62 0.16
CA TYR A 30 4.80 6.39 -1.04
C TYR A 30 6.03 6.99 -1.74
N LEU A 31 7.14 7.13 -1.01
CA LEU A 31 8.40 7.59 -1.60
C LEU A 31 8.94 6.60 -2.64
N GLN A 32 8.98 5.32 -2.26
CA GLN A 32 9.51 4.29 -3.15
C GLN A 32 8.50 3.96 -4.27
N GLU A 33 7.21 4.07 -3.97
CA GLU A 33 6.17 3.92 -5.01
C GLU A 33 6.21 5.10 -6.01
N THR A 34 6.52 6.30 -5.52
CA THR A 34 6.65 7.48 -6.38
C THR A 34 7.83 7.33 -7.36
N THR A 35 8.96 6.88 -6.85
CA THR A 35 10.20 6.77 -7.66
C THR A 35 10.24 5.47 -8.50
N LYS A 36 9.55 4.42 -8.04
CA LYS A 36 9.54 3.13 -8.75
C LYS A 36 8.14 2.75 -9.29
N PHE A 37 7.13 2.76 -8.40
CA PHE A 37 5.76 2.31 -8.73
C PHE A 37 5.63 0.77 -8.58
N VAL A 38 6.75 0.11 -8.30
CA VAL A 38 6.83 -1.36 -8.27
C VAL A 38 7.62 -1.86 -7.05
N THR A 39 7.73 -3.17 -6.89
CA THR A 39 8.47 -3.74 -5.76
C THR A 39 9.90 -3.18 -5.63
N GLU A 40 10.23 -2.66 -4.44
CA GLU A 40 11.55 -2.11 -4.15
C GLU A 40 12.03 -2.51 -2.75
N ARG A 41 13.34 -2.74 -2.59
CA ARG A 41 13.88 -3.24 -1.31
C ARG A 41 13.32 -2.44 -0.13
N GLU A 42 13.53 -1.13 -0.14
CA GLU A 42 13.14 -0.27 0.98
C GLU A 42 11.60 -0.23 1.15
N TYR A 43 10.89 -0.49 0.05
CA TYR A 43 9.43 -0.52 0.04
C TYR A 43 8.86 -1.68 0.87
N TYR A 44 9.61 -2.80 0.95
CA TYR A 44 9.17 -3.94 1.78
C TYR A 44 10.21 -4.36 2.85
N GLU A 45 11.34 -3.66 2.91
CA GLU A 45 12.40 -3.98 3.89
C GLU A 45 11.99 -3.62 5.34
N ASP A 46 11.51 -2.40 5.54
CA ASP A 46 11.02 -1.98 6.86
C ASP A 46 9.49 -2.11 6.97
N PHE A 47 8.89 -2.82 6.04
CA PHE A 47 7.43 -2.96 5.98
C PHE A 47 6.96 -4.42 6.06
N GLY A 48 5.66 -4.62 6.30
CA GLY A 48 5.11 -5.96 6.32
C GLY A 48 3.84 -6.09 7.16
N TYR A 49 3.78 -5.34 8.27
CA TYR A 49 2.62 -5.40 9.17
C TYR A 49 2.08 -4.01 9.50
N GLY A 50 0.74 -3.89 9.55
CA GLY A 50 0.11 -2.63 9.92
C GLY A 50 -0.96 -2.21 8.91
N GLU A 51 -1.50 -1.00 9.06
CA GLU A 51 -2.56 -0.49 8.17
C GLU A 51 -2.28 -0.86 6.70
N CYS A 52 -1.16 -0.39 6.19
CA CYS A 52 -0.67 -0.79 4.86
C CYS A 52 0.80 -1.22 4.96
N PHE A 53 1.06 -2.26 5.76
CA PHE A 53 2.42 -2.75 6.02
C PHE A 53 3.27 -1.74 6.81
N ASN A 54 2.65 -0.67 7.30
CA ASN A 54 3.38 0.46 7.89
C ASN A 54 3.35 0.44 9.43
N SER A 55 4.11 1.37 10.04
CA SER A 55 4.18 1.48 11.50
C SER A 55 3.59 2.81 11.99
N THR A 56 2.53 3.24 11.32
CA THR A 56 1.84 4.50 11.64
C THR A 56 0.40 4.26 12.16
N GLU A 57 -0.17 5.28 12.80
CA GLU A 57 -1.50 5.18 13.43
C GLU A 57 -2.65 5.06 12.40
N SER A 58 -3.52 4.07 12.62
CA SER A 58 -4.73 3.90 11.80
C SER A 58 -5.63 5.15 11.85
N GLU A 59 -6.05 5.64 10.68
CA GLU A 59 -7.01 6.75 10.63
C GLU A 59 -8.35 6.38 9.95
N VAL A 60 -8.29 5.53 8.92
CA VAL A 60 -9.50 5.12 8.20
C VAL A 60 -9.57 3.58 8.00
N GLN A 61 -8.90 2.84 8.90
CA GLN A 61 -8.93 1.37 8.97
C GLN A 61 -8.52 0.67 7.66
N CYS A 62 -7.36 1.03 7.11
CA CYS A 62 -6.85 0.38 5.89
C CYS A 62 -6.56 -1.10 6.13
N GLU A 63 -6.34 -1.48 7.41
CA GLU A 63 -6.05 -2.89 7.75
C GLU A 63 -7.22 -3.82 7.37
N LEU A 64 -8.37 -3.22 7.06
CA LEU A 64 -9.55 -3.95 6.60
C LEU A 64 -10.01 -3.37 5.26
N ILE A 65 -10.64 -2.19 5.32
CA ILE A 65 -11.10 -1.45 4.14
C ILE A 65 -11.41 0.01 4.49
N THR A 66 -11.22 0.92 3.53
CA THR A 66 -11.34 2.38 3.79
C THR A 66 -12.61 2.96 3.14
N GLY A 67 -13.16 2.26 2.15
CA GLY A 67 -14.07 2.88 1.20
C GLY A 67 -13.40 3.39 -0.07
N GLU A 68 -12.10 3.67 0.01
CA GLU A 68 -11.28 3.92 -1.17
C GLU A 68 -10.58 2.66 -1.72
N PHE A 69 -10.47 1.62 -0.89
CA PHE A 69 -9.93 0.32 -1.33
C PHE A 69 -11.00 -0.56 -2.01
N ASP A 70 -12.17 0.01 -2.27
CA ASP A 70 -13.29 -0.71 -2.89
C ASP A 70 -12.96 -1.10 -4.36
N PRO A 71 -12.88 -2.42 -4.66
CA PRO A 71 -12.64 -2.92 -6.04
C PRO A 71 -13.63 -2.40 -7.11
N LYS A 72 -14.83 -1.98 -6.72
CA LYS A 72 -15.85 -1.52 -7.70
C LYS A 72 -15.36 -0.28 -8.45
N LEU A 73 -14.73 0.66 -7.74
CA LEU A 73 -14.39 1.98 -8.30
C LEU A 73 -12.92 2.06 -8.71
N LEU A 74 -12.08 1.17 -8.17
CA LEU A 74 -10.65 1.13 -8.52
C LEU A 74 -10.41 0.12 -9.66
N PRO A 75 -10.02 0.60 -10.87
CA PRO A 75 -9.56 -0.27 -11.96
C PRO A 75 -8.22 -0.97 -11.66
N TYR A 76 -8.05 -2.17 -12.18
CA TYR A 76 -6.89 -3.00 -11.82
C TYR A 76 -6.03 -3.39 -13.03
N ASP A 77 -4.89 -2.73 -13.18
CA ASP A 77 -3.87 -3.12 -14.15
C ASP A 77 -2.93 -4.14 -13.49
N LYS A 78 -2.04 -4.77 -14.27
CA LYS A 78 -1.13 -5.79 -13.73
C LYS A 78 -0.27 -5.24 -12.57
N ARG A 79 0.49 -4.18 -12.85
CA ARG A 79 1.42 -3.61 -11.86
C ARG A 79 0.67 -2.81 -10.79
N LEU A 80 -0.34 -2.04 -11.22
CA LEU A 80 -1.20 -1.30 -10.28
C LEU A 80 -1.85 -2.24 -9.26
N ALA A 81 -2.56 -3.26 -9.75
CA ALA A 81 -3.29 -4.19 -8.89
C ALA A 81 -2.37 -4.87 -7.87
N TRP A 82 -1.26 -5.47 -8.34
CA TRP A 82 -0.36 -6.21 -7.45
C TRP A 82 0.14 -5.33 -6.30
N HIS A 83 0.83 -4.24 -6.64
CA HIS A 83 1.58 -3.47 -5.64
C HIS A 83 0.66 -2.62 -4.76
N PHE A 84 -0.33 -1.98 -5.36
CA PHE A 84 -1.25 -1.10 -4.60
C PHE A 84 -2.21 -1.90 -3.69
N LYS A 85 -2.86 -2.93 -4.25
CA LYS A 85 -3.81 -3.74 -3.47
C LYS A 85 -3.11 -4.55 -2.36
N GLU A 86 -2.00 -5.19 -2.71
CA GLU A 86 -1.25 -6.06 -1.79
C GLU A 86 -0.66 -5.28 -0.61
N PHE A 87 -0.08 -4.12 -0.90
CA PHE A 87 0.55 -3.28 0.13
C PHE A 87 -0.49 -2.64 1.07
N CYS A 88 -1.56 -2.10 0.48
CA CYS A 88 -2.54 -1.29 1.24
C CYS A 88 -3.75 -2.11 1.73
N TYR A 89 -4.37 -2.88 0.84
CA TYR A 89 -5.68 -3.50 1.11
C TYR A 89 -5.53 -4.91 1.71
N LYS A 90 -4.60 -5.70 1.19
CA LYS A 90 -4.41 -7.07 1.65
C LYS A 90 -4.56 -7.19 3.18
N THR A 91 -5.59 -7.89 3.62
CA THR A 91 -5.88 -8.00 5.06
C THR A 91 -5.17 -9.21 5.71
N SER A 92 -4.68 -10.13 4.88
CA SER A 92 -3.99 -11.33 5.37
C SER A 92 -2.53 -11.05 5.68
N ALA A 93 -2.00 -11.75 6.70
CA ALA A 93 -0.62 -11.58 7.14
C ALA A 93 -0.03 -12.92 7.62
N HIS A 94 0.45 -13.72 6.68
CA HIS A 94 0.95 -15.07 6.95
C HIS A 94 2.49 -15.12 6.93
N GLY A 95 3.07 -16.32 6.75
CA GLY A 95 4.52 -16.47 6.65
C GLY A 95 5.16 -15.56 5.58
N ILE A 96 4.40 -15.21 4.55
CA ILE A 96 4.81 -14.16 3.59
C ILE A 96 3.88 -12.92 3.64
N PRO A 97 4.16 -11.96 4.54
CA PRO A 97 3.29 -10.79 4.74
C PRO A 97 3.64 -9.58 3.84
N MET A 98 4.73 -9.69 3.07
CA MET A 98 5.24 -8.58 2.26
C MET A 98 4.64 -8.57 0.84
N ILE A 99 5.08 -7.61 0.03
CA ILE A 99 4.60 -7.46 -1.36
C ILE A 99 4.88 -8.71 -2.22
N GLY A 100 5.96 -9.43 -1.90
CA GLY A 100 6.33 -10.58 -2.72
C GLY A 100 7.13 -11.66 -1.98
N GLU A 101 8.45 -11.58 -2.08
CA GLU A 101 9.36 -12.58 -1.51
C GLU A 101 9.77 -12.27 -0.06
N ALA A 102 9.12 -12.93 0.90
CA ALA A 102 9.46 -12.80 2.31
C ALA A 102 9.74 -14.18 2.93
N PRO A 103 11.03 -14.60 2.98
CA PRO A 103 11.44 -15.87 3.60
C PRO A 103 11.30 -15.89 5.14
N LEU A 104 10.05 -16.01 5.63
CA LEU A 104 9.75 -15.91 7.07
C LEU A 104 10.30 -14.58 7.65
N GLU A 105 10.24 -13.52 6.85
CA GLU A 105 10.64 -12.18 7.29
C GLU A 105 9.50 -11.47 8.04
N HIS A 106 9.44 -11.65 9.36
CA HIS A 106 8.34 -11.14 10.16
C HIS A 106 8.69 -9.77 10.74
N HIS A 107 8.44 -8.71 9.97
CA HIS A 107 8.64 -7.34 10.44
C HIS A 107 7.96 -7.10 11.80
N HIS A 108 8.68 -6.45 12.71
CA HIS A 108 8.20 -6.21 14.08
C HIS A 108 6.78 -5.61 14.13
N HIS A 109 5.94 -6.19 14.98
CA HIS A 109 4.54 -5.79 15.12
C HIS A 109 3.99 -6.24 16.48
N HIS A 110 2.84 -5.71 16.88
CA HIS A 110 2.23 -6.10 18.16
C HIS A 110 0.80 -6.58 17.95
N HIS A 111 0.25 -7.22 18.98
CA HIS A 111 -1.11 -7.76 18.92
C HIS A 111 -1.98 -7.13 20.03
N MET A 1 -12.60 12.61 1.40
CA MET A 1 -11.80 11.36 1.29
C MET A 1 -11.75 10.85 -0.17
N SER A 2 -12.77 11.18 -0.95
CA SER A 2 -12.89 10.70 -2.35
C SER A 2 -11.72 11.16 -3.24
N TRP A 3 -11.05 12.25 -2.86
CA TRP A 3 -9.85 12.72 -3.58
C TRP A 3 -8.78 11.62 -3.72
N MET A 4 -8.74 10.69 -2.77
CA MET A 4 -7.69 9.66 -2.76
C MET A 4 -7.79 8.81 -4.05
N GLN A 5 -8.98 8.30 -4.31
CA GLN A 5 -9.27 7.61 -5.58
C GLN A 5 -9.07 8.55 -6.78
N ASN A 6 -9.55 9.80 -6.64
CA ASN A 6 -9.54 10.79 -7.72
C ASN A 6 -8.12 11.09 -8.23
N LEU A 7 -7.11 10.70 -7.45
CA LEU A 7 -5.72 10.76 -7.91
C LEU A 7 -5.21 9.37 -8.33
N LYS A 8 -5.22 8.43 -7.38
CA LYS A 8 -4.54 7.13 -7.52
C LYS A 8 -5.23 6.18 -8.55
N ASN A 9 -6.44 6.54 -9.03
CA ASN A 9 -7.15 5.69 -10.00
C ASN A 9 -6.41 5.61 -11.35
N TYR A 10 -5.47 6.53 -11.55
CA TYR A 10 -4.78 6.66 -12.83
C TYR A 10 -3.32 7.13 -12.65
N GLN A 11 -2.47 6.79 -13.61
CA GLN A 11 -1.12 7.34 -13.67
C GLN A 11 -0.97 8.30 -14.86
N HIS A 12 -1.24 9.59 -14.63
CA HIS A 12 -1.07 10.60 -15.68
C HIS A 12 0.09 11.56 -15.41
N LEU A 13 0.35 11.90 -14.14
CA LEU A 13 1.41 12.86 -13.82
C LEU A 13 2.43 12.25 -12.83
N ARG A 14 3.63 12.82 -12.77
CA ARG A 14 4.64 12.40 -11.79
C ARG A 14 4.39 12.97 -10.38
N ASP A 15 3.23 13.61 -10.17
CA ASP A 15 2.90 14.15 -8.83
C ASP A 15 2.82 13.06 -7.76
N PRO A 16 3.67 13.13 -6.70
CA PRO A 16 3.67 12.15 -5.61
C PRO A 16 2.29 11.99 -4.95
N SER A 17 1.45 13.03 -5.08
CA SER A 17 0.13 13.05 -4.44
C SER A 17 -0.69 11.79 -4.76
N GLU A 18 -0.56 11.27 -5.97
CA GLU A 18 -1.26 10.05 -6.38
C GLU A 18 -0.85 8.87 -5.47
N TYR A 19 0.40 8.85 -5.04
CA TYR A 19 0.92 7.79 -4.17
C TYR A 19 0.73 8.14 -2.69
N MET A 20 0.76 9.43 -2.38
CA MET A 20 0.40 9.92 -1.04
C MET A 20 -1.01 9.43 -0.67
N SER A 21 -1.89 9.39 -1.68
CA SER A 21 -3.26 8.90 -1.50
C SER A 21 -3.29 7.36 -1.46
N GLN A 22 -2.35 6.73 -2.17
CA GLN A 22 -2.19 5.27 -2.13
C GLN A 22 -1.96 4.78 -0.69
N VAL A 23 -0.90 5.27 -0.05
CA VAL A 23 -0.57 4.89 1.32
C VAL A 23 -0.85 6.03 2.31
N TYR A 24 -1.84 5.82 3.18
CA TYR A 24 -2.22 6.81 4.20
C TYR A 24 -1.08 7.10 5.18
N GLY A 25 -0.31 6.07 5.53
CA GLY A 25 0.68 6.19 6.60
C GLY A 25 2.10 6.54 6.15
N ASP A 26 3.08 5.80 6.70
CA ASP A 26 4.50 6.13 6.55
C ASP A 26 4.86 6.64 5.15
N PRO A 27 5.48 7.84 5.07
CA PRO A 27 5.90 8.47 3.80
C PRO A 27 6.82 7.58 2.94
N LEU A 28 7.73 6.85 3.60
CA LEU A 28 8.74 6.03 2.90
C LEU A 28 8.08 5.04 1.91
N ALA A 29 6.97 4.45 2.34
CA ALA A 29 6.27 3.44 1.53
C ALA A 29 5.91 3.96 0.12
N TYR A 30 5.03 4.95 0.06
CA TYR A 30 4.57 5.49 -1.24
C TYR A 30 5.64 6.38 -1.90
N LEU A 31 6.62 6.83 -1.12
CA LEU A 31 7.79 7.54 -1.69
C LEU A 31 8.60 6.62 -2.62
N GLN A 32 8.87 5.40 -2.15
CA GLN A 32 9.56 4.41 -2.97
C GLN A 32 8.68 3.96 -4.15
N GLU A 33 7.36 3.88 -3.93
CA GLU A 33 6.42 3.60 -5.03
C GLU A 33 6.38 4.78 -6.03
N THR A 34 6.53 6.00 -5.53
CA THR A 34 6.56 7.20 -6.40
C THR A 34 7.75 7.16 -7.37
N THR A 35 8.90 6.71 -6.87
CA THR A 35 10.14 6.66 -7.68
C THR A 35 10.24 5.37 -8.51
N LYS A 36 9.64 4.28 -8.03
CA LYS A 36 9.73 2.98 -8.72
C LYS A 36 8.38 2.53 -9.33
N PHE A 37 7.31 2.56 -8.52
CA PHE A 37 5.98 2.02 -8.90
C PHE A 37 5.90 0.50 -8.67
N VAL A 38 7.03 -0.09 -8.27
CA VAL A 38 7.18 -1.55 -8.17
C VAL A 38 7.93 -1.95 -6.89
N THR A 39 7.99 -3.26 -6.61
CA THR A 39 8.68 -3.75 -5.40
C THR A 39 10.12 -3.20 -5.29
N GLU A 40 10.33 -2.30 -4.33
CA GLU A 40 11.67 -1.79 -3.99
C GLU A 40 12.14 -2.35 -2.63
N ARG A 41 13.46 -2.52 -2.46
CA ARG A 41 14.00 -3.06 -1.21
C ARG A 41 13.39 -2.34 0.00
N GLU A 42 13.55 -1.01 0.05
CA GLU A 42 13.08 -0.22 1.19
C GLU A 42 11.54 -0.27 1.30
N TYR A 43 10.88 -0.52 0.17
CA TYR A 43 9.41 -0.61 0.10
C TYR A 43 8.87 -1.78 0.95
N TYR A 44 9.65 -2.85 1.09
CA TYR A 44 9.23 -3.99 1.93
C TYR A 44 10.26 -4.36 3.02
N GLU A 45 11.41 -3.69 3.05
CA GLU A 45 12.47 -3.99 4.04
C GLU A 45 12.06 -3.61 5.48
N ASP A 46 11.59 -2.38 5.67
CA ASP A 46 11.13 -1.94 6.99
C ASP A 46 9.60 -2.03 7.13
N PHE A 47 8.96 -2.77 6.22
CA PHE A 47 7.50 -2.88 6.19
C PHE A 47 7.04 -4.35 6.28
N GLY A 48 5.74 -4.55 6.48
CA GLY A 48 5.18 -5.89 6.49
C GLY A 48 3.88 -6.01 7.29
N TYR A 49 3.78 -5.25 8.37
CA TYR A 49 2.59 -5.29 9.24
C TYR A 49 2.06 -3.89 9.54
N GLY A 50 0.75 -3.69 9.33
CA GLY A 50 0.11 -2.41 9.64
C GLY A 50 -0.94 -2.04 8.62
N GLU A 51 -1.52 -0.84 8.74
CA GLU A 51 -2.56 -0.35 7.81
C GLU A 51 -2.21 -0.68 6.36
N CYS A 52 -1.08 -0.17 5.89
CA CYS A 52 -0.49 -0.59 4.63
C CYS A 52 0.94 -1.09 4.86
N PHE A 53 1.07 -2.15 5.68
CA PHE A 53 2.38 -2.70 6.07
C PHE A 53 3.21 -1.70 6.90
N ASN A 54 2.60 -0.60 7.33
CA ASN A 54 3.34 0.53 7.89
C ASN A 54 3.33 0.53 9.43
N SER A 55 3.97 1.54 10.02
CA SER A 55 3.96 1.73 11.50
C SER A 55 3.20 3.02 11.87
N THR A 56 2.13 3.30 11.13
CA THR A 56 1.30 4.50 11.33
C THR A 56 -0.03 4.17 12.03
N GLU A 57 -0.41 5.01 12.99
CA GLU A 57 -1.69 4.86 13.72
C GLU A 57 -2.91 4.67 12.80
N SER A 58 -3.49 3.47 12.82
CA SER A 58 -4.69 3.16 12.05
C SER A 58 -5.80 4.20 12.31
N GLU A 59 -6.15 5.00 11.30
CA GLU A 59 -7.25 5.96 11.43
C GLU A 59 -8.31 5.85 10.32
N VAL A 60 -7.94 5.26 9.18
CA VAL A 60 -8.86 5.14 8.04
C VAL A 60 -9.22 3.66 7.72
N GLN A 61 -8.57 2.74 8.43
CA GLN A 61 -8.86 1.29 8.37
C GLN A 61 -8.44 0.64 7.02
N CYS A 62 -7.26 0.98 6.53
CA CYS A 62 -6.70 0.30 5.34
C CYS A 62 -6.47 -1.19 5.61
N GLU A 63 -6.22 -1.54 6.88
CA GLU A 63 -6.05 -2.95 7.27
C GLU A 63 -7.28 -3.81 6.85
N LEU A 64 -8.42 -3.15 6.70
CA LEU A 64 -9.64 -3.78 6.19
C LEU A 64 -10.01 -3.14 4.85
N ILE A 65 -10.73 -2.02 4.92
CA ILE A 65 -11.13 -1.24 3.73
C ILE A 65 -11.49 0.22 4.14
N THR A 66 -11.06 1.18 3.32
CA THR A 66 -11.23 2.61 3.64
C THR A 66 -12.50 3.19 3.00
N GLY A 67 -13.03 2.50 1.99
CA GLY A 67 -13.98 3.10 1.07
C GLY A 67 -13.34 3.65 -0.21
N GLU A 68 -12.04 3.90 -0.17
CA GLU A 68 -11.26 4.26 -1.37
C GLU A 68 -10.61 3.04 -2.07
N PHE A 69 -10.51 1.92 -1.36
CA PHE A 69 -9.91 0.69 -1.92
C PHE A 69 -10.95 -0.20 -2.62
N ASP A 70 -12.13 0.35 -2.89
CA ASP A 70 -13.23 -0.40 -3.52
C ASP A 70 -12.86 -0.83 -4.97
N PRO A 71 -12.74 -2.15 -5.24
CA PRO A 71 -12.43 -2.69 -6.59
C PRO A 71 -13.37 -2.21 -7.72
N LYS A 72 -14.61 -1.80 -7.40
CA LYS A 72 -15.55 -1.32 -8.43
C LYS A 72 -15.14 0.07 -8.94
N LEU A 73 -14.47 0.85 -8.10
CA LEU A 73 -14.11 2.23 -8.44
C LEU A 73 -12.63 2.38 -8.82
N LEU A 74 -11.78 1.49 -8.31
CA LEU A 74 -10.36 1.49 -8.65
C LEU A 74 -10.07 0.51 -9.80
N PRO A 75 -9.69 1.01 -10.99
CA PRO A 75 -9.22 0.17 -12.11
C PRO A 75 -7.84 -0.45 -11.85
N TYR A 76 -7.62 -1.67 -12.33
CA TYR A 76 -6.40 -2.42 -11.99
C TYR A 76 -5.54 -2.72 -13.23
N ASP A 77 -4.36 -2.13 -13.26
CA ASP A 77 -3.30 -2.54 -14.20
C ASP A 77 -2.52 -3.72 -13.58
N LYS A 78 -1.64 -4.35 -14.36
CA LYS A 78 -0.82 -5.46 -13.85
C LYS A 78 0.03 -5.04 -12.63
N ARG A 79 0.80 -3.95 -12.79
CA ARG A 79 1.69 -3.48 -11.74
C ARG A 79 0.91 -2.83 -10.58
N LEU A 80 -0.14 -2.09 -10.93
CA LEU A 80 -1.05 -1.51 -9.93
C LEU A 80 -1.69 -2.60 -9.06
N ALA A 81 -2.40 -3.54 -9.72
CA ALA A 81 -3.06 -4.64 -9.01
C ALA A 81 -2.14 -5.30 -7.98
N TRP A 82 -0.99 -5.79 -8.42
CA TRP A 82 -0.07 -6.50 -7.49
C TRP A 82 0.38 -5.59 -6.34
N HIS A 83 1.03 -4.48 -6.67
CA HIS A 83 1.74 -3.68 -5.66
C HIS A 83 0.77 -2.82 -4.83
N PHE A 84 -0.15 -2.13 -5.48
CA PHE A 84 -1.11 -1.28 -4.77
C PHE A 84 -2.04 -2.10 -3.84
N LYS A 85 -2.68 -3.13 -4.37
CA LYS A 85 -3.66 -3.93 -3.59
C LYS A 85 -2.96 -4.73 -2.48
N GLU A 86 -1.88 -5.42 -2.82
CA GLU A 86 -1.18 -6.30 -1.89
C GLU A 86 -0.57 -5.54 -0.70
N PHE A 87 -0.04 -4.36 -0.96
CA PHE A 87 0.61 -3.54 0.07
C PHE A 87 -0.42 -2.84 0.97
N CYS A 88 -1.46 -2.25 0.37
CA CYS A 88 -2.43 -1.45 1.12
C CYS A 88 -3.68 -2.25 1.55
N TYR A 89 -4.32 -2.92 0.59
CA TYR A 89 -5.66 -3.51 0.81
C TYR A 89 -5.58 -4.90 1.48
N LYS A 90 -4.55 -5.67 1.13
CA LYS A 90 -4.36 -7.00 1.71
C LYS A 90 -4.69 -7.02 3.22
N THR A 91 -5.74 -7.73 3.59
CA THR A 91 -6.22 -7.74 4.99
C THR A 91 -5.57 -8.87 5.81
N SER A 92 -5.03 -9.88 5.13
CA SER A 92 -4.44 -11.05 5.79
C SER A 92 -2.94 -10.83 6.05
N ALA A 93 -2.42 -11.54 7.06
CA ALA A 93 -1.01 -11.43 7.44
C ALA A 93 -0.47 -12.80 7.91
N HIS A 94 -0.02 -13.61 6.94
CA HIS A 94 0.43 -14.98 7.21
C HIS A 94 1.97 -15.08 7.15
N GLY A 95 2.51 -16.30 6.98
CA GLY A 95 3.96 -16.50 6.92
C GLY A 95 4.65 -15.65 5.86
N ILE A 96 3.92 -15.24 4.82
CA ILE A 96 4.40 -14.23 3.85
C ILE A 96 3.59 -12.92 3.93
N PRO A 97 3.99 -11.98 4.82
CA PRO A 97 3.25 -10.74 5.03
C PRO A 97 3.64 -9.59 4.07
N MET A 98 4.70 -9.80 3.28
CA MET A 98 5.26 -8.74 2.44
C MET A 98 4.66 -8.74 1.02
N ILE A 99 5.15 -7.84 0.17
CA ILE A 99 4.64 -7.68 -1.19
C ILE A 99 4.83 -8.95 -2.04
N GLY A 100 5.86 -9.75 -1.71
CA GLY A 100 6.16 -10.93 -2.52
C GLY A 100 6.90 -12.05 -1.78
N GLU A 101 8.23 -12.05 -1.88
CA GLU A 101 9.06 -13.09 -1.27
C GLU A 101 9.49 -12.79 0.17
N ALA A 102 8.79 -13.38 1.13
CA ALA A 102 9.14 -13.23 2.55
C ALA A 102 9.33 -14.61 3.20
N PRO A 103 10.58 -15.09 3.27
CA PRO A 103 10.91 -16.36 3.95
C PRO A 103 10.75 -16.32 5.48
N LEU A 104 9.51 -16.32 5.96
CA LEU A 104 9.20 -16.14 7.39
C LEU A 104 9.83 -14.84 7.93
N GLU A 105 9.86 -13.81 7.09
CA GLU A 105 10.32 -12.48 7.49
C GLU A 105 9.23 -11.69 8.24
N HIS A 106 9.20 -11.85 9.55
CA HIS A 106 8.12 -11.27 10.36
C HIS A 106 8.55 -9.90 10.92
N HIS A 107 8.34 -8.85 10.13
CA HIS A 107 8.60 -7.48 10.58
C HIS A 107 7.93 -7.19 11.94
N HIS A 108 8.69 -6.56 12.84
CA HIS A 108 8.22 -6.30 14.22
C HIS A 108 6.84 -5.63 14.27
N HIS A 109 5.96 -6.20 15.09
CA HIS A 109 4.58 -5.72 15.23
C HIS A 109 4.01 -6.17 16.59
N HIS A 110 2.89 -5.58 17.01
CA HIS A 110 2.27 -5.95 18.29
C HIS A 110 0.81 -6.36 18.09
N HIS A 111 0.25 -7.02 19.09
CA HIS A 111 -1.14 -7.48 19.05
C HIS A 111 -1.93 -6.90 20.25
N MET A 1 -13.87 12.65 -0.08
CA MET A 1 -12.75 11.69 0.15
C MET A 1 -12.43 10.87 -1.13
N SER A 2 -13.40 10.81 -2.05
CA SER A 2 -13.26 10.03 -3.29
C SER A 2 -12.09 10.51 -4.19
N TRP A 3 -11.64 11.74 -3.97
CA TRP A 3 -10.45 12.26 -4.68
C TRP A 3 -9.22 11.36 -4.51
N MET A 4 -9.16 10.62 -3.40
CA MET A 4 -8.01 9.73 -3.15
C MET A 4 -7.97 8.62 -4.22
N GLN A 5 -9.11 7.95 -4.40
CA GLN A 5 -9.28 6.99 -5.50
C GLN A 5 -8.97 7.65 -6.86
N ASN A 6 -9.49 8.87 -7.05
CA ASN A 6 -9.35 9.60 -8.31
C ASN A 6 -7.88 9.84 -8.70
N LEU A 7 -7.00 9.91 -7.70
CA LEU A 7 -5.57 10.10 -7.94
C LEU A 7 -4.82 8.76 -7.97
N LYS A 8 -4.95 8.00 -6.87
CA LYS A 8 -4.14 6.80 -6.63
C LYS A 8 -4.50 5.61 -7.57
N ASN A 9 -5.74 5.56 -8.07
CA ASN A 9 -6.22 4.37 -8.80
C ASN A 9 -5.77 4.38 -10.28
N TYR A 10 -5.08 5.46 -10.67
CA TYR A 10 -4.57 5.58 -12.04
C TYR A 10 -3.42 6.59 -12.13
N GLN A 11 -2.40 6.26 -12.91
CA GLN A 11 -1.27 7.16 -13.14
C GLN A 11 -1.59 8.14 -14.29
N HIS A 12 -2.10 9.33 -13.96
CA HIS A 12 -2.43 10.33 -14.98
C HIS A 12 -1.69 11.67 -14.76
N LEU A 13 -1.21 11.92 -13.55
CA LEU A 13 -0.38 13.10 -13.31
C LEU A 13 0.95 12.72 -12.61
N ARG A 14 1.99 13.53 -12.78
CA ARG A 14 3.23 13.38 -12.01
C ARG A 14 3.10 13.88 -10.55
N ASP A 15 1.88 14.18 -10.10
CA ASP A 15 1.68 14.68 -8.73
C ASP A 15 1.88 13.59 -7.67
N PRO A 16 2.85 13.77 -6.74
CA PRO A 16 3.11 12.81 -5.65
C PRO A 16 1.86 12.49 -4.84
N SER A 17 0.88 13.40 -4.85
CA SER A 17 -0.38 13.22 -4.13
C SER A 17 -1.07 11.89 -4.48
N GLU A 18 -0.88 11.42 -5.71
CA GLU A 18 -1.40 10.12 -6.13
C GLU A 18 -0.89 8.99 -5.20
N TYR A 19 0.38 9.08 -4.83
CA TYR A 19 1.01 8.06 -3.98
C TYR A 19 0.86 8.41 -2.48
N MET A 20 0.82 9.70 -2.18
CA MET A 20 0.59 10.16 -0.80
C MET A 20 -0.83 9.78 -0.35
N SER A 21 -1.73 9.64 -1.33
CA SER A 21 -3.10 9.18 -1.07
C SER A 21 -3.17 7.64 -1.08
N GLN A 22 -2.26 7.01 -1.83
CA GLN A 22 -2.11 5.54 -1.79
C GLN A 22 -1.85 5.04 -0.36
N VAL A 23 -0.80 5.57 0.27
CA VAL A 23 -0.41 5.13 1.62
C VAL A 23 -0.64 6.25 2.65
N TYR A 24 -1.47 5.94 3.64
CA TYR A 24 -1.78 6.89 4.72
C TYR A 24 -0.58 7.10 5.67
N GLY A 25 0.18 6.03 5.92
CA GLY A 25 1.21 6.06 6.96
C GLY A 25 2.61 6.41 6.48
N ASP A 26 3.60 5.66 6.97
CA ASP A 26 5.02 5.97 6.77
C ASP A 26 5.33 6.50 5.35
N PRO A 27 5.97 7.69 5.26
CA PRO A 27 6.32 8.34 3.98
C PRO A 27 7.14 7.46 3.03
N LEU A 28 8.05 6.66 3.59
CA LEU A 28 9.01 5.87 2.81
C LEU A 28 8.30 4.97 1.79
N ALA A 29 7.18 4.37 2.21
CA ALA A 29 6.44 3.43 1.36
C ALA A 29 6.05 4.04 0.00
N TYR A 30 5.21 5.09 0.02
CA TYR A 30 4.74 5.71 -1.21
C TYR A 30 5.81 6.59 -1.87
N LEU A 31 6.84 6.97 -1.11
CA LEU A 31 8.02 7.65 -1.68
C LEU A 31 8.75 6.74 -2.68
N GLN A 32 9.02 5.51 -2.26
CA GLN A 32 9.65 4.52 -3.15
C GLN A 32 8.70 4.15 -4.30
N GLU A 33 7.41 4.10 -4.03
CA GLU A 33 6.41 3.85 -5.08
C GLU A 33 6.36 5.03 -6.08
N THR A 34 6.55 6.25 -5.58
CA THR A 34 6.61 7.45 -6.45
C THR A 34 7.78 7.37 -7.44
N THR A 35 8.93 6.89 -6.95
CA THR A 35 10.15 6.84 -7.76
C THR A 35 10.29 5.53 -8.55
N LYS A 36 9.58 4.48 -8.13
CA LYS A 36 9.72 3.15 -8.74
C LYS A 36 8.38 2.61 -9.32
N PHE A 37 7.29 2.81 -8.58
CA PHE A 37 5.95 2.27 -8.94
C PHE A 37 5.92 0.73 -8.80
N VAL A 38 6.88 0.19 -8.05
CA VAL A 38 6.98 -1.27 -7.82
C VAL A 38 7.52 -1.57 -6.40
N THR A 39 7.60 -2.85 -6.04
CA THR A 39 8.07 -3.24 -4.71
C THR A 39 9.61 -3.20 -4.59
N GLU A 40 10.14 -2.10 -4.07
CA GLU A 40 11.58 -1.91 -3.87
C GLU A 40 12.04 -2.56 -2.56
N ARG A 41 13.33 -2.92 -2.47
CA ARG A 41 13.88 -3.52 -1.24
C ARG A 41 13.39 -2.77 0.00
N GLU A 42 13.55 -1.45 0.01
CA GLU A 42 13.18 -0.63 1.17
C GLU A 42 11.65 -0.62 1.37
N TYR A 43 10.92 -0.79 0.28
CA TYR A 43 9.45 -0.81 0.28
C TYR A 43 8.90 -1.99 1.11
N TYR A 44 9.65 -3.10 1.18
CA TYR A 44 9.23 -4.26 2.00
C TYR A 44 10.29 -4.71 3.01
N GLU A 45 11.45 -4.05 3.05
CA GLU A 45 12.51 -4.36 4.03
C GLU A 45 12.18 -3.82 5.45
N ASP A 46 11.86 -2.53 5.53
CA ASP A 46 11.41 -1.95 6.81
C ASP A 46 9.90 -2.13 7.03
N PHE A 47 9.22 -2.73 6.04
CA PHE A 47 7.77 -2.89 6.10
C PHE A 47 7.35 -4.38 6.20
N GLY A 48 6.05 -4.62 6.31
CA GLY A 48 5.54 -5.99 6.26
C GLY A 48 4.20 -6.16 6.99
N TYR A 49 4.01 -5.43 8.07
CA TYR A 49 2.78 -5.53 8.86
C TYR A 49 2.26 -4.15 9.31
N GLY A 50 0.96 -3.94 9.17
CA GLY A 50 0.34 -2.69 9.60
C GLY A 50 -0.70 -2.18 8.61
N GLU A 51 -1.21 -0.97 8.83
CA GLU A 51 -2.24 -0.38 7.95
C GLU A 51 -1.95 -0.64 6.47
N CYS A 52 -0.81 -0.15 6.01
CA CYS A 52 -0.25 -0.54 4.71
C CYS A 52 1.16 -1.10 4.90
N PHE A 53 1.28 -2.16 5.70
CA PHE A 53 2.58 -2.76 6.04
C PHE A 53 3.48 -1.81 6.85
N ASN A 54 2.93 -0.69 7.31
CA ASN A 54 3.73 0.39 7.91
C ASN A 54 3.73 0.32 9.45
N SER A 55 4.47 1.25 10.07
CA SER A 55 4.52 1.35 11.54
C SER A 55 3.81 2.63 12.03
N THR A 56 2.76 3.01 11.31
CA THR A 56 1.97 4.22 11.62
C THR A 56 0.65 3.89 12.34
N GLU A 57 0.32 4.70 13.36
CA GLU A 57 -0.93 4.55 14.13
C GLU A 57 -2.18 4.38 13.23
N SER A 58 -2.77 3.19 13.27
CA SER A 58 -4.00 2.90 12.52
C SER A 58 -5.11 3.90 12.87
N GLU A 59 -5.45 4.80 11.94
CA GLU A 59 -6.53 5.77 12.17
C GLU A 59 -7.65 5.71 11.10
N VAL A 60 -7.33 5.20 9.91
CA VAL A 60 -8.29 5.18 8.79
C VAL A 60 -8.68 3.74 8.38
N GLN A 61 -8.09 2.76 9.06
CA GLN A 61 -8.43 1.33 8.92
C GLN A 61 -8.08 0.74 7.53
N CYS A 62 -6.92 1.11 6.99
CA CYS A 62 -6.43 0.50 5.74
C CYS A 62 -6.21 -1.01 5.90
N GLU A 63 -5.87 -1.44 7.12
CA GLU A 63 -5.70 -2.88 7.41
C GLU A 63 -6.99 -3.67 7.11
N LEU A 64 -8.12 -2.96 7.06
CA LEU A 64 -9.41 -3.55 6.69
C LEU A 64 -9.88 -2.93 5.37
N ILE A 65 -10.54 -1.77 5.48
CA ILE A 65 -11.00 -1.00 4.32
C ILE A 65 -11.26 0.47 4.71
N THR A 66 -10.88 1.41 3.84
CA THR A 66 -10.99 2.86 4.14
C THR A 66 -12.27 3.46 3.53
N GLY A 67 -12.86 2.77 2.55
CA GLY A 67 -13.82 3.39 1.65
C GLY A 67 -13.23 3.84 0.32
N GLU A 68 -11.90 3.99 0.27
CA GLU A 68 -11.18 4.21 -0.99
C GLU A 68 -10.57 2.93 -1.59
N PHE A 69 -10.48 1.88 -0.77
CA PHE A 69 -9.92 0.59 -1.23
C PHE A 69 -11.01 -0.40 -1.70
N ASP A 70 -12.12 0.14 -2.21
CA ASP A 70 -13.26 -0.68 -2.64
C ASP A 70 -12.93 -1.51 -3.91
N PRO A 71 -12.90 -2.86 -3.80
CA PRO A 71 -12.65 -3.76 -4.95
C PRO A 71 -13.56 -3.53 -6.18
N LYS A 72 -14.77 -3.01 -5.99
CA LYS A 72 -15.69 -2.75 -7.12
C LYS A 72 -15.27 -1.45 -7.86
N LEU A 73 -14.67 -0.52 -7.15
CA LEU A 73 -14.26 0.77 -7.75
C LEU A 73 -12.76 0.78 -8.09
N LEU A 74 -12.03 -0.25 -7.68
CA LEU A 74 -10.58 -0.34 -7.96
C LEU A 74 -10.33 -1.03 -9.31
N PRO A 75 -9.79 -0.29 -10.31
CA PRO A 75 -9.31 -0.90 -11.57
C PRO A 75 -8.08 -1.80 -11.38
N TYR A 76 -7.94 -2.80 -12.25
CA TYR A 76 -6.90 -3.82 -12.07
C TYR A 76 -5.94 -3.91 -13.28
N ASP A 77 -4.89 -3.10 -13.25
CA ASP A 77 -3.76 -3.25 -14.18
C ASP A 77 -2.72 -4.19 -13.56
N LYS A 78 -1.72 -4.60 -14.33
CA LYS A 78 -0.71 -5.57 -13.83
C LYS A 78 0.03 -5.03 -12.59
N ARG A 79 0.77 -3.93 -12.76
CA ARG A 79 1.54 -3.35 -11.67
C ARG A 79 0.64 -2.64 -10.64
N LEU A 80 -0.41 -1.98 -11.14
CA LEU A 80 -1.36 -1.27 -10.28
C LEU A 80 -2.01 -2.23 -9.26
N ALA A 81 -2.71 -3.23 -9.76
CA ALA A 81 -3.39 -4.22 -8.91
C ALA A 81 -2.41 -4.94 -7.97
N TRP A 82 -1.33 -5.50 -8.52
CA TRP A 82 -0.40 -6.29 -7.71
C TRP A 82 0.15 -5.48 -6.53
N HIS A 83 0.84 -4.38 -6.82
CA HIS A 83 1.58 -3.65 -5.79
C HIS A 83 0.67 -2.83 -4.88
N PHE A 84 -0.24 -2.05 -5.47
CA PHE A 84 -1.11 -1.18 -4.67
C PHE A 84 -2.05 -1.99 -3.76
N LYS A 85 -2.72 -3.01 -4.30
CA LYS A 85 -3.69 -3.80 -3.52
C LYS A 85 -3.01 -4.63 -2.42
N GLU A 86 -1.96 -5.35 -2.78
CA GLU A 86 -1.28 -6.29 -1.88
C GLU A 86 -0.58 -5.57 -0.71
N PHE A 87 -0.14 -4.34 -0.95
CA PHE A 87 0.51 -3.53 0.07
C PHE A 87 -0.51 -2.86 1.01
N CYS A 88 -1.49 -2.17 0.43
CA CYS A 88 -2.38 -1.28 1.19
C CYS A 88 -3.65 -1.98 1.71
N TYR A 89 -4.24 -2.84 0.89
CA TYR A 89 -5.58 -3.41 1.17
C TYR A 89 -5.50 -4.87 1.67
N LYS A 90 -4.27 -5.37 1.88
CA LYS A 90 -4.09 -6.70 2.46
C LYS A 90 -4.71 -6.80 3.87
N THR A 91 -5.79 -7.58 3.98
CA THR A 91 -6.42 -7.83 5.28
C THR A 91 -5.78 -9.02 6.02
N SER A 92 -5.02 -9.84 5.29
CA SER A 92 -4.32 -10.99 5.88
C SER A 92 -2.93 -10.61 6.40
N ALA A 93 -2.46 -11.32 7.42
CA ALA A 93 -1.14 -11.08 8.01
C ALA A 93 -0.50 -12.41 8.45
N HIS A 94 -0.02 -13.17 7.48
CA HIS A 94 0.55 -14.51 7.73
C HIS A 94 2.09 -14.47 7.62
N GLY A 95 2.73 -15.66 7.52
CA GLY A 95 4.18 -15.74 7.36
C GLY A 95 4.71 -15.02 6.12
N ILE A 96 3.95 -15.05 5.02
CA ILE A 96 4.30 -14.31 3.80
C ILE A 96 3.16 -13.35 3.35
N PRO A 97 3.06 -12.16 3.98
CA PRO A 97 2.00 -11.18 3.65
C PRO A 97 2.43 -10.15 2.59
N MET A 98 3.71 -10.13 2.24
CA MET A 98 4.29 -9.04 1.44
C MET A 98 3.96 -9.16 -0.06
N ILE A 99 4.45 -8.21 -0.85
CA ILE A 99 4.22 -8.19 -2.30
C ILE A 99 4.68 -9.50 -2.98
N GLY A 100 5.69 -10.15 -2.42
CA GLY A 100 6.19 -11.40 -3.00
C GLY A 100 6.89 -12.34 -2.01
N GLU A 101 8.21 -12.24 -1.95
CA GLU A 101 9.02 -13.10 -1.08
C GLU A 101 9.28 -12.51 0.31
N ALA A 102 8.65 -13.11 1.33
CA ALA A 102 8.85 -12.69 2.72
C ALA A 102 9.29 -13.90 3.57
N PRO A 103 10.62 -14.10 3.73
CA PRO A 103 11.17 -15.22 4.51
C PRO A 103 11.04 -15.03 6.04
N LEU A 104 9.81 -15.06 6.56
CA LEU A 104 9.55 -14.83 7.99
C LEU A 104 10.15 -13.47 8.46
N GLU A 105 10.06 -12.47 7.59
CA GLU A 105 10.52 -11.12 7.92
C GLU A 105 9.49 -10.36 8.77
N HIS A 106 9.62 -10.49 10.09
CA HIS A 106 8.67 -9.87 11.02
C HIS A 106 9.24 -8.56 11.57
N HIS A 107 9.37 -7.55 10.71
CA HIS A 107 9.97 -6.28 11.09
C HIS A 107 9.12 -5.54 12.13
N HIS A 108 9.78 -4.90 13.10
CA HIS A 108 9.11 -4.06 14.10
C HIS A 108 8.14 -3.03 13.48
N HIS A 109 6.95 -2.93 14.07
CA HIS A 109 5.87 -2.11 13.55
C HIS A 109 4.88 -1.76 14.67
N HIS A 110 3.92 -0.89 14.38
CA HIS A 110 2.89 -0.53 15.38
C HIS A 110 1.49 -0.53 14.76
N HIS A 111 0.51 -0.94 15.54
CA HIS A 111 -0.89 -0.99 15.09
C HIS A 111 -1.70 0.16 15.73
#